data_4MT4
#
_entry.id   4MT4
#
_cell.length_a   91.827
_cell.length_b   146.324
_cell.length_c   418.866
_cell.angle_alpha   90.000
_cell.angle_beta   90.000
_cell.angle_gamma   90.000
#
_symmetry.space_group_name_H-M   'C 2 2 21'
#
loop_
_entity.id
_entity.type
_entity.pdbx_description
1 polymer CmeC
2 non-polymer (HYDROXYETHYLOXY)TRI(ETHYLOXY)OCTANE
3 non-polymer 'SULFATE ION'
4 non-polymer '(2S)-1-(pentanoyloxy)propan-2-yl hexanoate'
5 water water
#
_entity_poly.entity_id   1
_entity_poly.type   'polypeptide(L)'
_entity_poly.pdbx_seq_one_letter_code
;CSLSPNLNIPEANYSIDNKLGALSWEKETNSSITKNWWKDFDDENLNKVVDLALKNNNDLKLAFIHMEQAAAQLGIDFSS
LLPKFDGSASGSRAKTAINAPSNRTGEVSYGNDFKMGLNLSYEIDLWGKYRDTYRASKSGFKASEYDYEAARLSVISNTV
QTYFNLVNAYENENALKEAYESAKEIYRINDEKFQVGAVGEYELAQARANLESMALQYNEAKLNKENYLKALKILTSNDL
NDILYKNQSYQVFNLKEFDIPTGISSTILLQRPDIGSSLEKLTQQNYLVGVARTAFLPSLSLTGLLGFESGDLDTLVKGG
SKTWNIGGNFTLPIFHWGEIYQNVNLAKLNKDEAFVNYQNTLITAFGEIRYALVARKTIRLQYDNAQASEQSYKRIYEIA
KERYDIGEMSLQDYLEARQNWLNAAVAFNNIKYSYANSIVDVIKAFGGGFEQSEDTSKNIKEESKNLDMSFREHHHHHH
;
_entity_poly.pdbx_strand_id   A,B,C
#
loop_
_chem_comp.id
_chem_comp.type
_chem_comp.name
_chem_comp.formula
3PK non-polymer '(2S)-1-(pentanoyloxy)propan-2-yl hexanoate' 'C14 H26 O4'
C8E non-polymer (HYDROXYETHYLOXY)TRI(ETHYLOXY)OCTANE 'C16 H34 O5'
SO4 non-polymer 'SULFATE ION' 'O4 S -2'
#
# COMPACT_ATOMS: atom_id res chain seq x y z
N CYS A 1 11.33 -15.61 -37.01
CA CYS A 1 12.07 -16.04 -35.83
C CYS A 1 11.81 -15.13 -34.64
N SER A 2 12.67 -15.21 -33.62
CA SER A 2 12.49 -14.41 -32.42
C SER A 2 13.81 -13.83 -31.91
N LEU A 3 13.74 -12.63 -31.33
CA LEU A 3 14.92 -11.95 -30.82
C LEU A 3 14.99 -12.00 -29.29
N SER A 4 14.09 -12.77 -28.68
CA SER A 4 14.06 -12.90 -27.23
C SER A 4 15.33 -13.57 -26.73
N PRO A 5 15.99 -12.97 -25.74
CA PRO A 5 17.23 -13.53 -25.19
C PRO A 5 16.97 -14.81 -24.41
N ASN A 6 17.97 -15.67 -24.31
CA ASN A 6 17.84 -16.90 -23.55
C ASN A 6 17.64 -16.62 -22.06
N LEU A 7 16.57 -17.16 -21.49
CA LEU A 7 16.27 -16.93 -20.08
C LEU A 7 17.03 -17.92 -19.20
N ASN A 8 17.95 -17.39 -18.41
CA ASN A 8 18.81 -18.22 -17.56
C ASN A 8 18.51 -18.02 -16.07
N ILE A 9 17.54 -18.76 -15.56
CA ILE A 9 17.25 -18.73 -14.13
C ILE A 9 18.21 -19.65 -13.39
N PRO A 10 19.04 -19.07 -12.50
CA PRO A 10 20.00 -19.85 -11.71
C PRO A 10 19.29 -20.83 -10.78
N GLU A 11 19.89 -22.00 -10.60
CA GLU A 11 19.28 -23.04 -9.78
C GLU A 11 19.23 -22.64 -8.30
N ALA A 12 18.13 -22.98 -7.66
CA ALA A 12 17.99 -22.75 -6.22
C ALA A 12 18.70 -23.86 -5.45
N ASN A 13 19.88 -23.55 -4.93
CA ASN A 13 20.69 -24.54 -4.24
C ASN A 13 20.51 -24.48 -2.72
N TYR A 14 19.99 -25.56 -2.16
CA TYR A 14 19.77 -25.64 -0.72
C TYR A 14 19.75 -27.09 -0.25
N SER A 15 20.04 -27.28 1.03
CA SER A 15 20.05 -28.61 1.63
C SER A 15 18.73 -28.91 2.33
N ILE A 16 18.36 -30.19 2.36
CA ILE A 16 17.15 -30.61 3.07
C ILE A 16 17.48 -31.07 4.49
N ASP A 17 16.55 -30.86 5.41
CA ASP A 17 16.76 -31.21 6.81
C ASP A 17 15.41 -31.31 7.53
N ASN A 18 14.91 -32.52 7.65
CA ASN A 18 13.57 -32.74 8.21
C ASN A 18 13.51 -32.67 9.74
N LYS A 19 14.64 -32.34 10.36
CA LYS A 19 14.68 -32.16 11.81
C LYS A 19 14.41 -30.71 12.19
N LEU A 20 14.29 -29.85 11.17
CA LEU A 20 14.13 -28.41 11.38
C LEU A 20 12.82 -28.05 12.08
N GLY A 21 11.75 -28.78 11.75
CA GLY A 21 10.45 -28.50 12.32
C GLY A 21 9.92 -29.64 13.17
N ALA A 22 10.81 -30.55 13.55
CA ALA A 22 10.42 -31.72 14.32
C ALA A 22 11.10 -31.74 15.69
N LEU A 23 10.30 -31.89 16.73
CA LEU A 23 10.84 -32.10 18.07
C LEU A 23 11.47 -33.49 18.15
N SER A 24 12.30 -33.69 19.17
CA SER A 24 13.06 -34.94 19.31
C SER A 24 12.16 -36.17 19.33
N TRP A 25 11.00 -36.07 19.98
CA TRP A 25 10.07 -37.18 20.07
C TRP A 25 9.03 -37.15 18.95
N GLU A 26 9.21 -36.24 18.00
CA GLU A 26 8.29 -36.12 16.88
C GLU A 26 8.85 -36.79 15.62
N LYS A 27 7.94 -37.26 14.77
CA LYS A 27 8.32 -37.95 13.54
C LYS A 27 8.71 -36.95 12.44
N GLU A 28 9.87 -37.18 11.85
CA GLU A 28 10.33 -36.36 10.74
C GLU A 28 9.45 -36.57 9.51
N THR A 29 8.87 -35.49 9.00
CA THR A 29 7.88 -35.60 7.93
C THR A 29 8.18 -34.69 6.74
N ASN A 30 8.16 -35.27 5.55
CA ASN A 30 8.26 -34.51 4.32
C ASN A 30 7.11 -34.89 3.38
N SER A 31 6.03 -35.39 3.96
CA SER A 31 4.86 -35.80 3.19
C SER A 31 4.19 -34.60 2.53
N SER A 32 3.48 -34.85 1.44
CA SER A 32 2.84 -33.77 0.69
C SER A 32 1.59 -33.27 1.39
N ILE A 33 1.11 -32.09 0.98
CA ILE A 33 -0.07 -31.49 1.57
C ILE A 33 -1.31 -31.79 0.74
N THR A 34 -2.37 -32.23 1.41
CA THR A 34 -3.65 -32.46 0.74
C THR A 34 -4.30 -31.14 0.35
N LYS A 35 -5.02 -31.14 -0.77
CA LYS A 35 -5.63 -29.92 -1.30
C LYS A 35 -6.62 -29.29 -0.32
N ASN A 36 -7.50 -30.11 0.24
CA ASN A 36 -8.45 -29.65 1.24
C ASN A 36 -7.93 -29.88 2.66
N TRP A 37 -6.81 -29.25 2.97
CA TRP A 37 -6.08 -29.48 4.22
C TRP A 37 -6.85 -29.06 5.47
N TRP A 38 -7.78 -28.13 5.32
CA TRP A 38 -8.48 -27.58 6.48
C TRP A 38 -9.46 -28.56 7.12
N LYS A 39 -9.86 -29.59 6.37
CA LYS A 39 -10.79 -30.59 6.89
C LYS A 39 -10.12 -31.53 7.88
N ASP A 40 -8.80 -31.41 8.01
CA ASP A 40 -8.03 -32.24 8.92
C ASP A 40 -8.13 -31.72 10.36
N PHE A 41 -8.87 -30.64 10.54
CA PHE A 41 -9.13 -30.09 11.86
C PHE A 41 -10.36 -30.72 12.48
N ASP A 42 -11.06 -31.54 11.68
CA ASP A 42 -12.25 -32.26 12.13
C ASP A 42 -13.33 -31.31 12.66
N ASP A 43 -13.43 -30.14 12.04
CA ASP A 43 -14.41 -29.13 12.44
C ASP A 43 -15.33 -28.80 11.27
N GLU A 44 -16.61 -29.16 11.40
CA GLU A 44 -17.57 -28.92 10.33
C GLU A 44 -18.06 -27.48 10.32
N ASN A 45 -17.94 -26.80 11.45
CA ASN A 45 -18.24 -25.38 11.51
C ASN A 45 -17.22 -24.62 10.66
N LEU A 46 -15.97 -25.06 10.76
CA LEU A 46 -14.88 -24.48 9.99
C LEU A 46 -15.04 -24.77 8.50
N ASN A 47 -15.46 -26.00 8.18
CA ASN A 47 -15.64 -26.41 6.79
C ASN A 47 -16.69 -25.56 6.08
N LYS A 48 -17.82 -25.32 6.75
CA LYS A 48 -18.88 -24.50 6.19
C LYS A 48 -18.43 -23.05 6.05
N VAL A 49 -17.59 -22.59 6.98
CA VAL A 49 -17.10 -21.22 6.97
C VAL A 49 -16.09 -21.02 5.83
N VAL A 50 -15.37 -22.08 5.48
CA VAL A 50 -14.41 -22.01 4.38
C VAL A 50 -15.13 -22.00 3.04
N ASP A 51 -16.16 -22.83 2.93
CA ASP A 51 -16.97 -22.91 1.71
C ASP A 51 -17.67 -21.59 1.42
N LEU A 52 -18.00 -20.85 2.48
CA LEU A 52 -18.61 -19.53 2.33
C LEU A 52 -17.61 -18.54 1.76
N ALA A 53 -16.35 -18.70 2.15
CA ALA A 53 -15.28 -17.85 1.63
C ALA A 53 -15.02 -18.15 0.16
N LEU A 54 -14.92 -19.43 -0.18
CA LEU A 54 -14.66 -19.83 -1.56
C LEU A 54 -15.83 -19.46 -2.48
N LYS A 55 -16.95 -19.10 -1.88
CA LYS A 55 -18.14 -18.70 -2.64
C LYS A 55 -18.30 -17.18 -2.69
N ASN A 56 -18.08 -16.51 -1.56
CA ASN A 56 -18.47 -15.12 -1.42
C ASN A 56 -17.31 -14.11 -1.32
N ASN A 57 -16.09 -14.57 -1.05
CA ASN A 57 -14.97 -13.66 -0.86
C ASN A 57 -14.67 -12.82 -2.12
N ASN A 58 -14.75 -11.50 -1.95
CA ASN A 58 -14.62 -10.57 -3.06
C ASN A 58 -13.19 -10.45 -3.59
N ASP A 59 -12.22 -10.62 -2.71
CA ASP A 59 -10.81 -10.61 -3.13
C ASP A 59 -10.52 -11.79 -4.05
N LEU A 60 -11.16 -12.92 -3.75
CA LEU A 60 -11.01 -14.12 -4.57
C LEU A 60 -11.66 -13.92 -5.93
N LYS A 61 -12.77 -13.20 -5.96
CA LYS A 61 -13.47 -12.90 -7.21
C LYS A 61 -12.62 -11.97 -8.08
N LEU A 62 -12.00 -10.97 -7.44
CA LEU A 62 -11.13 -10.03 -8.13
C LEU A 62 -9.96 -10.73 -8.80
N ALA A 63 -9.43 -11.74 -8.10
CA ALA A 63 -8.32 -12.53 -8.64
C ALA A 63 -8.79 -13.36 -9.83
N PHE A 64 -10.05 -13.79 -9.80
CA PHE A 64 -10.63 -14.55 -10.89
C PHE A 64 -10.83 -13.63 -12.10
N ILE A 65 -11.24 -12.39 -11.83
CA ILE A 65 -11.48 -11.41 -12.88
C ILE A 65 -10.16 -10.97 -13.52
N HIS A 66 -9.14 -10.78 -12.69
CA HIS A 66 -7.81 -10.44 -13.17
C HIS A 66 -7.29 -11.52 -14.11
N MET A 67 -7.63 -12.76 -13.81
CA MET A 67 -7.25 -13.91 -14.63
C MET A 67 -7.95 -13.87 -15.99
N GLU A 68 -9.24 -13.52 -15.96
CA GLU A 68 -10.04 -13.41 -17.18
C GLU A 68 -9.58 -12.24 -18.04
N GLN A 69 -9.19 -11.15 -17.37
CA GLN A 69 -8.67 -9.97 -18.06
C GLN A 69 -7.37 -10.30 -18.81
N ALA A 70 -6.54 -11.12 -18.19
CA ALA A 70 -5.27 -11.53 -18.79
C ALA A 70 -5.50 -12.41 -20.00
N ALA A 71 -6.57 -13.20 -19.94
CA ALA A 71 -6.93 -14.08 -21.05
C ALA A 71 -7.48 -13.28 -22.22
N ALA A 72 -8.23 -12.22 -21.91
CA ALA A 72 -8.78 -11.33 -22.93
C ALA A 72 -7.67 -10.59 -23.65
N GLN A 73 -6.66 -10.18 -22.89
CA GLN A 73 -5.51 -9.48 -23.46
C GLN A 73 -4.71 -10.44 -24.34
N LEU A 74 -4.67 -11.70 -23.94
CA LEU A 74 -4.00 -12.74 -24.71
C LEU A 74 -4.67 -12.92 -26.07
N GLY A 75 -5.99 -12.82 -26.09
CA GLY A 75 -6.75 -12.96 -27.32
C GLY A 75 -6.53 -11.80 -28.27
N ILE A 76 -6.42 -10.60 -27.71
CA ILE A 76 -6.15 -9.40 -28.50
C ILE A 76 -4.81 -9.49 -29.21
N ASP A 77 -3.79 -9.90 -28.47
CA ASP A 77 -2.43 -9.98 -29.01
C ASP A 77 -2.25 -11.12 -30.01
N PHE A 78 -3.11 -12.13 -29.93
CA PHE A 78 -3.05 -13.22 -30.89
C PHE A 78 -3.55 -12.76 -32.25
N SER A 79 -4.52 -11.85 -32.25
CA SER A 79 -5.10 -11.35 -33.48
C SER A 79 -4.10 -10.59 -34.33
N SER A 80 -3.07 -10.05 -33.68
CA SER A 80 -2.04 -9.27 -34.37
C SER A 80 -1.14 -10.15 -35.25
N LEU A 81 -1.32 -11.47 -35.13
CA LEU A 81 -0.56 -12.41 -35.94
C LEU A 81 -1.25 -12.68 -37.27
N LEU A 82 -2.46 -12.15 -37.43
CA LEU A 82 -3.27 -12.40 -38.62
C LEU A 82 -3.56 -11.12 -39.40
N PRO A 83 -3.70 -11.24 -40.73
CA PRO A 83 -4.04 -10.09 -41.59
C PRO A 83 -5.43 -9.55 -41.31
N LYS A 84 -5.54 -8.23 -41.22
CA LYS A 84 -6.80 -7.56 -40.89
C LYS A 84 -7.56 -7.15 -42.14
N PHE A 85 -8.88 -7.24 -42.09
CA PHE A 85 -9.73 -6.86 -43.22
C PHE A 85 -10.77 -5.83 -42.80
N ASP A 86 -10.85 -4.74 -43.54
CA ASP A 86 -11.79 -3.67 -43.24
C ASP A 86 -12.54 -3.21 -44.49
N GLY A 87 -13.79 -2.80 -44.31
CA GLY A 87 -14.57 -2.25 -45.39
C GLY A 87 -14.60 -0.74 -45.30
N SER A 88 -14.63 -0.07 -46.45
CA SER A 88 -14.64 1.39 -46.46
C SER A 88 -15.45 1.96 -47.61
N ALA A 89 -16.01 3.14 -47.40
CA ALA A 89 -16.76 3.84 -48.43
C ALA A 89 -16.64 5.34 -48.20
N SER A 90 -16.40 6.09 -49.26
CA SER A 90 -16.18 7.53 -49.13
C SER A 90 -16.69 8.32 -50.34
N GLY A 91 -17.08 9.56 -50.08
CA GLY A 91 -17.47 10.49 -51.12
C GLY A 91 -16.92 11.86 -50.81
N SER A 92 -16.47 12.57 -51.84
CA SER A 92 -15.87 13.89 -51.64
C SER A 92 -16.09 14.79 -52.86
N ARG A 93 -16.18 16.09 -52.61
CA ARG A 93 -16.30 17.09 -53.66
C ARG A 93 -15.32 18.22 -53.44
N ALA A 94 -14.57 18.58 -54.47
CA ALA A 94 -13.50 19.57 -54.32
C ALA A 94 -13.48 20.59 -55.44
N LYS A 95 -13.23 21.84 -55.08
CA LYS A 95 -12.92 22.87 -56.06
C LYS A 95 -11.42 23.00 -56.18
N THR A 96 -10.85 22.39 -57.21
CA THR A 96 -9.42 22.44 -57.43
C THR A 96 -9.02 23.77 -58.05
N ALA A 97 -8.06 24.45 -57.43
CA ALA A 97 -7.63 25.76 -57.86
C ALA A 97 -6.99 25.74 -59.25
N ILE A 98 -6.99 26.89 -59.91
CA ILE A 98 -6.32 27.05 -61.20
C ILE A 98 -4.82 26.90 -61.04
N ASN A 99 -4.31 27.44 -59.93
CA ASN A 99 -2.87 27.44 -59.66
C ASN A 99 -2.38 26.13 -59.05
N ALA A 100 -3.30 25.20 -58.80
CA ALA A 100 -2.93 23.90 -58.28
C ALA A 100 -2.11 23.14 -59.33
N PRO A 101 -0.96 22.61 -58.92
CA PRO A 101 -0.02 21.91 -59.82
C PRO A 101 -0.65 20.71 -60.54
N SER A 102 -1.71 20.15 -59.97
CA SER A 102 -2.37 19.00 -60.59
C SER A 102 -3.40 19.44 -61.63
N ASN A 103 -3.61 20.75 -61.73
CA ASN A 103 -4.57 21.30 -62.66
C ASN A 103 -3.89 21.89 -63.90
N ARG A 104 -4.13 21.26 -65.05
CA ARG A 104 -3.52 21.73 -66.29
C ARG A 104 -4.55 22.34 -67.25
N THR A 105 -5.74 22.61 -66.74
CA THR A 105 -6.82 23.11 -67.58
C THR A 105 -6.82 24.64 -67.71
N GLY A 106 -6.14 25.30 -66.78
CA GLY A 106 -6.09 26.75 -66.78
C GLY A 106 -7.40 27.35 -66.27
N GLU A 107 -8.29 26.47 -65.81
CA GLU A 107 -9.59 26.89 -65.31
C GLU A 107 -9.89 26.27 -63.96
N VAL A 108 -10.90 26.79 -63.27
CA VAL A 108 -11.35 26.22 -62.01
C VAL A 108 -11.99 24.85 -62.26
N SER A 109 -11.63 23.86 -61.46
CA SER A 109 -12.12 22.50 -61.66
C SER A 109 -12.93 21.97 -60.48
N TYR A 110 -14.21 21.69 -60.73
CA TYR A 110 -15.07 21.05 -59.74
C TYR A 110 -15.21 19.57 -60.07
N GLY A 111 -15.02 18.72 -59.07
CA GLY A 111 -15.09 17.29 -59.29
C GLY A 111 -15.45 16.47 -58.06
N ASN A 112 -15.88 15.23 -58.29
CA ASN A 112 -16.23 14.32 -57.21
C ASN A 112 -15.37 13.06 -57.22
N ASP A 113 -15.32 12.37 -56.09
CA ASP A 113 -14.61 11.10 -56.01
C ASP A 113 -15.31 10.16 -55.04
N PHE A 114 -15.82 9.05 -55.57
CA PHE A 114 -16.53 8.07 -54.78
C PHE A 114 -15.77 6.75 -54.72
N LYS A 115 -15.53 6.25 -53.51
CA LYS A 115 -14.80 5.01 -53.34
C LYS A 115 -15.57 4.02 -52.46
N MET A 116 -15.25 2.74 -52.62
CA MET A 116 -15.93 1.66 -51.91
C MET A 116 -15.21 0.34 -52.15
N GLY A 117 -14.83 -0.35 -51.07
CA GLY A 117 -14.16 -1.63 -51.22
C GLY A 117 -13.61 -2.26 -49.94
N LEU A 118 -12.93 -3.39 -50.10
CA LEU A 118 -12.34 -4.11 -48.97
C LEU A 118 -10.86 -3.77 -48.85
N ASN A 119 -10.38 -3.64 -47.62
CA ASN A 119 -8.99 -3.29 -47.37
C ASN A 119 -8.22 -4.38 -46.63
N LEU A 120 -6.98 -4.62 -47.06
CA LEU A 120 -6.10 -5.59 -46.40
C LEU A 120 -4.89 -4.89 -45.80
N SER A 121 -4.58 -5.22 -44.56
CA SER A 121 -3.39 -4.69 -43.89
C SER A 121 -2.73 -5.79 -43.07
N TYR A 122 -1.42 -5.93 -43.20
CA TYR A 122 -0.70 -7.02 -42.55
C TYR A 122 0.79 -6.73 -42.37
N GLU A 123 1.22 -6.74 -41.11
CA GLU A 123 2.63 -6.57 -40.79
C GLU A 123 3.31 -7.93 -40.73
N ILE A 124 4.22 -8.17 -41.67
CA ILE A 124 4.93 -9.46 -41.72
C ILE A 124 5.82 -9.63 -40.50
N ASP A 125 5.51 -10.64 -39.68
CA ASP A 125 6.23 -10.86 -38.44
C ASP A 125 7.55 -11.58 -38.68
N LEU A 126 8.49 -10.88 -39.32
CA LEU A 126 9.79 -11.45 -39.65
C LEU A 126 10.65 -11.71 -38.41
N TRP A 127 10.65 -10.75 -37.49
CA TRP A 127 11.58 -10.79 -36.37
C TRP A 127 10.89 -11.12 -35.05
N GLY A 128 9.64 -11.58 -35.15
CA GLY A 128 8.91 -12.01 -33.97
C GLY A 128 8.45 -10.90 -33.05
N LYS A 129 8.19 -9.74 -33.61
CA LYS A 129 7.69 -8.60 -32.84
C LYS A 129 6.32 -8.93 -32.24
N TYR A 130 5.49 -9.60 -33.04
CA TYR A 130 4.11 -9.88 -32.64
C TYR A 130 3.95 -11.25 -31.98
N ARG A 131 4.83 -12.19 -32.33
CA ARG A 131 4.81 -13.49 -31.68
C ARG A 131 5.21 -13.36 -30.22
N ASP A 132 6.29 -12.62 -29.97
CA ASP A 132 6.80 -12.44 -28.62
C ASP A 132 5.91 -11.51 -27.80
N THR A 133 5.20 -10.61 -28.48
CA THR A 133 4.20 -9.79 -27.83
C THR A 133 3.07 -10.70 -27.35
N TYR A 134 2.70 -11.65 -28.20
CA TYR A 134 1.69 -12.65 -27.88
C TYR A 134 2.15 -13.58 -26.77
N ARG A 135 3.39 -14.04 -26.86
CA ARG A 135 3.94 -14.98 -25.87
C ARG A 135 4.17 -14.29 -24.53
N ALA A 136 4.35 -12.97 -24.57
CA ALA A 136 4.48 -12.20 -23.34
C ALA A 136 3.15 -12.20 -22.59
N SER A 137 2.07 -12.05 -23.33
CA SER A 137 0.73 -12.08 -22.76
C SER A 137 0.37 -13.48 -22.28
N LYS A 138 0.92 -14.49 -22.94
CA LYS A 138 0.70 -15.88 -22.55
C LYS A 138 1.36 -16.15 -21.20
N SER A 139 2.55 -15.60 -21.01
CA SER A 139 3.24 -15.69 -19.74
C SER A 139 2.51 -14.90 -18.68
N GLY A 140 1.93 -13.77 -19.08
CA GLY A 140 1.18 -12.92 -18.18
C GLY A 140 -0.10 -13.59 -17.71
N PHE A 141 -0.74 -14.33 -18.60
CA PHE A 141 -1.96 -15.06 -18.26
C PHE A 141 -1.67 -16.18 -17.27
N LYS A 142 -0.56 -16.88 -17.49
CA LYS A 142 -0.15 -17.97 -16.61
C LYS A 142 0.22 -17.43 -15.23
N ALA A 143 0.77 -16.21 -15.21
CA ALA A 143 1.10 -15.54 -13.97
C ALA A 143 -0.17 -15.18 -13.21
N SER A 144 -1.20 -14.80 -13.94
CA SER A 144 -2.48 -14.44 -13.34
C SER A 144 -3.17 -15.67 -12.75
N GLU A 145 -2.94 -16.82 -13.38
CA GLU A 145 -3.46 -18.08 -12.88
C GLU A 145 -2.81 -18.44 -11.55
N TYR A 146 -1.50 -18.30 -11.48
CA TYR A 146 -0.75 -18.56 -10.26
C TYR A 146 -1.10 -17.54 -9.18
N ASP A 147 -1.33 -16.29 -9.60
CA ASP A 147 -1.76 -15.24 -8.68
C ASP A 147 -3.13 -15.58 -8.10
N TYR A 148 -3.98 -16.24 -8.89
CA TYR A 148 -5.29 -16.64 -8.43
C TYR A 148 -5.17 -17.75 -7.39
N GLU A 149 -4.28 -18.70 -7.65
CA GLU A 149 -4.02 -19.79 -6.71
C GLU A 149 -3.44 -19.25 -5.41
N ALA A 150 -2.60 -18.23 -5.53
CA ALA A 150 -2.02 -17.58 -4.36
C ALA A 150 -3.11 -16.87 -3.56
N ALA A 151 -4.06 -16.27 -4.27
CA ALA A 151 -5.17 -15.57 -3.66
C ALA A 151 -6.10 -16.54 -2.94
N ARG A 152 -6.31 -17.70 -3.54
CA ARG A 152 -7.15 -18.73 -2.96
C ARG A 152 -6.54 -19.25 -1.67
N LEU A 153 -5.24 -19.53 -1.70
CA LEU A 153 -4.52 -20.00 -0.53
C LEU A 153 -4.55 -18.95 0.58
N SER A 154 -4.41 -17.68 0.18
CA SER A 154 -4.42 -16.58 1.14
C SER A 154 -5.79 -16.40 1.78
N VAL A 155 -6.84 -16.44 0.97
CA VAL A 155 -8.21 -16.26 1.45
C VAL A 155 -8.61 -17.39 2.39
N ILE A 156 -8.30 -18.63 2.01
CA ILE A 156 -8.61 -19.79 2.84
C ILE A 156 -7.86 -19.73 4.16
N SER A 157 -6.56 -19.43 4.09
CA SER A 157 -5.73 -19.36 5.28
C SER A 157 -6.19 -18.26 6.24
N ASN A 158 -6.50 -17.11 5.68
CA ASN A 158 -7.00 -15.99 6.49
C ASN A 158 -8.34 -16.32 7.14
N THR A 159 -9.16 -17.07 6.43
CA THR A 159 -10.47 -17.48 6.93
C THR A 159 -10.33 -18.48 8.09
N VAL A 160 -9.43 -19.44 7.94
CA VAL A 160 -9.20 -20.44 8.97
C VAL A 160 -8.60 -19.80 10.23
N GLN A 161 -7.62 -18.93 10.04
CA GLN A 161 -6.94 -18.29 11.15
C GLN A 161 -7.83 -17.28 11.87
N THR A 162 -8.70 -16.60 11.13
CA THR A 162 -9.65 -15.68 11.74
C THR A 162 -10.69 -16.45 12.54
N TYR A 163 -11.06 -17.62 12.05
CA TYR A 163 -12.00 -18.51 12.73
C TYR A 163 -11.46 -18.94 14.08
N PHE A 164 -10.21 -19.38 14.09
CA PHE A 164 -9.57 -19.85 15.32
C PHE A 164 -9.31 -18.71 16.30
N ASN A 165 -9.08 -17.52 15.78
CA ASN A 165 -8.96 -16.33 16.63
C ASN A 165 -10.31 -16.01 17.26
N LEU A 166 -11.38 -16.24 16.52
CA LEU A 166 -12.73 -16.02 17.01
C LEU A 166 -13.10 -17.01 18.11
N VAL A 167 -12.72 -18.27 17.91
CA VAL A 167 -12.96 -19.31 18.91
C VAL A 167 -12.13 -19.01 20.17
N ASN A 168 -10.91 -18.53 19.95
CA ASN A 168 -10.04 -18.09 21.03
C ASN A 168 -10.71 -16.99 21.84
N ALA A 169 -11.42 -16.10 21.14
CA ALA A 169 -12.10 -14.98 21.77
C ALA A 169 -13.34 -15.43 22.52
N TYR A 170 -14.02 -16.45 21.99
CA TYR A 170 -15.20 -17.01 22.64
C TYR A 170 -14.83 -17.70 23.94
N GLU A 171 -13.70 -18.40 23.94
CA GLU A 171 -13.23 -19.13 25.12
C GLU A 171 -12.80 -18.18 26.23
N ASN A 172 -12.08 -17.13 25.87
CA ASN A 172 -11.63 -16.14 26.84
C ASN A 172 -12.80 -15.34 27.41
N GLU A 173 -13.78 -15.04 26.57
CA GLU A 173 -14.97 -14.32 27.02
C GLU A 173 -15.77 -15.18 27.99
N ASN A 174 -15.78 -16.49 27.75
CA ASN A 174 -16.51 -17.42 28.60
C ASN A 174 -15.77 -17.68 29.91
N ALA A 175 -14.43 -17.71 29.84
CA ALA A 175 -13.62 -17.89 31.04
C ALA A 175 -13.68 -16.65 31.91
N LEU A 176 -13.91 -15.51 31.28
CA LEU A 176 -14.04 -14.24 31.99
C LEU A 176 -15.48 -13.99 32.43
N LYS A 177 -16.41 -14.72 31.82
CA LYS A 177 -17.82 -14.64 32.23
C LYS A 177 -18.00 -15.20 33.62
N GLU A 178 -17.51 -16.43 33.82
CA GLU A 178 -17.60 -17.08 35.13
C GLU A 178 -16.75 -16.36 36.16
N ALA A 179 -15.58 -15.87 35.76
CA ALA A 179 -14.69 -15.16 36.66
C ALA A 179 -15.37 -13.91 37.21
N TYR A 180 -16.30 -13.38 36.42
CA TYR A 180 -17.11 -12.24 36.84
C TYR A 180 -18.32 -12.69 37.64
N GLU A 181 -18.85 -13.87 37.32
CA GLU A 181 -19.97 -14.44 38.05
C GLU A 181 -19.61 -14.62 39.53
N SER A 182 -18.46 -15.23 39.78
CA SER A 182 -18.01 -15.49 41.13
C SER A 182 -17.58 -14.21 41.83
N ALA A 183 -17.06 -13.26 41.06
CA ALA A 183 -16.67 -11.96 41.60
C ALA A 183 -17.89 -11.23 42.17
N LYS A 184 -19.04 -11.43 41.53
CA LYS A 184 -20.29 -10.85 42.02
C LYS A 184 -20.70 -11.52 43.33
N GLU A 185 -20.56 -12.83 43.38
CA GLU A 185 -20.91 -13.60 44.57
C GLU A 185 -19.99 -13.26 45.73
N ILE A 186 -18.68 -13.26 45.47
CA ILE A 186 -17.69 -12.95 46.48
C ILE A 186 -17.93 -11.57 47.09
N TYR A 187 -18.24 -10.59 46.25
CA TYR A 187 -18.55 -9.26 46.73
C TYR A 187 -19.85 -9.24 47.54
N ARG A 188 -20.85 -9.98 47.06
CA ARG A 188 -22.15 -10.03 47.72
C ARG A 188 -22.04 -10.62 49.12
N ILE A 189 -21.15 -11.61 49.28
CA ILE A 189 -20.91 -12.22 50.57
C ILE A 189 -20.26 -11.21 51.52
N ASN A 190 -19.20 -10.55 51.05
CA ASN A 190 -18.51 -9.55 51.85
C ASN A 190 -19.37 -8.32 52.10
N ASP A 191 -20.34 -8.09 51.21
CA ASP A 191 -21.28 -6.98 51.39
C ASP A 191 -22.24 -7.28 52.54
N GLU A 192 -22.70 -8.53 52.61
CA GLU A 192 -23.59 -8.94 53.69
C GLU A 192 -22.88 -8.93 55.03
N LYS A 193 -21.61 -9.32 55.03
CA LYS A 193 -20.82 -9.38 56.25
C LYS A 193 -20.49 -7.98 56.77
N PHE A 194 -20.39 -7.02 55.85
CA PHE A 194 -20.10 -5.64 56.23
C PHE A 194 -21.29 -5.01 56.95
N GLN A 195 -22.49 -5.39 56.54
CA GLN A 195 -23.71 -4.84 57.12
C GLN A 195 -23.91 -5.30 58.56
N VAL A 196 -23.21 -6.38 58.94
CA VAL A 196 -23.32 -6.92 60.29
C VAL A 196 -21.98 -6.84 61.03
N GLY A 197 -21.03 -6.12 60.44
CA GLY A 197 -19.74 -5.89 61.08
C GLY A 197 -18.84 -7.11 61.14
N ALA A 198 -18.92 -7.97 60.12
CA ALA A 198 -18.11 -9.17 60.07
C ALA A 198 -16.85 -8.95 59.23
N VAL A 199 -16.90 -7.94 58.36
CA VAL A 199 -15.72 -7.55 57.59
C VAL A 199 -15.54 -6.02 57.64
N GLY A 200 -14.32 -5.56 57.40
CA GLY A 200 -14.03 -4.15 57.44
C GLY A 200 -14.23 -3.46 56.11
N GLU A 201 -14.05 -2.15 56.10
CA GLU A 201 -14.19 -1.36 54.88
C GLU A 201 -13.10 -1.71 53.89
N TYR A 202 -11.92 -2.02 54.41
CA TYR A 202 -10.77 -2.36 53.57
C TYR A 202 -11.03 -3.62 52.74
N GLU A 203 -11.56 -4.66 53.38
CA GLU A 203 -11.83 -5.91 52.70
C GLU A 203 -12.99 -5.78 51.71
N LEU A 204 -13.98 -4.98 52.06
CA LEU A 204 -15.12 -4.74 51.19
C LEU A 204 -14.70 -4.01 49.93
N ALA A 205 -13.74 -3.09 50.07
CA ALA A 205 -13.22 -2.34 48.94
C ALA A 205 -12.44 -3.25 48.02
N GLN A 206 -11.71 -4.19 48.61
CA GLN A 206 -10.95 -5.17 47.83
C GLN A 206 -11.88 -6.09 47.04
N ALA A 207 -12.99 -6.47 47.66
CA ALA A 207 -13.99 -7.31 47.00
C ALA A 207 -14.68 -6.55 45.88
N ARG A 208 -14.94 -5.26 46.11
CA ARG A 208 -15.58 -4.41 45.12
C ARG A 208 -14.63 -4.10 43.97
N ALA A 209 -13.37 -3.82 44.30
CA ALA A 209 -12.35 -3.56 43.29
C ALA A 209 -12.18 -4.77 42.38
N ASN A 210 -12.24 -5.95 42.96
CA ASN A 210 -12.13 -7.19 42.21
C ASN A 210 -13.33 -7.38 41.28
N LEU A 211 -14.50 -6.99 41.77
CA LEU A 211 -15.75 -7.13 41.01
C LEU A 211 -15.72 -6.23 39.76
N GLU A 212 -15.37 -4.97 39.96
CA GLU A 212 -15.33 -4.00 38.86
C GLU A 212 -14.23 -4.32 37.87
N SER A 213 -13.10 -4.80 38.38
CA SER A 213 -11.96 -5.14 37.53
C SER A 213 -12.29 -6.33 36.64
N MET A 214 -13.01 -7.31 37.20
CA MET A 214 -13.43 -8.47 36.44
C MET A 214 -14.46 -8.09 35.38
N ALA A 215 -15.33 -7.15 35.73
CA ALA A 215 -16.34 -6.66 34.79
C ALA A 215 -15.69 -5.93 33.63
N LEU A 216 -14.64 -5.18 33.94
CA LEU A 216 -13.89 -4.45 32.93
C LEU A 216 -13.17 -5.40 31.98
N GLN A 217 -12.61 -6.46 32.54
CA GLN A 217 -11.93 -7.47 31.74
C GLN A 217 -12.92 -8.28 30.91
N TYR A 218 -14.10 -8.52 31.49
CA TYR A 218 -15.15 -9.26 30.82
C TYR A 218 -15.61 -8.53 29.56
N ASN A 219 -15.90 -7.24 29.69
CA ASN A 219 -16.36 -6.44 28.56
C ASN A 219 -15.29 -6.26 27.49
N GLU A 220 -14.02 -6.29 27.90
CA GLU A 220 -12.90 -6.25 26.96
C GLU A 220 -12.90 -7.50 26.09
N ALA A 221 -13.19 -8.63 26.72
CA ALA A 221 -13.24 -9.91 26.03
C ALA A 221 -14.39 -9.95 25.04
N LYS A 222 -15.52 -9.35 25.40
CA LYS A 222 -16.65 -9.24 24.51
C LYS A 222 -16.28 -8.43 23.28
N LEU A 223 -15.57 -7.34 23.51
CA LEU A 223 -15.11 -6.45 22.45
C LEU A 223 -14.16 -7.18 21.50
N ASN A 224 -13.20 -7.89 22.08
CA ASN A 224 -12.24 -8.67 21.30
C ASN A 224 -12.93 -9.74 20.47
N LYS A 225 -14.03 -10.27 20.99
CA LYS A 225 -14.79 -11.28 20.29
C LYS A 225 -15.54 -10.67 19.11
N GLU A 226 -16.09 -9.48 19.33
CA GLU A 226 -16.83 -8.77 18.28
C GLU A 226 -15.92 -8.42 17.11
N ASN A 227 -14.67 -8.09 17.40
CA ASN A 227 -13.70 -7.73 16.36
C ASN A 227 -13.45 -8.87 15.39
N TYR A 228 -13.25 -10.07 15.93
CA TYR A 228 -12.99 -11.25 15.11
C TYR A 228 -14.27 -11.81 14.51
N LEU A 229 -15.40 -11.51 15.15
CA LEU A 229 -16.70 -11.88 14.59
C LEU A 229 -16.94 -11.07 13.33
N LYS A 230 -16.64 -9.79 13.39
CA LYS A 230 -16.75 -8.90 12.24
C LYS A 230 -15.81 -9.33 11.11
N ALA A 231 -14.56 -9.60 11.47
CA ALA A 231 -13.53 -9.95 10.51
C ALA A 231 -13.88 -11.23 9.73
N LEU A 232 -14.59 -12.15 10.39
CA LEU A 232 -14.95 -13.41 9.76
C LEU A 232 -16.14 -13.24 8.82
N LYS A 233 -17.08 -12.36 9.19
CA LYS A 233 -18.24 -12.06 8.36
C LYS A 233 -17.82 -11.39 7.06
N ILE A 234 -16.85 -10.48 7.15
CA ILE A 234 -16.35 -9.76 5.99
C ILE A 234 -15.67 -10.69 5.00
N LEU A 235 -15.00 -11.72 5.52
CA LEU A 235 -14.29 -12.67 4.68
C LEU A 235 -15.21 -13.69 3.99
N THR A 236 -16.40 -13.90 4.57
CA THR A 236 -17.20 -15.06 4.18
C THR A 236 -18.64 -14.76 3.75
N SER A 237 -19.20 -13.65 4.22
CA SER A 237 -20.63 -13.42 4.04
C SER A 237 -20.99 -12.49 2.89
N ASN A 238 -22.17 -12.71 2.32
CA ASN A 238 -22.73 -11.81 1.31
C ASN A 238 -24.13 -11.36 1.72
N ASP A 239 -24.57 -11.85 2.87
CA ASP A 239 -25.87 -11.50 3.43
C ASP A 239 -25.72 -10.37 4.44
N LEU A 240 -26.30 -9.21 4.12
CA LEU A 240 -26.17 -8.02 4.95
C LEU A 240 -26.75 -8.21 6.36
N ASN A 241 -27.78 -9.02 6.48
CA ASN A 241 -28.38 -9.31 7.78
C ASN A 241 -27.50 -10.24 8.60
N ASP A 242 -26.89 -11.21 7.93
CA ASP A 242 -25.93 -12.11 8.57
C ASP A 242 -24.76 -11.33 9.12
N ILE A 243 -24.29 -10.37 8.33
CA ILE A 243 -23.18 -9.51 8.73
C ILE A 243 -23.54 -8.64 9.93
N LEU A 244 -24.78 -8.14 9.94
CA LEU A 244 -25.23 -7.22 10.97
C LEU A 244 -25.59 -7.88 12.31
N TYR A 245 -26.32 -8.98 12.26
CA TYR A 245 -26.94 -9.51 13.48
C TYR A 245 -26.50 -10.91 13.88
N LYS A 246 -26.25 -11.78 12.90
CA LYS A 246 -25.92 -13.17 13.20
C LYS A 246 -24.57 -13.35 13.89
N ASN A 247 -24.40 -14.50 14.54
CA ASN A 247 -23.14 -14.86 15.16
C ASN A 247 -22.48 -16.02 14.41
N GLN A 248 -21.57 -16.72 15.08
CA GLN A 248 -20.88 -17.84 14.45
C GLN A 248 -20.82 -19.06 15.35
N SER A 249 -21.34 -20.19 14.86
CA SER A 249 -21.23 -21.46 15.55
C SER A 249 -19.79 -21.95 15.44
N TYR A 250 -19.26 -22.50 16.52
CA TYR A 250 -17.87 -22.94 16.53
C TYR A 250 -17.65 -24.23 17.31
N GLN A 251 -16.43 -24.74 17.22
CA GLN A 251 -16.03 -25.95 17.93
C GLN A 251 -14.65 -25.78 18.54
N VAL A 252 -14.53 -26.15 19.81
CA VAL A 252 -13.25 -26.05 20.52
C VAL A 252 -12.17 -26.89 19.86
N PHE A 253 -10.99 -26.30 19.71
CA PHE A 253 -9.83 -27.01 19.16
C PHE A 253 -9.16 -27.85 20.21
N ASN A 254 -9.01 -29.15 19.93
CA ASN A 254 -8.26 -30.04 20.80
C ASN A 254 -7.05 -30.65 20.09
N LEU A 255 -5.96 -30.79 20.84
CA LEU A 255 -4.68 -31.20 20.27
C LEU A 255 -4.72 -32.56 19.59
N LYS A 256 -4.12 -32.64 18.41
CA LYS A 256 -4.01 -33.90 17.67
C LYS A 256 -2.77 -33.87 16.79
N GLU A 257 -2.51 -34.98 16.10
CA GLU A 257 -1.37 -35.06 15.20
C GLU A 257 -1.75 -34.58 13.81
N PHE A 258 -0.86 -33.81 13.18
CA PHE A 258 -1.10 -33.28 11.85
C PHE A 258 -0.04 -33.72 10.85
N ASP A 259 -0.48 -34.21 9.69
CA ASP A 259 0.44 -34.58 8.62
C ASP A 259 0.91 -33.35 7.85
N ILE A 260 1.93 -32.68 8.39
CA ILE A 260 2.51 -31.51 7.75
C ILE A 260 4.02 -31.66 7.68
N PRO A 261 4.66 -31.02 6.69
CA PRO A 261 6.12 -31.09 6.55
C PRO A 261 6.85 -30.59 7.80
N THR A 262 7.97 -31.21 8.12
CA THR A 262 8.81 -30.79 9.24
C THR A 262 10.15 -30.27 8.71
N GLY A 263 10.30 -30.32 7.38
CA GLY A 263 11.49 -29.82 6.72
C GLY A 263 11.14 -29.27 5.36
N ILE A 264 12.03 -28.49 4.77
CA ILE A 264 11.76 -27.89 3.47
C ILE A 264 11.79 -28.94 2.37
N SER A 265 10.87 -28.80 1.42
CA SER A 265 10.75 -29.76 0.31
C SER A 265 11.87 -29.58 -0.70
N SER A 266 12.12 -30.64 -1.48
CA SER A 266 13.14 -30.59 -2.52
C SER A 266 12.58 -29.98 -3.80
N THR A 267 11.26 -29.85 -3.83
CA THR A 267 10.56 -29.28 -4.98
C THR A 267 9.73 -28.06 -4.58
N ILE A 268 10.25 -27.26 -3.64
CA ILE A 268 9.51 -26.13 -3.09
C ILE A 268 9.24 -25.06 -4.15
N LEU A 269 10.10 -24.99 -5.17
CA LEU A 269 9.95 -24.01 -6.23
C LEU A 269 8.71 -24.28 -7.08
N LEU A 270 8.29 -25.55 -7.10
CA LEU A 270 7.15 -25.97 -7.89
C LEU A 270 5.88 -26.06 -7.04
N GLN A 271 5.99 -25.75 -5.76
CA GLN A 271 4.88 -25.95 -4.83
C GLN A 271 4.31 -24.66 -4.25
N ARG A 272 4.99 -23.54 -4.49
CA ARG A 272 4.47 -22.25 -4.06
C ARG A 272 3.97 -21.43 -5.26
N PRO A 273 2.69 -21.04 -5.24
CA PRO A 273 2.05 -20.28 -6.30
C PRO A 273 2.75 -18.94 -6.61
N ASP A 274 3.18 -18.25 -5.56
CA ASP A 274 3.81 -16.94 -5.74
C ASP A 274 5.15 -17.04 -6.47
N ILE A 275 5.86 -18.14 -6.24
CA ILE A 275 7.13 -18.36 -6.92
C ILE A 275 6.89 -18.61 -8.42
N GLY A 276 5.86 -19.39 -8.73
CA GLY A 276 5.50 -19.67 -10.11
C GLY A 276 5.04 -18.43 -10.83
N SER A 277 4.22 -17.63 -10.15
CA SER A 277 3.76 -16.35 -10.68
C SER A 277 4.92 -15.42 -10.97
N SER A 278 5.86 -15.37 -10.02
CA SER A 278 7.04 -14.52 -10.18
C SER A 278 7.92 -15.01 -11.31
N LEU A 279 7.92 -16.32 -11.52
CA LEU A 279 8.68 -16.92 -12.62
C LEU A 279 8.10 -16.48 -13.96
N GLU A 280 6.80 -16.63 -14.11
CA GLU A 280 6.12 -16.30 -15.37
C GLU A 280 6.22 -14.82 -15.71
N LYS A 281 6.24 -13.97 -14.68
CA LYS A 281 6.35 -12.54 -14.91
C LYS A 281 7.76 -12.17 -15.38
N LEU A 282 8.72 -13.04 -15.08
CA LEU A 282 10.10 -12.84 -15.52
C LEU A 282 10.25 -13.17 -17.00
N THR A 283 9.70 -14.31 -17.43
CA THR A 283 9.75 -14.68 -18.85
C THR A 283 8.88 -13.76 -19.69
N GLN A 284 7.88 -13.15 -19.06
CA GLN A 284 7.04 -12.18 -19.74
C GLN A 284 7.86 -10.97 -20.16
N GLN A 285 8.65 -10.46 -19.22
CA GLN A 285 9.53 -9.33 -19.49
C GLN A 285 10.67 -9.72 -20.41
N ASN A 286 11.03 -11.01 -20.40
CA ASN A 286 12.09 -11.51 -21.26
C ASN A 286 11.65 -11.52 -22.73
N TYR A 287 10.39 -11.88 -22.97
CA TYR A 287 9.83 -11.83 -24.30
C TYR A 287 9.73 -10.40 -24.81
N LEU A 288 9.49 -9.47 -23.88
CA LEU A 288 9.34 -8.06 -24.21
C LEU A 288 10.67 -7.42 -24.57
N VAL A 289 11.76 -8.04 -24.14
CA VAL A 289 13.09 -7.62 -24.56
C VAL A 289 13.24 -7.87 -26.05
N GLY A 290 12.80 -9.05 -26.48
CA GLY A 290 12.82 -9.40 -27.90
C GLY A 290 11.99 -8.46 -28.73
N VAL A 291 10.81 -8.10 -28.22
CA VAL A 291 9.91 -7.17 -28.90
C VAL A 291 10.58 -5.82 -29.14
N ALA A 292 11.30 -5.35 -28.13
CA ALA A 292 11.96 -4.05 -28.20
C ALA A 292 13.11 -4.06 -29.22
N ARG A 293 13.80 -5.19 -29.33
CA ARG A 293 14.97 -5.29 -30.18
C ARG A 293 14.61 -5.36 -31.67
N THR A 294 13.35 -5.68 -31.97
CA THR A 294 12.89 -5.74 -33.35
C THR A 294 12.81 -4.36 -33.98
N ALA A 295 12.85 -3.33 -33.13
CA ALA A 295 12.78 -1.95 -33.61
C ALA A 295 14.02 -1.56 -34.39
N PHE A 296 15.12 -2.27 -34.14
CA PHE A 296 16.36 -2.07 -34.87
C PHE A 296 16.28 -2.65 -36.28
N LEU A 297 15.32 -3.56 -36.47
CA LEU A 297 15.24 -4.33 -37.70
C LEU A 297 14.15 -3.82 -38.64
N PRO A 298 14.30 -4.06 -39.95
CA PRO A 298 13.33 -3.63 -40.96
C PRO A 298 11.94 -4.19 -40.74
N SER A 299 10.91 -3.35 -40.94
CA SER A 299 9.53 -3.80 -40.83
C SER A 299 8.92 -3.93 -42.23
N LEU A 300 8.17 -5.01 -42.45
CA LEU A 300 7.55 -5.25 -43.75
C LEU A 300 6.04 -5.24 -43.63
N SER A 301 5.40 -4.40 -44.45
CA SER A 301 3.96 -4.24 -44.38
C SER A 301 3.28 -4.54 -45.71
N LEU A 302 2.18 -5.27 -45.66
CA LEU A 302 1.41 -5.58 -46.86
C LEU A 302 0.05 -4.87 -46.82
N THR A 303 -0.25 -4.15 -47.90
CA THR A 303 -1.54 -3.48 -48.03
C THR A 303 -2.22 -3.86 -49.33
N GLY A 304 -3.53 -4.06 -49.28
CA GLY A 304 -4.30 -4.44 -50.45
C GLY A 304 -5.67 -3.80 -50.46
N LEU A 305 -6.18 -3.57 -51.66
CA LEU A 305 -7.51 -3.00 -51.84
C LEU A 305 -8.26 -3.71 -52.96
N LEU A 306 -9.57 -3.89 -52.76
CA LEU A 306 -10.43 -4.43 -53.81
C LEU A 306 -11.80 -3.77 -53.72
N GLY A 307 -12.18 -3.04 -54.76
CA GLY A 307 -13.46 -2.37 -54.77
C GLY A 307 -13.73 -1.49 -55.97
N PHE A 308 -14.26 -0.30 -55.71
CA PHE A 308 -14.72 0.58 -56.78
C PHE A 308 -14.27 2.03 -56.59
N GLU A 309 -14.10 2.72 -57.71
CA GLU A 309 -13.86 4.17 -57.69
C GLU A 309 -14.44 4.84 -58.94
N SER A 310 -15.14 5.94 -58.73
CA SER A 310 -15.75 6.68 -59.83
C SER A 310 -15.88 8.16 -59.49
N GLY A 311 -15.96 8.99 -60.53
CA GLY A 311 -16.18 10.41 -60.35
C GLY A 311 -17.67 10.70 -60.24
N ASP A 312 -18.48 9.69 -60.54
CA ASP A 312 -19.93 9.80 -60.48
C ASP A 312 -20.51 8.63 -59.69
N LEU A 313 -21.50 8.92 -58.86
CA LEU A 313 -22.10 7.92 -57.98
C LEU A 313 -22.91 6.88 -58.76
N ASP A 314 -23.53 7.31 -59.86
CA ASP A 314 -24.37 6.43 -60.65
C ASP A 314 -23.60 5.29 -61.32
N THR A 315 -22.29 5.49 -61.50
CA THR A 315 -21.45 4.47 -62.14
C THR A 315 -20.48 3.83 -61.16
N LEU A 316 -20.77 3.94 -59.87
CA LEU A 316 -19.85 3.49 -58.82
C LEU A 316 -19.64 1.98 -58.85
N VAL A 317 -20.73 1.21 -59.01
CA VAL A 317 -20.61 -0.24 -59.02
C VAL A 317 -20.66 -0.81 -60.44
N LYS A 318 -20.33 0.03 -61.42
CA LYS A 318 -20.22 -0.41 -62.80
C LYS A 318 -18.88 -1.11 -63.04
N GLY A 319 -18.76 -1.82 -64.15
CA GLY A 319 -17.54 -2.53 -64.48
C GLY A 319 -16.35 -1.61 -64.68
N GLY A 320 -16.61 -0.43 -65.22
CA GLY A 320 -15.56 0.56 -65.46
C GLY A 320 -15.08 1.24 -64.19
N SER A 321 -15.62 0.84 -63.05
CA SER A 321 -15.24 1.42 -61.77
C SER A 321 -14.45 0.44 -60.91
N LYS A 322 -14.42 -0.82 -61.35
CA LYS A 322 -13.67 -1.85 -60.63
C LYS A 322 -12.19 -1.49 -60.53
N THR A 323 -11.65 -1.62 -59.33
CA THR A 323 -10.24 -1.28 -59.09
C THR A 323 -9.64 -2.12 -57.97
N TRP A 324 -8.32 -2.28 -58.00
CA TRP A 324 -7.59 -2.94 -56.93
C TRP A 324 -6.14 -2.50 -56.91
N ASN A 325 -5.48 -2.76 -55.79
CA ASN A 325 -4.04 -2.55 -55.67
C ASN A 325 -3.43 -3.42 -54.57
N ILE A 326 -2.13 -3.67 -54.69
CA ILE A 326 -1.41 -4.43 -53.68
C ILE A 326 -0.03 -3.81 -53.52
N GLY A 327 0.46 -3.73 -52.29
CA GLY A 327 1.73 -3.07 -52.02
C GLY A 327 2.50 -3.62 -50.85
N GLY A 328 3.83 -3.50 -50.93
CA GLY A 328 4.69 -3.90 -49.84
C GLY A 328 5.58 -2.74 -49.45
N ASN A 329 5.72 -2.50 -48.15
CA ASN A 329 6.54 -1.41 -47.66
C ASN A 329 7.68 -1.90 -46.77
N PHE A 330 8.88 -1.38 -47.00
CA PHE A 330 10.06 -1.83 -46.28
C PHE A 330 10.76 -0.65 -45.60
N THR A 331 10.49 -0.46 -44.32
CA THR A 331 11.09 0.66 -43.57
C THR A 331 12.19 0.19 -42.63
N LEU A 332 13.25 0.98 -42.52
CA LEU A 332 14.43 0.60 -41.73
C LEU A 332 15.10 1.84 -41.14
N PRO A 333 15.12 1.94 -39.80
CA PRO A 333 15.76 3.07 -39.10
C PRO A 333 17.26 3.14 -39.35
N ILE A 334 17.77 4.35 -39.51
CA ILE A 334 19.20 4.56 -39.72
C ILE A 334 19.83 5.25 -38.50
N PHE A 335 19.48 6.52 -38.30
CA PHE A 335 19.95 7.27 -37.13
C PHE A 335 18.77 7.81 -36.36
N HIS A 336 18.57 7.30 -35.14
CA HIS A 336 17.55 7.85 -34.24
C HIS A 336 18.20 8.37 -32.97
N TRP A 337 19.54 8.35 -32.95
CA TRP A 337 20.34 8.95 -31.90
C TRP A 337 20.01 8.42 -30.50
N GLY A 338 19.97 7.10 -30.38
CA GLY A 338 19.79 6.46 -29.09
C GLY A 338 18.36 6.10 -28.73
N GLU A 339 17.41 6.59 -29.53
CA GLU A 339 15.99 6.36 -29.25
C GLU A 339 15.65 4.88 -29.11
N ILE A 340 16.06 4.10 -30.11
CA ILE A 340 15.79 2.67 -30.12
C ILE A 340 16.70 1.95 -29.13
N TYR A 341 17.96 2.37 -29.05
CA TYR A 341 18.93 1.76 -28.15
C TYR A 341 18.50 1.89 -26.69
N GLN A 342 17.99 3.07 -26.32
CA GLN A 342 17.54 3.30 -24.95
C GLN A 342 16.23 2.60 -24.66
N ASN A 343 15.44 2.36 -25.71
CA ASN A 343 14.18 1.63 -25.56
C ASN A 343 14.45 0.16 -25.27
N VAL A 344 15.44 -0.40 -25.97
CA VAL A 344 15.88 -1.76 -25.72
C VAL A 344 16.51 -1.84 -24.33
N ASN A 345 17.28 -0.81 -23.99
CA ASN A 345 17.88 -0.67 -22.66
C ASN A 345 16.80 -0.68 -21.57
N LEU A 346 15.73 0.07 -21.80
CA LEU A 346 14.62 0.14 -20.87
C LEU A 346 13.93 -1.21 -20.71
N ALA A 347 13.82 -1.94 -21.82
CA ALA A 347 13.20 -3.27 -21.81
C ALA A 347 14.07 -4.26 -21.03
N LYS A 348 15.39 -4.13 -21.19
CA LYS A 348 16.32 -4.99 -20.47
C LYS A 348 16.28 -4.71 -18.97
N LEU A 349 16.07 -3.45 -18.62
CA LEU A 349 16.00 -3.03 -17.23
C LEU A 349 14.71 -3.51 -16.58
N ASN A 350 13.64 -3.59 -17.37
CA ASN A 350 12.37 -4.11 -16.87
C ASN A 350 12.47 -5.59 -16.56
N LYS A 351 13.30 -6.30 -17.35
CA LYS A 351 13.57 -7.71 -17.10
C LYS A 351 14.38 -7.87 -15.81
N ASP A 352 15.35 -6.97 -15.62
CA ASP A 352 16.16 -6.98 -14.41
C ASP A 352 15.28 -6.79 -13.17
N GLU A 353 14.35 -5.86 -13.27
CA GLU A 353 13.41 -5.59 -12.17
C GLU A 353 12.56 -6.82 -11.88
N ALA A 354 12.17 -7.53 -12.93
CA ALA A 354 11.41 -8.77 -12.81
C ALA A 354 12.26 -9.87 -12.18
N PHE A 355 13.55 -9.85 -12.46
CA PHE A 355 14.47 -10.85 -11.90
C PHE A 355 14.68 -10.60 -10.41
N VAL A 356 14.83 -9.33 -10.04
CA VAL A 356 15.03 -8.97 -8.64
C VAL A 356 13.78 -9.28 -7.84
N ASN A 357 12.62 -9.05 -8.44
CA ASN A 357 11.35 -9.43 -7.83
C ASN A 357 11.28 -10.92 -7.57
N TYR A 358 11.86 -11.70 -8.50
CA TYR A 358 11.88 -13.15 -8.37
C TYR A 358 12.78 -13.59 -7.22
N GLN A 359 13.96 -12.98 -7.13
CA GLN A 359 14.90 -13.29 -6.07
C GLN A 359 14.32 -12.96 -4.70
N ASN A 360 13.64 -11.82 -4.60
CA ASN A 360 13.05 -11.39 -3.35
C ASN A 360 11.91 -12.31 -2.93
N THR A 361 11.15 -12.79 -3.90
CA THR A 361 10.08 -13.75 -3.65
C THR A 361 10.67 -15.06 -3.11
N LEU A 362 11.84 -15.42 -3.62
CA LEU A 362 12.54 -16.61 -3.17
C LEU A 362 13.04 -16.47 -1.73
N ILE A 363 13.68 -15.34 -1.45
CA ILE A 363 14.24 -15.07 -0.12
C ILE A 363 13.16 -15.06 0.94
N THR A 364 12.07 -14.33 0.67
CA THR A 364 10.96 -14.20 1.60
C THR A 364 10.31 -15.55 1.88
N ALA A 365 10.13 -16.35 0.83
CA ALA A 365 9.53 -17.67 0.95
C ALA A 365 10.35 -18.56 1.89
N PHE A 366 11.65 -18.62 1.66
CA PHE A 366 12.55 -19.40 2.50
C PHE A 366 12.60 -18.86 3.92
N GLY A 367 12.35 -17.57 4.07
CA GLY A 367 12.29 -16.95 5.38
C GLY A 367 11.02 -17.37 6.09
N GLU A 368 9.92 -17.42 5.34
CA GLU A 368 8.64 -17.84 5.89
C GLU A 368 8.67 -19.31 6.31
N ILE A 369 9.30 -20.15 5.49
CA ILE A 369 9.40 -21.58 5.76
C ILE A 369 10.18 -21.84 7.04
N ARG A 370 11.27 -21.11 7.24
CA ARG A 370 12.09 -21.27 8.44
C ARG A 370 11.30 -20.96 9.70
N TYR A 371 10.68 -19.79 9.73
CA TYR A 371 9.96 -19.36 10.92
C TYR A 371 8.76 -20.26 11.20
N ALA A 372 8.00 -20.59 10.15
CA ALA A 372 6.80 -21.40 10.31
C ALA A 372 7.11 -22.77 10.91
N LEU A 373 8.21 -23.36 10.48
CA LEU A 373 8.63 -24.66 10.98
C LEU A 373 9.08 -24.57 12.44
N VAL A 374 9.88 -23.56 12.74
CA VAL A 374 10.39 -23.37 14.10
C VAL A 374 9.26 -22.97 15.05
N ALA A 375 8.38 -22.10 14.58
CA ALA A 375 7.26 -21.65 15.39
C ALA A 375 6.34 -22.80 15.77
N ARG A 376 6.09 -23.68 14.81
CA ARG A 376 5.19 -24.80 15.02
C ARG A 376 5.66 -25.70 16.16
N LYS A 377 6.94 -26.10 16.11
CA LYS A 377 7.47 -27.02 17.11
C LYS A 377 7.71 -26.33 18.46
N THR A 378 7.92 -25.02 18.42
CA THR A 378 8.14 -24.25 19.64
C THR A 378 6.83 -24.03 20.40
N ILE A 379 5.79 -23.68 19.66
CA ILE A 379 4.46 -23.49 20.25
C ILE A 379 3.92 -24.84 20.73
N ARG A 380 4.35 -25.91 20.09
CA ARG A 380 3.99 -27.26 20.52
C ARG A 380 4.45 -27.51 21.94
N LEU A 381 5.67 -27.06 22.25
CA LEU A 381 6.19 -27.12 23.61
C LEU A 381 5.36 -26.24 24.54
N GLN A 382 5.00 -25.06 24.06
CA GLN A 382 4.21 -24.11 24.83
C GLN A 382 2.85 -24.67 25.21
N TYR A 383 2.33 -25.55 24.36
CA TYR A 383 1.04 -26.18 24.61
C TYR A 383 1.08 -27.00 25.89
N ASP A 384 2.19 -27.70 26.10
CA ASP A 384 2.37 -28.49 27.32
C ASP A 384 2.66 -27.59 28.52
N ASN A 385 3.47 -26.55 28.31
CA ASN A 385 3.81 -25.62 29.37
C ASN A 385 2.59 -24.87 29.91
N ALA A 386 1.79 -24.34 28.99
CA ALA A 386 0.62 -23.56 29.35
C ALA A 386 -0.47 -24.45 29.98
N GLN A 387 -0.53 -25.70 29.52
CA GLN A 387 -1.50 -26.65 30.06
C GLN A 387 -1.18 -27.01 31.50
N ALA A 388 0.10 -27.31 31.76
CA ALA A 388 0.55 -27.68 33.09
C ALA A 388 0.49 -26.50 34.04
N SER A 389 0.76 -25.30 33.52
CA SER A 389 0.71 -24.08 34.32
C SER A 389 -0.71 -23.81 34.80
N GLU A 390 -1.68 -23.98 33.91
CA GLU A 390 -3.10 -23.76 34.21
C GLU A 390 -3.59 -24.74 35.27
N GLN A 391 -3.10 -25.98 35.17
CA GLN A 391 -3.49 -27.03 36.11
C GLN A 391 -2.91 -26.77 37.49
N SER A 392 -1.68 -26.27 37.52
CA SER A 392 -1.01 -25.95 38.78
C SER A 392 -1.69 -24.77 39.47
N TYR A 393 -1.96 -23.71 38.71
CA TYR A 393 -2.61 -22.53 39.26
C TYR A 393 -4.05 -22.83 39.68
N LYS A 394 -4.66 -23.82 39.04
CA LYS A 394 -6.00 -24.24 39.42
C LYS A 394 -5.98 -24.93 40.77
N ARG A 395 -4.99 -25.79 40.97
CA ARG A 395 -4.83 -26.51 42.23
C ARG A 395 -4.50 -25.55 43.36
N ILE A 396 -3.66 -24.56 43.08
CA ILE A 396 -3.32 -23.53 44.05
C ILE A 396 -4.57 -22.76 44.46
N TYR A 397 -5.43 -22.46 43.50
CA TYR A 397 -6.68 -21.78 43.77
C TYR A 397 -7.62 -22.62 44.63
N GLU A 398 -7.69 -23.92 44.33
CA GLU A 398 -8.55 -24.83 45.06
C GLU A 398 -8.17 -24.90 46.53
N ILE A 399 -6.87 -24.99 46.81
CA ILE A 399 -6.40 -25.02 48.18
C ILE A 399 -6.62 -23.66 48.85
N ALA A 400 -6.48 -22.59 48.07
CA ALA A 400 -6.68 -21.24 48.57
C ALA A 400 -8.12 -21.00 48.99
N LYS A 401 -9.06 -21.55 48.24
CA LYS A 401 -10.48 -21.40 48.55
C LYS A 401 -10.84 -22.13 49.84
N GLU A 402 -10.24 -23.31 50.03
CA GLU A 402 -10.44 -24.08 51.24
C GLU A 402 -9.96 -23.31 52.46
N ARG A 403 -8.75 -22.75 52.36
CA ARG A 403 -8.14 -22.00 53.46
C ARG A 403 -8.86 -20.67 53.73
N TYR A 404 -9.31 -20.01 52.67
CA TYR A 404 -10.01 -18.74 52.82
C TYR A 404 -11.36 -18.92 53.51
N ASP A 405 -12.03 -20.03 53.21
CA ASP A 405 -13.37 -20.29 53.73
C ASP A 405 -13.36 -20.54 55.24
N ILE A 406 -12.24 -21.04 55.76
CA ILE A 406 -12.13 -21.25 57.19
C ILE A 406 -11.24 -20.20 57.84
N GLY A 407 -11.19 -19.02 57.21
CA GLY A 407 -10.51 -17.87 57.76
C GLY A 407 -9.00 -18.02 57.91
N GLU A 408 -8.42 -18.97 57.20
CA GLU A 408 -6.98 -19.22 57.30
C GLU A 408 -6.21 -18.59 56.14
N MET A 409 -6.89 -17.74 55.38
CA MET A 409 -6.25 -16.97 54.32
C MET A 409 -6.98 -15.65 54.12
N SER A 410 -6.22 -14.57 53.97
CA SER A 410 -6.78 -13.25 53.73
C SER A 410 -7.50 -13.20 52.39
N LEU A 411 -8.42 -12.26 52.26
CA LEU A 411 -9.17 -12.08 51.02
C LEU A 411 -8.23 -11.71 49.88
N GLN A 412 -7.23 -10.89 50.19
CA GLN A 412 -6.26 -10.42 49.20
C GLN A 412 -5.49 -11.56 48.55
N ASP A 413 -4.99 -12.48 49.37
CA ASP A 413 -4.25 -13.63 48.87
C ASP A 413 -5.17 -14.59 48.13
N TYR A 414 -6.43 -14.65 48.57
CA TYR A 414 -7.41 -15.51 47.92
C TYR A 414 -7.80 -14.96 46.54
N LEU A 415 -7.97 -13.64 46.46
CA LEU A 415 -8.31 -12.99 45.20
C LEU A 415 -7.17 -13.11 44.19
N GLU A 416 -5.93 -13.05 44.69
CA GLU A 416 -4.76 -13.17 43.83
C GLU A 416 -4.68 -14.58 43.23
N ALA A 417 -5.05 -15.57 44.02
CA ALA A 417 -5.05 -16.96 43.56
C ALA A 417 -6.07 -17.17 42.45
N ARG A 418 -7.20 -16.47 42.54
CA ARG A 418 -8.22 -16.54 41.50
C ARG A 418 -7.72 -15.90 40.21
N GLN A 419 -7.09 -14.74 40.33
CA GLN A 419 -6.60 -14.00 39.18
C GLN A 419 -5.52 -14.78 38.44
N ASN A 420 -4.65 -15.43 39.21
CA ASN A 420 -3.57 -16.22 38.63
C ASN A 420 -4.08 -17.41 37.82
N TRP A 421 -5.14 -18.05 38.30
CA TRP A 421 -5.75 -19.15 37.56
C TRP A 421 -6.39 -18.62 36.28
N LEU A 422 -7.08 -17.49 36.41
CA LEU A 422 -7.73 -16.85 35.27
C LEU A 422 -6.72 -16.50 34.19
N ASN A 423 -5.59 -15.93 34.59
CA ASN A 423 -4.52 -15.57 33.66
C ASN A 423 -3.96 -16.80 32.97
N ALA A 424 -3.75 -17.86 33.74
CA ALA A 424 -3.20 -19.11 33.22
C ALA A 424 -4.15 -19.77 32.24
N ALA A 425 -5.45 -19.72 32.54
CA ALA A 425 -6.46 -20.31 31.68
C ALA A 425 -6.57 -19.53 30.37
N VAL A 426 -6.50 -18.21 30.47
CA VAL A 426 -6.54 -17.35 29.29
C VAL A 426 -5.29 -17.56 28.45
N ALA A 427 -4.14 -17.64 29.11
CA ALA A 427 -2.87 -17.86 28.43
C ALA A 427 -2.86 -19.19 27.69
N PHE A 428 -3.42 -20.23 28.32
CA PHE A 428 -3.47 -21.55 27.70
C PHE A 428 -4.38 -21.54 26.48
N ASN A 429 -5.47 -20.78 26.54
CA ASN A 429 -6.35 -20.63 25.38
C ASN A 429 -5.62 -19.96 24.22
N ASN A 430 -4.89 -18.89 24.52
CA ASN A 430 -4.13 -18.15 23.51
C ASN A 430 -3.09 -19.03 22.83
N ILE A 431 -2.40 -19.84 23.62
CA ILE A 431 -1.40 -20.77 23.10
C ILE A 431 -2.07 -21.86 22.26
N LYS A 432 -3.24 -22.30 22.71
CA LYS A 432 -3.96 -23.40 22.06
C LYS A 432 -4.34 -23.07 20.62
N TYR A 433 -4.77 -21.84 20.39
CA TYR A 433 -5.22 -21.42 19.06
C TYR A 433 -4.12 -20.71 18.30
N SER A 434 -3.03 -20.40 18.99
CA SER A 434 -1.81 -19.95 18.33
C SER A 434 -1.16 -21.16 17.66
N TYR A 435 -1.33 -22.32 18.27
CA TYR A 435 -0.79 -23.55 17.73
C TYR A 435 -1.59 -24.02 16.53
N ALA A 436 -2.91 -23.82 16.59
CA ALA A 436 -3.78 -24.15 15.47
C ALA A 436 -3.42 -23.30 14.26
N ASN A 437 -3.16 -22.03 14.48
CA ASN A 437 -2.77 -21.12 13.41
C ASN A 437 -1.34 -21.37 12.95
N SER A 438 -0.54 -21.97 13.83
CA SER A 438 0.84 -22.30 13.48
C SER A 438 0.87 -23.45 12.49
N ILE A 439 -0.14 -24.32 12.57
CA ILE A 439 -0.29 -25.41 11.61
C ILE A 439 -0.61 -24.84 10.24
N VAL A 440 -1.45 -23.81 10.22
CA VAL A 440 -1.85 -23.16 8.97
C VAL A 440 -0.66 -22.45 8.32
N ASP A 441 0.14 -21.77 9.13
CA ASP A 441 1.31 -21.05 8.63
C ASP A 441 2.29 -21.98 7.92
N VAL A 442 2.47 -23.17 8.47
CA VAL A 442 3.31 -24.19 7.84
C VAL A 442 2.72 -24.64 6.51
N ILE A 443 1.43 -24.97 6.52
CA ILE A 443 0.72 -25.37 5.31
C ILE A 443 0.74 -24.25 4.27
N LYS A 444 0.54 -23.02 4.74
CA LYS A 444 0.55 -21.84 3.86
C LYS A 444 1.91 -21.65 3.19
N ALA A 445 2.97 -21.81 3.98
CA ALA A 445 4.32 -21.55 3.49
C ALA A 445 4.79 -22.61 2.50
N PHE A 446 4.20 -23.80 2.56
CA PHE A 446 4.58 -24.88 1.66
C PHE A 446 3.66 -24.94 0.43
N GLY A 447 2.74 -24.00 0.33
CA GLY A 447 1.93 -23.88 -0.86
C GLY A 447 0.49 -24.35 -0.73
N GLY A 448 0.18 -25.01 0.38
CA GLY A 448 -1.18 -25.47 0.63
C GLY A 448 -1.61 -26.60 -0.30
N GLY A 449 -0.63 -27.28 -0.89
CA GLY A 449 -0.92 -28.42 -1.76
C GLY A 449 -0.77 -28.12 -3.24
N PHE A 450 -0.44 -26.88 -3.56
CA PHE A 450 -0.29 -26.46 -4.96
C PHE A 450 0.89 -27.18 -5.63
N GLU A 451 0.66 -27.61 -6.87
CA GLU A 451 1.72 -28.23 -7.67
C GLU A 451 1.75 -27.61 -9.07
N GLN A 452 2.87 -27.00 -9.40
CA GLN A 452 3.02 -26.27 -10.66
C GLN A 452 2.93 -27.19 -11.87
N SER A 453 3.32 -28.44 -11.70
CA SER A 453 3.37 -29.39 -12.80
C SER A 453 1.98 -29.73 -13.36
N GLU A 454 0.97 -29.71 -12.49
CA GLU A 454 -0.37 -30.12 -12.87
C GLU A 454 -1.02 -29.17 -13.88
N ASP A 455 -2.16 -29.59 -14.42
CA ASP A 455 -2.93 -28.76 -15.34
C ASP A 455 -3.55 -27.61 -14.57
N THR A 456 -2.89 -26.46 -14.61
CA THR A 456 -3.31 -25.29 -13.83
C THR A 456 -4.72 -24.83 -14.20
N SER A 457 -4.98 -24.75 -15.51
CA SER A 457 -6.27 -24.28 -16.00
C SER A 457 -7.41 -25.20 -15.59
N LYS A 458 -7.16 -26.51 -15.66
CA LYS A 458 -8.17 -27.49 -15.31
C LYS A 458 -8.44 -27.49 -13.80
N ASN A 459 -7.38 -27.38 -13.01
CA ASN A 459 -7.51 -27.32 -11.56
C ASN A 459 -8.31 -26.11 -11.10
N ILE A 460 -8.03 -24.96 -11.71
CA ILE A 460 -8.71 -23.73 -11.36
C ILE A 460 -10.22 -23.82 -11.63
N LYS A 461 -10.58 -24.38 -12.78
CA LYS A 461 -11.98 -24.51 -13.15
C LYS A 461 -12.74 -25.41 -12.17
N GLU A 462 -12.11 -26.53 -11.80
CA GLU A 462 -12.71 -27.49 -10.89
C GLU A 462 -12.93 -26.91 -9.49
N GLU A 463 -11.95 -26.16 -9.00
CA GLU A 463 -11.99 -25.63 -7.64
C GLU A 463 -12.79 -24.34 -7.55
N SER A 464 -13.10 -23.73 -8.68
CA SER A 464 -13.85 -22.47 -8.71
C SER A 464 -15.32 -22.68 -9.08
N LYS A 465 -15.79 -23.92 -8.96
CA LYS A 465 -17.14 -24.31 -9.34
C LYS A 465 -18.23 -23.52 -8.62
N ASN A 466 -17.99 -23.28 -7.33
CA ASN A 466 -18.95 -22.66 -6.43
C ASN A 466 -18.70 -21.17 -6.21
N LEU A 467 -17.76 -20.61 -6.94
CA LEU A 467 -17.46 -19.19 -6.84
C LEU A 467 -18.65 -18.40 -7.36
N ASP A 468 -19.18 -17.50 -6.53
CA ASP A 468 -20.41 -16.78 -6.87
C ASP A 468 -20.15 -15.65 -7.85
N MET A 469 -20.32 -15.91 -9.13
CA MET A 469 -20.18 -14.86 -10.13
C MET A 469 -21.51 -14.62 -10.77
N SER A 470 -22.57 -14.90 -10.04
CA SER A 470 -23.92 -14.71 -10.49
C SER A 470 -24.18 -13.24 -10.71
N PHE A 471 -23.37 -12.39 -10.12
CA PHE A 471 -23.64 -10.97 -10.23
C PHE A 471 -23.61 -10.56 -11.69
N ARG A 472 -22.68 -11.09 -12.45
CA ARG A 472 -22.68 -10.84 -13.89
C ARG A 472 -23.74 -11.70 -14.55
N CYS B 1 11.22 29.65 -26.71
CA CYS B 1 11.86 28.35 -26.69
C CYS B 1 11.40 27.53 -25.49
N SER B 2 10.50 28.11 -24.71
CA SER B 2 9.95 27.44 -23.53
C SER B 2 8.71 28.17 -23.02
N LEU B 3 7.68 27.41 -22.68
CA LEU B 3 6.46 27.97 -22.11
C LEU B 3 6.29 27.52 -20.65
N SER B 4 7.36 26.95 -20.11
CA SER B 4 7.37 26.53 -18.70
C SER B 4 7.34 27.74 -17.77
N PRO B 5 6.41 27.75 -16.81
CA PRO B 5 6.30 28.87 -15.88
C PRO B 5 7.47 28.90 -14.91
N ASN B 6 7.72 30.06 -14.31
CA ASN B 6 8.74 30.18 -13.28
C ASN B 6 8.39 29.36 -12.05
N LEU B 7 9.32 28.53 -11.60
CA LEU B 7 9.08 27.70 -10.42
C LEU B 7 9.38 28.49 -9.15
N ASN B 8 8.34 28.76 -8.37
CA ASN B 8 8.47 29.56 -7.17
C ASN B 8 8.21 28.76 -5.89
N ILE B 9 9.26 28.13 -5.38
CA ILE B 9 9.16 27.40 -4.11
C ILE B 9 9.37 28.36 -2.95
N PRO B 10 8.34 28.53 -2.11
CA PRO B 10 8.44 29.39 -0.94
C PRO B 10 9.47 28.88 0.06
N GLU B 11 10.14 29.79 0.74
CA GLU B 11 11.20 29.41 1.69
C GLU B 11 10.64 28.69 2.91
N ALA B 12 11.41 27.73 3.41
CA ALA B 12 11.09 27.07 4.66
C ALA B 12 11.68 27.88 5.81
N ASN B 13 10.80 28.51 6.60
CA ASN B 13 11.23 29.37 7.69
C ASN B 13 11.06 28.69 9.05
N TYR B 14 12.17 28.51 9.75
CA TYR B 14 12.15 27.87 11.05
C TYR B 14 13.33 28.33 11.91
N SER B 15 13.19 28.21 13.22
CA SER B 15 14.25 28.62 14.14
C SER B 15 15.08 27.42 14.56
N ILE B 16 16.37 27.63 14.76
CA ILE B 16 17.26 26.56 15.21
C ILE B 16 17.40 26.58 16.74
N ASP B 17 17.53 25.40 17.32
CA ASP B 17 17.62 25.26 18.77
C ASP B 17 18.26 23.93 19.15
N ASN B 18 19.49 23.98 19.64
CA ASN B 18 20.27 22.77 19.91
C ASN B 18 19.99 22.15 21.27
N LYS B 19 18.98 22.66 21.96
CA LYS B 19 18.59 22.14 23.25
C LYS B 19 17.39 21.20 23.15
N LEU B 20 16.85 21.12 21.94
CA LEU B 20 15.64 20.34 21.70
C LEU B 20 15.87 18.85 21.94
N GLY B 21 17.05 18.36 21.60
CA GLY B 21 17.38 16.97 21.80
C GLY B 21 18.60 16.78 22.68
N ALA B 22 18.85 17.75 23.56
CA ALA B 22 19.99 17.68 24.46
C ALA B 22 19.56 17.76 25.91
N LEU B 23 20.08 16.87 26.74
CA LEU B 23 19.84 16.91 28.17
C LEU B 23 20.60 18.07 28.80
N SER B 24 20.17 18.51 29.97
CA SER B 24 20.75 19.67 30.63
C SER B 24 22.23 19.50 30.96
N TRP B 25 22.66 18.25 31.12
CA TRP B 25 24.06 17.96 31.38
C TRP B 25 24.78 17.46 30.13
N GLU B 26 24.10 17.55 28.99
CA GLU B 26 24.66 17.12 27.72
C GLU B 26 25.08 18.31 26.85
N LYS B 27 26.12 18.12 26.05
CA LYS B 27 26.62 19.15 25.16
C LYS B 27 25.72 19.28 23.93
N GLU B 28 25.29 20.51 23.65
CA GLU B 28 24.46 20.77 22.48
C GLU B 28 25.30 20.66 21.21
N THR B 29 24.95 19.70 20.36
CA THR B 29 25.75 19.39 19.17
C THR B 29 25.00 19.65 17.87
N ASN B 30 25.69 20.29 16.93
CA ASN B 30 25.16 20.53 15.60
C ASN B 30 26.14 20.04 14.54
N SER B 31 26.96 19.07 14.93
CA SER B 31 27.95 18.49 14.02
C SER B 31 27.26 17.63 12.97
N SER B 32 27.85 17.60 11.78
CA SER B 32 27.28 16.83 10.66
C SER B 32 27.45 15.33 10.88
N ILE B 33 26.82 14.55 10.02
CA ILE B 33 26.85 13.09 10.14
C ILE B 33 27.78 12.46 9.12
N THR B 34 28.65 11.57 9.59
CA THR B 34 29.55 10.83 8.70
C THR B 34 28.78 9.86 7.84
N LYS B 35 29.30 9.61 6.63
CA LYS B 35 28.63 8.76 5.65
C LYS B 35 28.38 7.34 6.17
N ASN B 36 29.37 6.78 6.85
CA ASN B 36 29.24 5.46 7.45
C ASN B 36 29.07 5.54 8.96
N TRP B 37 27.97 6.15 9.39
CA TRP B 37 27.70 6.42 10.80
C TRP B 37 27.58 5.16 11.66
N TRP B 38 27.25 4.03 11.04
CA TRP B 38 26.97 2.81 11.79
C TRP B 38 28.21 2.19 12.42
N LYS B 39 29.39 2.59 11.95
CA LYS B 39 30.64 2.06 12.48
C LYS B 39 30.99 2.66 13.84
N ASP B 40 30.25 3.67 14.25
CA ASP B 40 30.49 4.33 15.54
C ASP B 40 29.88 3.53 16.69
N PHE B 41 29.24 2.41 16.36
CA PHE B 41 28.72 1.51 17.38
C PHE B 41 29.83 0.55 17.84
N ASP B 42 30.96 0.60 17.14
CA ASP B 42 32.12 -0.22 17.45
C ASP B 42 31.77 -1.70 17.47
N ASP B 43 30.94 -2.11 16.51
CA ASP B 43 30.48 -3.49 16.39
C ASP B 43 30.88 -4.05 15.02
N GLU B 44 31.84 -4.97 15.01
CA GLU B 44 32.32 -5.54 13.76
C GLU B 44 31.27 -6.45 13.13
N ASN B 45 30.44 -7.08 13.98
CA ASN B 45 29.35 -7.92 13.50
C ASN B 45 28.30 -7.08 12.78
N LEU B 46 28.03 -5.90 13.33
CA LEU B 46 27.08 -4.97 12.72
C LEU B 46 27.59 -4.46 11.38
N ASN B 47 28.90 -4.20 11.32
CA ASN B 47 29.51 -3.72 10.09
C ASN B 47 29.41 -4.73 8.96
N LYS B 48 29.56 -6.01 9.31
CA LYS B 48 29.49 -7.09 8.33
C LYS B 48 28.08 -7.25 7.78
N VAL B 49 27.07 -7.12 8.64
CA VAL B 49 25.69 -7.33 8.23
C VAL B 49 25.16 -6.15 7.43
N VAL B 50 25.79 -4.98 7.60
CA VAL B 50 25.43 -3.80 6.83
C VAL B 50 25.98 -3.94 5.41
N ASP B 51 27.22 -4.43 5.30
CA ASP B 51 27.84 -4.67 4.00
C ASP B 51 27.06 -5.71 3.21
N LEU B 52 26.55 -6.71 3.91
CA LEU B 52 25.72 -7.74 3.28
C LEU B 52 24.45 -7.15 2.71
N ALA B 53 23.87 -6.19 3.44
CA ALA B 53 22.68 -5.49 2.98
C ALA B 53 22.99 -4.66 1.74
N LEU B 54 24.07 -3.88 1.80
CA LEU B 54 24.48 -3.04 0.69
C LEU B 54 24.88 -3.88 -0.53
N LYS B 55 25.07 -5.18 -0.32
CA LYS B 55 25.45 -6.08 -1.38
C LYS B 55 24.27 -6.90 -1.90
N ASN B 56 23.40 -7.35 -0.99
CA ASN B 56 22.37 -8.32 -1.36
C ASN B 56 20.93 -7.82 -1.31
N ASN B 57 20.67 -6.71 -0.63
CA ASN B 57 19.30 -6.22 -0.47
C ASN B 57 18.61 -5.94 -1.82
N ASN B 58 17.47 -6.58 -2.02
CA ASN B 58 16.77 -6.50 -3.29
C ASN B 58 16.00 -5.19 -3.49
N ASP B 59 15.53 -4.59 -2.41
CA ASP B 59 14.89 -3.28 -2.49
C ASP B 59 15.90 -2.22 -2.93
N LEU B 60 17.14 -2.40 -2.50
CA LEU B 60 18.23 -1.52 -2.90
C LEU B 60 18.54 -1.70 -4.38
N LYS B 61 18.47 -2.94 -4.85
CA LYS B 61 18.68 -3.25 -6.26
C LYS B 61 17.57 -2.66 -7.11
N LEU B 62 16.33 -2.78 -6.65
CA LEU B 62 15.18 -2.22 -7.34
C LEU B 62 15.31 -0.72 -7.49
N ALA B 63 15.75 -0.06 -6.42
CA ALA B 63 15.95 1.38 -6.43
C ALA B 63 17.05 1.78 -7.40
N PHE B 64 18.05 0.92 -7.54
CA PHE B 64 19.15 1.15 -8.47
C PHE B 64 18.65 1.03 -9.91
N ILE B 65 17.81 0.02 -10.14
CA ILE B 65 17.25 -0.24 -11.47
C ILE B 65 16.30 0.89 -11.89
N HIS B 66 15.49 1.35 -10.94
CA HIS B 66 14.58 2.47 -11.19
C HIS B 66 15.35 3.71 -11.64
N MET B 67 16.54 3.88 -11.10
CA MET B 67 17.42 4.98 -11.48
C MET B 67 17.94 4.80 -12.90
N GLU B 68 18.31 3.57 -13.24
CA GLU B 68 18.79 3.25 -14.59
C GLU B 68 17.68 3.39 -15.62
N GLN B 69 16.46 3.07 -15.21
CA GLN B 69 15.29 3.21 -16.06
C GLN B 69 15.02 4.67 -16.38
N ALA B 70 15.20 5.52 -15.37
CA ALA B 70 15.01 6.96 -15.54
C ALA B 70 16.07 7.54 -16.47
N ALA B 71 17.28 6.98 -16.40
CA ALA B 71 18.37 7.40 -17.26
C ALA B 71 18.10 6.99 -18.70
N ALA B 72 17.44 5.84 -18.87
CA ALA B 72 17.09 5.34 -20.19
C ALA B 72 16.01 6.21 -20.84
N GLN B 73 15.02 6.60 -20.04
CA GLN B 73 13.94 7.45 -20.52
C GLN B 73 14.48 8.83 -20.87
N LEU B 74 15.49 9.26 -20.13
CA LEU B 74 16.18 10.52 -20.40
C LEU B 74 16.87 10.48 -21.76
N GLY B 75 17.43 9.31 -22.09
CA GLY B 75 18.10 9.14 -23.37
C GLY B 75 17.12 9.11 -24.53
N ILE B 76 15.95 8.55 -24.28
CA ILE B 76 14.88 8.50 -25.27
C ILE B 76 14.40 9.91 -25.63
N ASP B 77 14.18 10.71 -24.60
CA ASP B 77 13.64 12.07 -24.79
C ASP B 77 14.69 13.04 -25.33
N PHE B 78 15.96 12.72 -25.15
CA PHE B 78 17.03 13.54 -25.72
C PHE B 78 17.05 13.39 -27.24
N SER B 79 16.73 12.20 -27.71
CA SER B 79 16.77 11.90 -29.14
C SER B 79 15.74 12.70 -29.92
N SER B 80 14.67 13.10 -29.24
CA SER B 80 13.60 13.84 -29.89
C SER B 80 13.99 15.29 -30.21
N LEU B 81 15.18 15.68 -29.80
CA LEU B 81 15.71 17.01 -30.09
C LEU B 81 16.47 17.02 -31.41
N LEU B 82 16.60 15.85 -32.03
CA LEU B 82 17.44 15.70 -33.21
C LEU B 82 16.65 15.10 -34.38
N PRO B 83 17.05 15.43 -35.62
CA PRO B 83 16.39 14.89 -36.81
C PRO B 83 16.58 13.38 -36.95
N LYS B 84 15.50 12.69 -37.32
CA LYS B 84 15.53 11.24 -37.48
C LYS B 84 15.76 10.85 -38.94
N PHE B 85 16.56 9.81 -39.15
CA PHE B 85 16.82 9.33 -40.50
C PHE B 85 16.39 7.87 -40.65
N ASP B 86 15.61 7.61 -41.70
CA ASP B 86 15.10 6.27 -41.96
C ASP B 86 15.26 5.88 -43.42
N GLY B 87 15.42 4.59 -43.66
CA GLY B 87 15.48 4.06 -45.01
C GLY B 87 14.14 3.45 -45.38
N SER B 88 13.78 3.51 -46.65
CA SER B 88 12.50 2.98 -47.11
C SER B 88 12.59 2.41 -48.52
N ALA B 89 11.79 1.38 -48.77
CA ALA B 89 11.68 0.76 -50.09
C ALA B 89 10.28 0.19 -50.25
N SER B 90 9.65 0.49 -51.38
CA SER B 90 8.27 0.05 -51.59
C SER B 90 8.00 -0.33 -53.04
N GLY B 91 7.00 -1.18 -53.23
CA GLY B 91 6.57 -1.59 -54.55
C GLY B 91 5.07 -1.86 -54.54
N SER B 92 4.37 -1.35 -55.55
CA SER B 92 2.93 -1.52 -55.61
C SER B 92 2.41 -1.58 -57.05
N ARG B 93 1.36 -2.36 -57.25
CA ARG B 93 0.70 -2.48 -58.54
C ARG B 93 -0.77 -2.13 -58.37
N ALA B 94 -1.35 -1.45 -59.35
CA ALA B 94 -2.74 -1.01 -59.24
C ALA B 94 -3.49 -1.06 -60.56
N LYS B 95 -4.71 -1.55 -60.51
CA LYS B 95 -5.63 -1.45 -61.64
C LYS B 95 -6.51 -0.23 -61.44
N THR B 96 -6.12 0.87 -62.07
CA THR B 96 -6.89 2.10 -61.96
C THR B 96 -8.12 2.03 -62.84
N ALA B 97 -9.28 2.27 -62.24
CA ALA B 97 -10.55 2.15 -62.96
C ALA B 97 -10.67 3.20 -64.06
N ILE B 98 -11.56 2.93 -65.01
CA ILE B 98 -11.83 3.87 -66.09
C ILE B 98 -12.53 5.11 -65.55
N ASN B 99 -13.40 4.89 -64.57
CA ASN B 99 -14.20 5.97 -63.99
C ASN B 99 -13.46 6.76 -62.93
N ALA B 100 -12.23 6.36 -62.63
CA ALA B 100 -11.41 7.09 -61.68
C ALA B 100 -11.01 8.44 -62.27
N PRO B 101 -11.19 9.52 -61.49
CA PRO B 101 -10.91 10.90 -61.93
C PRO B 101 -9.47 11.09 -62.39
N SER B 102 -8.56 10.28 -61.89
CA SER B 102 -7.15 10.38 -62.27
C SER B 102 -6.88 9.71 -63.61
N ASN B 103 -7.82 8.89 -64.08
CA ASN B 103 -7.68 8.20 -65.35
C ASN B 103 -8.23 9.02 -66.51
N ARG B 104 -7.34 9.44 -67.42
CA ARG B 104 -7.74 10.25 -68.57
C ARG B 104 -7.75 9.46 -69.86
N THR B 105 -7.34 8.19 -69.80
CA THR B 105 -7.16 7.38 -70.99
C THR B 105 -8.47 6.80 -71.52
N GLY B 106 -9.49 6.76 -70.68
CA GLY B 106 -10.78 6.20 -71.05
C GLY B 106 -10.72 4.68 -71.12
N GLU B 107 -9.64 4.13 -70.58
CA GLU B 107 -9.41 2.69 -70.58
C GLU B 107 -8.92 2.25 -69.21
N VAL B 108 -9.04 0.95 -68.93
CA VAL B 108 -8.49 0.38 -67.70
C VAL B 108 -6.97 0.55 -67.70
N SER B 109 -6.43 1.03 -66.58
CA SER B 109 -5.01 1.32 -66.50
C SER B 109 -4.28 0.50 -65.44
N TYR B 110 -3.39 -0.38 -65.88
CA TYR B 110 -2.52 -1.13 -64.98
C TYR B 110 -1.17 -0.43 -64.90
N GLY B 111 -0.65 -0.25 -63.69
CA GLY B 111 0.60 0.44 -63.50
C GLY B 111 1.33 0.08 -62.22
N ASN B 112 2.63 0.34 -62.20
CA ASN B 112 3.45 0.04 -61.03
C ASN B 112 4.12 1.28 -60.47
N ASP B 113 4.65 1.16 -59.26
CA ASP B 113 5.37 2.24 -58.61
C ASP B 113 6.38 1.70 -57.62
N PHE B 114 7.66 1.93 -57.89
CA PHE B 114 8.72 1.46 -57.01
C PHE B 114 9.49 2.64 -56.42
N LYS B 115 9.69 2.62 -55.11
CA LYS B 115 10.41 3.69 -54.42
C LYS B 115 11.54 3.15 -53.54
N MET B 116 12.53 4.00 -53.29
CA MET B 116 13.69 3.64 -52.47
C MET B 116 14.52 4.88 -52.17
N GLY B 117 14.82 5.11 -50.89
CA GLY B 117 15.65 6.24 -50.51
C GLY B 117 15.72 6.52 -49.02
N LEU B 118 16.48 7.55 -48.66
CA LEU B 118 16.60 7.99 -47.26
C LEU B 118 15.51 9.00 -46.91
N ASN B 119 15.03 8.94 -45.67
CA ASN B 119 13.99 9.86 -45.23
C ASN B 119 14.44 10.75 -44.07
N LEU B 120 14.09 12.02 -44.14
CA LEU B 120 14.34 12.96 -43.06
C LEU B 120 13.04 13.35 -42.37
N SER B 121 13.04 13.28 -41.05
CA SER B 121 11.89 13.73 -40.26
C SER B 121 12.37 14.50 -39.04
N TYR B 122 12.01 15.77 -38.96
CA TYR B 122 12.46 16.64 -37.87
C TYR B 122 11.37 17.58 -37.41
N GLU B 123 11.06 17.53 -36.12
CA GLU B 123 10.09 18.43 -35.53
C GLU B 123 10.79 19.65 -34.94
N ILE B 124 10.57 20.81 -35.56
CA ILE B 124 11.22 22.03 -35.12
C ILE B 124 10.68 22.48 -33.76
N ASP B 125 11.55 22.47 -32.76
CA ASP B 125 11.16 22.75 -31.38
C ASP B 125 11.11 24.25 -31.11
N LEU B 126 10.21 24.94 -31.79
CA LEU B 126 10.08 26.38 -31.68
C LEU B 126 9.70 26.83 -30.27
N TRP B 127 8.89 26.03 -29.59
CA TRP B 127 8.31 26.45 -28.31
C TRP B 127 8.77 25.57 -27.14
N GLY B 128 9.76 24.73 -27.40
CA GLY B 128 10.34 23.90 -26.36
C GLY B 128 9.45 22.78 -25.88
N LYS B 129 8.61 22.26 -26.77
CA LYS B 129 7.77 21.12 -26.46
C LYS B 129 8.64 19.91 -26.12
N TYR B 130 9.72 19.74 -26.89
CA TYR B 130 10.61 18.59 -26.73
C TYR B 130 11.78 18.93 -25.81
N ARG B 131 12.11 20.21 -25.71
CA ARG B 131 13.16 20.64 -24.80
C ARG B 131 12.71 20.46 -23.35
N ASP B 132 11.47 20.82 -23.06
CA ASP B 132 10.92 20.70 -21.72
C ASP B 132 10.53 19.26 -21.41
N THR B 133 10.21 18.49 -22.44
CA THR B 133 9.99 17.06 -22.26
C THR B 133 11.28 16.40 -21.78
N TYR B 134 12.39 16.86 -22.35
CA TYR B 134 13.71 16.39 -21.97
C TYR B 134 14.09 16.85 -20.57
N ARG B 135 13.81 18.12 -20.27
CA ARG B 135 14.12 18.70 -18.97
C ARG B 135 13.30 18.04 -17.86
N ALA B 136 12.08 17.63 -18.19
CA ALA B 136 11.22 16.95 -17.23
C ALA B 136 11.80 15.59 -16.88
N SER B 137 12.32 14.89 -17.91
CA SER B 137 12.96 13.59 -17.70
C SER B 137 14.28 13.74 -16.96
N LYS B 138 14.94 14.88 -17.15
CA LYS B 138 16.20 15.15 -16.46
C LYS B 138 15.93 15.33 -14.97
N SER B 139 14.80 15.95 -14.65
CA SER B 139 14.38 16.12 -13.27
C SER B 139 13.86 14.80 -12.71
N GLY B 140 13.30 13.96 -13.58
CA GLY B 140 12.82 12.65 -13.20
C GLY B 140 13.98 11.74 -12.85
N PHE B 141 15.08 11.89 -13.57
CA PHE B 141 16.29 11.11 -13.30
C PHE B 141 16.94 11.54 -11.99
N LYS B 142 17.03 12.86 -11.78
CA LYS B 142 17.59 13.40 -10.56
C LYS B 142 16.76 12.96 -9.35
N ALA B 143 15.45 12.85 -9.55
CA ALA B 143 14.56 12.40 -8.50
C ALA B 143 14.80 10.92 -8.19
N SER B 144 15.12 10.15 -9.21
CA SER B 144 15.40 8.73 -9.05
C SER B 144 16.72 8.51 -8.32
N GLU B 145 17.65 9.46 -8.47
CA GLU B 145 18.92 9.40 -7.76
C GLU B 145 18.72 9.67 -6.27
N TYR B 146 17.89 10.66 -5.96
CA TYR B 146 17.56 10.99 -4.58
C TYR B 146 16.72 9.89 -3.95
N ASP B 147 15.89 9.24 -4.77
CA ASP B 147 15.10 8.11 -4.31
C ASP B 147 15.99 6.92 -3.97
N TYR B 148 17.10 6.79 -4.69
CA TYR B 148 18.06 5.73 -4.43
C TYR B 148 18.80 5.98 -3.12
N GLU B 149 19.17 7.24 -2.89
CA GLU B 149 19.82 7.64 -1.65
C GLU B 149 18.89 7.44 -0.47
N ALA B 150 17.61 7.75 -0.67
CA ALA B 150 16.59 7.56 0.35
C ALA B 150 16.41 6.07 0.63
N ALA B 151 16.44 5.27 -0.41
CA ALA B 151 16.29 3.82 -0.28
C ALA B 151 17.50 3.21 0.42
N ARG B 152 18.69 3.73 0.11
CA ARG B 152 19.92 3.25 0.71
C ARG B 152 19.91 3.50 2.21
N LEU B 153 19.58 4.73 2.60
CA LEU B 153 19.50 5.11 4.00
C LEU B 153 18.46 4.27 4.75
N SER B 154 17.33 4.04 4.09
CA SER B 154 16.24 3.25 4.68
C SER B 154 16.66 1.80 4.91
N VAL B 155 17.29 1.21 3.90
CA VAL B 155 17.74 -0.18 3.98
C VAL B 155 18.79 -0.37 5.07
N ILE B 156 19.75 0.55 5.13
CA ILE B 156 20.80 0.50 6.14
C ILE B 156 20.23 0.67 7.54
N SER B 157 19.37 1.68 7.72
CA SER B 157 18.76 1.95 9.02
C SER B 157 17.92 0.78 9.50
N ASN B 158 17.16 0.18 8.59
CA ASN B 158 16.34 -0.98 8.92
C ASN B 158 17.18 -2.19 9.30
N THR B 159 18.31 -2.36 8.61
CA THR B 159 19.23 -3.45 8.90
C THR B 159 19.87 -3.29 10.28
N VAL B 160 20.28 -2.07 10.60
CA VAL B 160 20.89 -1.78 11.90
C VAL B 160 19.91 -1.98 13.04
N GLN B 161 18.70 -1.47 12.87
CA GLN B 161 17.68 -1.55 13.90
C GLN B 161 17.13 -2.97 14.06
N THR B 162 17.19 -3.75 12.98
CA THR B 162 16.79 -5.15 13.04
C THR B 162 17.86 -5.95 13.78
N TYR B 163 19.12 -5.60 13.55
CA TYR B 163 20.24 -6.23 14.23
C TYR B 163 20.12 -6.03 15.74
N PHE B 164 19.85 -4.80 16.15
CA PHE B 164 19.74 -4.45 17.56
C PHE B 164 18.53 -5.09 18.21
N ASN B 165 17.44 -5.20 17.46
CA ASN B 165 16.26 -5.91 17.94
C ASN B 165 16.54 -7.40 18.10
N LEU B 166 17.43 -7.91 17.27
CA LEU B 166 17.84 -9.31 17.35
C LEU B 166 18.70 -9.55 18.58
N VAL B 167 19.66 -8.66 18.80
CA VAL B 167 20.53 -8.76 19.98
C VAL B 167 19.71 -8.61 21.25
N ASN B 168 18.71 -7.74 21.19
CA ASN B 168 17.77 -7.55 22.29
C ASN B 168 17.02 -8.85 22.55
N ALA B 169 16.67 -9.55 21.48
CA ALA B 169 15.94 -10.81 21.58
C ALA B 169 16.83 -11.91 22.13
N TYR B 170 18.11 -11.88 21.76
CA TYR B 170 19.07 -12.84 22.29
C TYR B 170 19.27 -12.66 23.79
N GLU B 171 19.39 -11.40 24.20
CA GLU B 171 19.62 -11.07 25.61
C GLU B 171 18.46 -11.49 26.50
N ASN B 172 17.24 -11.22 26.04
CA ASN B 172 16.05 -11.61 26.79
C ASN B 172 15.87 -13.12 26.83
N GLU B 173 16.26 -13.79 25.75
CA GLU B 173 16.19 -15.24 25.67
C GLU B 173 17.18 -15.90 26.62
N ASN B 174 18.39 -15.34 26.67
CA ASN B 174 19.43 -15.87 27.54
C ASN B 174 19.11 -15.64 29.02
N ALA B 175 18.49 -14.49 29.31
CA ALA B 175 18.08 -14.16 30.66
C ALA B 175 16.95 -15.09 31.11
N LEU B 176 16.06 -15.41 30.17
CA LEU B 176 14.95 -16.31 30.44
C LEU B 176 15.40 -17.77 30.44
N LYS B 177 16.57 -18.03 29.88
CA LYS B 177 17.15 -19.36 29.91
C LYS B 177 17.58 -19.69 31.34
N GLU B 178 18.38 -18.81 31.93
CA GLU B 178 18.83 -18.96 33.31
C GLU B 178 17.67 -18.95 34.28
N ALA B 179 16.70 -18.07 34.03
CA ALA B 179 15.50 -17.98 34.85
C ALA B 179 14.75 -19.30 34.82
N TYR B 180 14.83 -20.00 33.70
CA TYR B 180 14.19 -21.31 33.56
C TYR B 180 14.99 -22.40 34.27
N GLU B 181 16.31 -22.33 34.15
CA GLU B 181 17.20 -23.33 34.74
C GLU B 181 17.05 -23.40 36.26
N SER B 182 17.16 -22.25 36.91
CA SER B 182 17.08 -22.19 38.36
C SER B 182 15.68 -22.48 38.85
N ALA B 183 14.68 -22.15 38.03
CA ALA B 183 13.30 -22.46 38.36
C ALA B 183 13.07 -23.96 38.35
N LYS B 184 13.82 -24.65 37.50
CA LYS B 184 13.76 -26.11 37.45
C LYS B 184 14.44 -26.70 38.68
N GLU B 185 15.51 -26.04 39.11
CA GLU B 185 16.23 -26.45 40.32
C GLU B 185 15.37 -26.23 41.55
N ILE B 186 14.63 -25.14 41.56
CA ILE B 186 13.72 -24.82 42.66
C ILE B 186 12.67 -25.92 42.81
N TYR B 187 12.09 -26.33 41.69
CA TYR B 187 11.06 -27.36 41.70
C TYR B 187 11.64 -28.72 42.11
N ARG B 188 12.85 -29.01 41.65
CA ARG B 188 13.51 -30.28 41.97
C ARG B 188 13.73 -30.41 43.48
N ILE B 189 14.10 -29.31 44.11
CA ILE B 189 14.29 -29.27 45.55
C ILE B 189 12.96 -29.48 46.28
N ASN B 190 11.93 -28.76 45.85
CA ASN B 190 10.62 -28.87 46.47
C ASN B 190 9.94 -30.21 46.18
N ASP B 191 10.37 -30.89 45.13
CA ASP B 191 9.82 -32.21 44.81
C ASP B 191 10.42 -33.27 45.72
N GLU B 192 11.71 -33.10 46.05
CA GLU B 192 12.38 -34.02 46.96
C GLU B 192 11.85 -33.85 48.38
N LYS B 193 11.72 -32.61 48.80
CA LYS B 193 11.20 -32.30 50.14
C LYS B 193 9.78 -32.81 50.32
N PHE B 194 9.01 -32.84 49.23
CA PHE B 194 7.62 -33.28 49.27
C PHE B 194 7.50 -34.77 49.58
N GLN B 195 8.35 -35.56 48.95
CA GLN B 195 8.29 -37.02 49.08
C GLN B 195 8.72 -37.49 50.47
N VAL B 196 9.44 -36.64 51.20
CA VAL B 196 9.83 -36.95 52.57
C VAL B 196 9.00 -36.14 53.56
N GLY B 197 8.06 -35.35 53.03
CA GLY B 197 7.12 -34.61 53.84
C GLY B 197 7.64 -33.31 54.43
N ALA B 198 8.56 -32.67 53.72
CA ALA B 198 9.16 -31.42 54.20
C ALA B 198 8.43 -30.19 53.64
N VAL B 199 7.71 -30.38 52.54
CA VAL B 199 6.86 -29.31 52.01
C VAL B 199 5.48 -29.85 51.69
N GLY B 200 4.48 -28.96 51.69
CA GLY B 200 3.12 -29.35 51.42
C GLY B 200 2.76 -29.35 49.95
N GLU B 201 1.56 -29.80 49.64
CA GLU B 201 1.07 -29.84 48.26
C GLU B 201 0.93 -28.43 47.69
N TYR B 202 0.63 -27.48 48.57
CA TYR B 202 0.45 -26.09 48.16
C TYR B 202 1.76 -25.48 47.65
N GLU B 203 2.84 -25.68 48.38
CA GLU B 203 4.14 -25.13 48.01
C GLU B 203 4.71 -25.82 46.78
N LEU B 204 4.49 -27.12 46.67
CA LEU B 204 4.95 -27.89 45.51
C LEU B 204 4.25 -27.41 44.25
N ALA B 205 2.96 -27.06 44.37
CA ALA B 205 2.19 -26.57 43.24
C ALA B 205 2.68 -25.20 42.80
N GLN B 206 3.10 -24.39 43.77
CA GLN B 206 3.62 -23.06 43.47
C GLN B 206 4.96 -23.13 42.76
N ALA B 207 5.78 -24.11 43.15
CA ALA B 207 7.07 -24.32 42.51
C ALA B 207 6.88 -24.86 41.10
N ARG B 208 5.84 -25.67 40.91
CA ARG B 208 5.55 -26.25 39.61
C ARG B 208 4.94 -25.22 38.66
N ALA B 209 4.01 -24.42 39.19
CA ALA B 209 3.41 -23.34 38.42
C ALA B 209 4.47 -22.36 37.95
N ASN B 210 5.43 -22.08 38.83
CA ASN B 210 6.54 -21.20 38.52
C ASN B 210 7.43 -21.79 37.44
N LEU B 211 7.63 -23.11 37.50
CA LEU B 211 8.46 -23.81 36.54
C LEU B 211 7.85 -23.74 35.14
N GLU B 212 6.55 -24.04 35.04
CA GLU B 212 5.87 -24.04 33.76
C GLU B 212 5.73 -22.64 33.18
N SER B 213 5.51 -21.66 34.06
CA SER B 213 5.40 -20.26 33.64
C SER B 213 6.70 -19.79 33.02
N MET B 214 7.82 -20.14 33.65
CA MET B 214 9.14 -19.79 33.14
C MET B 214 9.42 -20.48 31.80
N ALA B 215 9.05 -21.74 31.71
CA ALA B 215 9.24 -22.52 30.49
C ALA B 215 8.42 -21.92 29.34
N LEU B 216 7.25 -21.40 29.67
CA LEU B 216 6.38 -20.76 28.70
C LEU B 216 6.98 -19.43 28.24
N GLN B 217 7.46 -18.65 29.19
CA GLN B 217 8.09 -17.36 28.90
C GLN B 217 9.37 -17.56 28.10
N TYR B 218 10.10 -18.63 28.42
CA TYR B 218 11.35 -18.96 27.75
C TYR B 218 11.13 -19.20 26.26
N ASN B 219 10.18 -20.07 25.93
CA ASN B 219 9.90 -20.41 24.53
C ASN B 219 9.33 -19.23 23.74
N GLU B 220 8.67 -18.31 24.42
CA GLU B 220 8.19 -17.09 23.79
C GLU B 220 9.37 -16.23 23.36
N ALA B 221 10.40 -16.21 24.20
CA ALA B 221 11.61 -15.44 23.92
C ALA B 221 12.36 -16.02 22.73
N LYS B 222 12.40 -17.35 22.65
CA LYS B 222 12.99 -18.04 21.50
C LYS B 222 12.24 -17.66 20.23
N LEU B 223 10.92 -17.65 20.33
CA LEU B 223 10.05 -17.35 19.20
C LEU B 223 10.24 -15.91 18.74
N ASN B 224 10.36 -15.00 19.70
CA ASN B 224 10.61 -13.60 19.41
C ASN B 224 11.99 -13.41 18.79
N LYS B 225 12.93 -14.27 19.17
CA LYS B 225 14.27 -14.22 18.64
C LYS B 225 14.31 -14.71 17.19
N GLU B 226 13.54 -15.77 16.92
CA GLU B 226 13.47 -16.34 15.58
C GLU B 226 12.80 -15.38 14.60
N ASN B 227 11.90 -14.54 15.11
CA ASN B 227 11.20 -13.58 14.29
C ASN B 227 12.12 -12.50 13.75
N TYR B 228 13.05 -12.04 14.59
CA TYR B 228 14.00 -11.00 14.21
C TYR B 228 15.19 -11.58 13.48
N LEU B 229 15.45 -12.87 13.68
CA LEU B 229 16.50 -13.56 12.94
C LEU B 229 16.07 -13.67 11.48
N LYS B 230 14.82 -14.08 11.27
CA LYS B 230 14.25 -14.15 9.93
C LYS B 230 14.29 -12.78 9.24
N ALA B 231 13.92 -11.75 9.99
CA ALA B 231 13.89 -10.39 9.47
C ALA B 231 15.26 -9.93 9.00
N LEU B 232 16.30 -10.33 9.73
CA LEU B 232 17.66 -9.94 9.39
C LEU B 232 18.17 -10.70 8.17
N LYS B 233 17.80 -11.97 8.07
CA LYS B 233 18.19 -12.81 6.94
C LYS B 233 17.62 -12.29 5.62
N ILE B 234 16.33 -11.95 5.64
CA ILE B 234 15.65 -11.45 4.46
C ILE B 234 16.26 -10.13 3.98
N LEU B 235 16.78 -9.35 4.93
CA LEU B 235 17.34 -8.05 4.62
C LEU B 235 18.75 -8.10 4.02
N THR B 236 19.50 -9.16 4.31
CA THR B 236 20.95 -9.15 4.06
C THR B 236 21.52 -10.35 3.30
N SER B 237 20.76 -11.44 3.20
CA SER B 237 21.32 -12.68 2.67
C SER B 237 20.83 -13.04 1.27
N ASN B 238 21.71 -13.67 0.50
CA ASN B 238 21.36 -14.22 -0.82
C ASN B 238 21.63 -15.72 -0.85
N ASP B 239 21.94 -16.28 0.32
CA ASP B 239 22.21 -17.70 0.46
C ASP B 239 21.03 -18.39 1.12
N LEU B 240 20.44 -19.36 0.43
CA LEU B 240 19.23 -20.03 0.90
C LEU B 240 19.48 -20.90 2.13
N ASN B 241 20.67 -21.49 2.21
CA ASN B 241 21.04 -22.29 3.38
C ASN B 241 21.26 -21.41 4.60
N ASP B 242 21.87 -20.25 4.37
CA ASP B 242 22.08 -19.27 5.44
C ASP B 242 20.74 -18.82 6.01
N ILE B 243 19.79 -18.58 5.11
CA ILE B 243 18.44 -18.17 5.49
C ILE B 243 17.74 -19.27 6.28
N LEU B 244 17.92 -20.51 5.85
CA LEU B 244 17.22 -21.63 6.46
C LEU B 244 17.81 -22.09 7.79
N TYR B 245 19.13 -22.22 7.87
CA TYR B 245 19.73 -22.94 8.99
C TYR B 245 20.71 -22.13 9.86
N LYS B 246 21.33 -21.11 9.28
CA LYS B 246 22.35 -20.37 10.02
C LYS B 246 21.78 -19.35 11.01
N ASN B 247 22.63 -18.89 11.92
CA ASN B 247 22.26 -17.87 12.90
C ASN B 247 23.08 -16.60 12.69
N GLN B 248 23.12 -15.75 13.72
CA GLN B 248 23.81 -14.47 13.61
C GLN B 248 24.69 -14.20 14.82
N SER B 249 26.00 -14.10 14.59
CA SER B 249 26.94 -13.68 15.62
C SER B 249 26.72 -12.20 15.92
N TYR B 250 26.85 -11.83 17.19
CA TYR B 250 26.55 -10.46 17.59
C TYR B 250 27.41 -9.95 18.74
N GLN B 251 27.18 -8.70 19.12
CA GLN B 251 27.93 -8.06 20.20
C GLN B 251 27.00 -7.17 21.01
N VAL B 252 27.09 -7.29 22.34
CA VAL B 252 26.26 -6.50 23.25
C VAL B 252 26.54 -5.01 23.12
N PHE B 253 25.46 -4.21 23.08
CA PHE B 253 25.58 -2.77 23.01
C PHE B 253 25.96 -2.17 24.35
N ASN B 254 27.05 -1.41 24.36
CA ASN B 254 27.48 -0.70 25.56
C ASN B 254 27.32 0.81 25.41
N LEU B 255 26.81 1.45 26.45
CA LEU B 255 26.47 2.86 26.40
C LEU B 255 27.71 3.74 26.21
N LYS B 256 27.75 4.41 25.06
CA LYS B 256 28.75 5.43 24.80
C LYS B 256 28.06 6.70 24.35
N GLU B 257 28.83 7.74 24.05
CA GLU B 257 28.26 8.98 23.53
C GLU B 257 28.49 9.08 22.02
N PHE B 258 27.44 9.49 21.31
CA PHE B 258 27.50 9.57 19.85
C PHE B 258 27.46 11.03 19.37
N ASP B 259 28.26 11.33 18.35
CA ASP B 259 28.27 12.67 17.76
C ASP B 259 27.09 12.85 16.80
N ILE B 260 25.91 13.09 17.37
CA ILE B 260 24.71 13.30 16.57
C ILE B 260 24.07 14.64 16.92
N PRO B 261 23.33 15.24 15.97
CA PRO B 261 22.66 16.51 16.20
C PRO B 261 21.69 16.48 17.38
N THR B 262 21.56 17.61 18.07
CA THR B 262 20.62 17.74 19.18
C THR B 262 19.57 18.79 18.85
N GLY B 263 19.75 19.43 17.70
CA GLY B 263 18.82 20.42 17.20
C GLY B 263 18.71 20.32 15.69
N ILE B 264 17.69 20.94 15.12
CA ILE B 264 17.49 20.85 13.67
C ILE B 264 18.57 21.64 12.93
N SER B 265 18.99 21.12 11.78
CA SER B 265 20.02 21.76 10.99
C SER B 265 19.48 22.96 10.22
N SER B 266 20.37 23.89 9.89
CA SER B 266 19.98 25.08 9.14
C SER B 266 19.89 24.78 7.64
N THR B 267 20.40 23.62 7.26
CA THR B 267 20.38 23.17 5.88
C THR B 267 19.71 21.79 5.75
N ILE B 268 18.64 21.60 6.49
CA ILE B 268 17.95 20.31 6.53
C ILE B 268 17.31 19.96 5.19
N LEU B 269 16.98 20.99 4.41
CA LEU B 269 16.37 20.79 3.10
C LEU B 269 17.36 20.19 2.12
N LEU B 270 18.64 20.45 2.35
CA LEU B 270 19.69 19.96 1.47
C LEU B 270 20.31 18.68 1.99
N GLN B 271 19.82 18.18 3.12
CA GLN B 271 20.44 17.02 3.76
C GLN B 271 19.54 15.78 3.81
N ARG B 272 18.27 15.95 3.44
CA ARG B 272 17.36 14.81 3.36
C ARG B 272 17.04 14.46 1.90
N PRO B 273 17.32 13.21 1.51
CA PRO B 273 17.12 12.72 0.14
C PRO B 273 15.66 12.80 -0.31
N ASP B 274 14.73 12.55 0.60
CA ASP B 274 13.32 12.53 0.26
C ASP B 274 12.80 13.92 -0.07
N ILE B 275 13.38 14.94 0.57
CA ILE B 275 13.01 16.32 0.28
C ILE B 275 13.52 16.72 -1.10
N GLY B 276 14.74 16.31 -1.43
CA GLY B 276 15.32 16.58 -2.72
C GLY B 276 14.58 15.89 -3.83
N SER B 277 14.22 14.63 -3.60
CA SER B 277 13.44 13.85 -4.54
C SER B 277 12.09 14.50 -4.80
N SER B 278 11.43 14.92 -3.72
CA SER B 278 10.13 15.56 -3.82
C SER B 278 10.24 16.90 -4.56
N LEU B 279 11.38 17.56 -4.40
CA LEU B 279 11.64 18.82 -5.09
C LEU B 279 11.74 18.60 -6.60
N GLU B 280 12.57 17.63 -6.98
CA GLU B 280 12.82 17.35 -8.40
C GLU B 280 11.57 16.88 -9.13
N LYS B 281 10.70 16.17 -8.42
CA LYS B 281 9.45 15.71 -9.00
C LYS B 281 8.50 16.89 -9.22
N LEU B 282 8.71 17.96 -8.47
CA LEU B 282 7.92 19.17 -8.61
C LEU B 282 8.34 19.96 -9.84
N THR B 283 9.65 20.10 -10.05
CA THR B 283 10.17 20.81 -11.22
C THR B 283 9.85 20.01 -12.49
N GLN B 284 9.77 18.69 -12.33
CA GLN B 284 9.45 17.80 -13.44
C GLN B 284 8.05 18.11 -13.97
N GLN B 285 7.09 18.21 -13.05
CA GLN B 285 5.71 18.52 -13.41
C GLN B 285 5.59 19.96 -13.93
N ASN B 286 6.45 20.84 -13.42
CA ASN B 286 6.45 22.23 -13.85
C ASN B 286 6.88 22.36 -15.30
N TYR B 287 7.85 21.53 -15.71
CA TYR B 287 8.30 21.50 -17.09
C TYR B 287 7.22 20.95 -18.01
N LEU B 288 6.43 20.02 -17.49
CA LEU B 288 5.37 19.38 -18.27
C LEU B 288 4.20 20.33 -18.50
N VAL B 289 4.11 21.37 -17.66
CA VAL B 289 3.12 22.42 -17.87
C VAL B 289 3.45 23.17 -19.16
N GLY B 290 4.74 23.45 -19.34
CA GLY B 290 5.21 24.11 -20.55
C GLY B 290 4.93 23.29 -21.79
N VAL B 291 5.18 21.99 -21.71
CA VAL B 291 4.94 21.06 -22.81
C VAL B 291 3.47 21.10 -23.23
N ALA B 292 2.59 21.13 -22.23
CA ALA B 292 1.15 21.12 -22.50
C ALA B 292 0.69 22.42 -23.14
N ARG B 293 1.36 23.52 -22.80
CA ARG B 293 0.96 24.84 -23.32
C ARG B 293 1.43 25.06 -24.75
N THR B 294 2.38 24.26 -25.21
CA THR B 294 2.89 24.38 -26.58
C THR B 294 1.86 23.92 -27.60
N ALA B 295 0.84 23.20 -27.14
CA ALA B 295 -0.22 22.70 -28.00
C ALA B 295 -1.05 23.84 -28.60
N PHE B 296 -1.05 24.98 -27.93
CA PHE B 296 -1.75 26.16 -28.40
C PHE B 296 -1.02 26.82 -29.58
N LEU B 297 0.29 26.60 -29.66
CA LEU B 297 1.13 27.30 -30.62
C LEU B 297 1.43 26.46 -31.86
N PRO B 298 1.70 27.14 -33.00
CA PRO B 298 2.00 26.47 -34.28
C PRO B 298 3.18 25.50 -34.20
N SER B 299 2.97 24.29 -34.70
CA SER B 299 4.02 23.29 -34.78
C SER B 299 4.60 23.24 -36.19
N LEU B 300 5.92 23.09 -36.29
CA LEU B 300 6.59 23.03 -37.58
C LEU B 300 7.28 21.68 -37.79
N SER B 301 6.95 21.03 -38.91
CA SER B 301 7.50 19.72 -39.20
C SER B 301 8.31 19.73 -40.50
N LEU B 302 9.52 19.19 -40.44
CA LEU B 302 10.40 19.13 -41.60
C LEU B 302 10.53 17.71 -42.13
N THR B 303 10.33 17.54 -43.43
CA THR B 303 10.50 16.24 -44.07
C THR B 303 11.40 16.35 -45.29
N GLY B 304 12.17 15.29 -45.54
CA GLY B 304 13.09 15.27 -46.67
C GLY B 304 13.26 13.88 -47.23
N LEU B 305 13.41 13.79 -48.55
CA LEU B 305 13.61 12.50 -49.20
C LEU B 305 14.76 12.58 -50.20
N LEU B 306 15.56 11.52 -50.24
CA LEU B 306 16.61 11.40 -51.24
C LEU B 306 16.72 9.95 -51.69
N GLY B 307 16.31 9.67 -52.92
CA GLY B 307 16.35 8.31 -53.42
C GLY B 307 15.88 8.13 -54.85
N PHE B 308 15.03 7.13 -55.07
CA PHE B 308 14.63 6.74 -56.41
C PHE B 308 13.14 6.47 -56.55
N GLU B 309 12.62 6.68 -57.76
CA GLU B 309 11.25 6.30 -58.09
C GLU B 309 11.12 5.95 -59.57
N SER B 310 10.47 4.82 -59.85
CA SER B 310 10.25 4.39 -61.23
C SER B 310 9.01 3.53 -61.35
N GLY B 311 8.44 3.49 -62.54
CA GLY B 311 7.28 2.66 -62.83
C GLY B 311 7.70 1.24 -63.16
N ASP B 312 9.01 1.03 -63.24
CA ASP B 312 9.57 -0.28 -63.51
C ASP B 312 10.73 -0.57 -62.56
N LEU B 313 10.82 -1.82 -62.11
CA LEU B 313 11.87 -2.20 -61.17
C LEU B 313 13.24 -2.21 -61.83
N ASP B 314 13.29 -2.59 -63.10
CA ASP B 314 14.56 -2.72 -63.80
C ASP B 314 15.29 -1.39 -64.00
N THR B 315 14.57 -0.29 -63.90
CA THR B 315 15.18 1.04 -64.04
C THR B 315 15.13 1.84 -62.75
N LEU B 316 14.94 1.14 -61.63
CA LEU B 316 14.75 1.80 -60.34
C LEU B 316 15.97 2.60 -59.91
N VAL B 317 17.17 2.06 -60.12
CA VAL B 317 18.39 2.74 -59.69
C VAL B 317 19.12 3.43 -60.85
N LYS B 318 18.40 3.64 -61.95
CA LYS B 318 18.96 4.38 -63.07
C LYS B 318 19.02 5.87 -62.77
N GLY B 319 19.70 6.62 -63.62
CA GLY B 319 19.87 8.05 -63.42
C GLY B 319 18.56 8.82 -63.51
N GLY B 320 17.69 8.40 -64.43
CA GLY B 320 16.41 9.05 -64.63
C GLY B 320 15.37 8.69 -63.57
N SER B 321 15.82 7.98 -62.54
CA SER B 321 14.93 7.62 -61.45
C SER B 321 15.30 8.39 -60.18
N LYS B 322 16.42 9.11 -60.23
CA LYS B 322 16.85 9.92 -59.09
C LYS B 322 15.83 11.00 -58.76
N THR B 323 15.52 11.14 -57.49
CA THR B 323 14.52 12.11 -57.04
C THR B 323 14.80 12.60 -55.63
N TRP B 324 14.29 13.79 -55.31
CA TRP B 324 14.36 14.31 -53.95
C TRP B 324 13.23 15.30 -53.70
N ASN B 325 12.91 15.50 -52.43
CA ASN B 325 11.97 16.54 -52.02
C ASN B 325 12.25 17.03 -50.60
N ILE B 326 11.84 18.25 -50.32
CA ILE B 326 11.95 18.83 -48.99
C ILE B 326 10.66 19.56 -48.68
N GLY B 327 10.16 19.38 -47.46
CA GLY B 327 8.88 19.95 -47.08
C GLY B 327 8.79 20.47 -45.66
N GLY B 328 8.01 21.52 -45.48
CA GLY B 328 7.73 22.06 -44.16
C GLY B 328 6.23 22.18 -43.98
N ASN B 329 5.75 21.94 -42.77
CA ASN B 329 4.31 21.98 -42.50
C ASN B 329 3.97 22.67 -41.19
N PHE B 330 3.19 23.74 -41.27
CA PHE B 330 2.70 24.42 -40.08
C PHE B 330 1.29 23.96 -39.75
N THR B 331 1.03 23.69 -38.47
CA THR B 331 -0.31 23.36 -38.01
C THR B 331 -0.65 24.18 -36.77
N LEU B 332 -1.86 24.74 -36.76
CA LEU B 332 -2.29 25.65 -35.69
C LEU B 332 -3.76 25.40 -35.35
N PRO B 333 -4.02 24.92 -34.13
CA PRO B 333 -5.40 24.74 -33.68
C PRO B 333 -6.15 26.07 -33.59
N ILE B 334 -7.40 26.09 -34.06
CA ILE B 334 -8.21 27.29 -34.02
C ILE B 334 -9.29 27.17 -32.94
N PHE B 335 -10.23 26.26 -33.16
CA PHE B 335 -11.27 25.98 -32.17
C PHE B 335 -11.30 24.49 -31.83
N HIS B 336 -10.92 24.15 -30.61
CA HIS B 336 -10.98 22.77 -30.15
C HIS B 336 -11.93 22.65 -28.96
N TRP B 337 -12.61 23.75 -28.64
CA TRP B 337 -13.69 23.79 -27.67
C TRP B 337 -13.29 23.26 -26.28
N GLY B 338 -12.15 23.73 -25.78
CA GLY B 338 -11.73 23.41 -24.43
C GLY B 338 -10.75 22.28 -24.30
N GLU B 339 -10.56 21.51 -25.38
CA GLU B 339 -9.69 20.34 -25.37
C GLU B 339 -8.27 20.67 -24.91
N ILE B 340 -7.69 21.71 -25.52
CA ILE B 340 -6.32 22.10 -25.22
C ILE B 340 -6.25 22.85 -23.89
N TYR B 341 -7.23 23.70 -23.65
CA TYR B 341 -7.31 24.48 -22.41
C TYR B 341 -7.40 23.58 -21.17
N GLN B 342 -8.17 22.49 -21.29
CA GLN B 342 -8.36 21.58 -20.17
C GLN B 342 -7.15 20.65 -20.01
N ASN B 343 -6.40 20.44 -21.09
CA ASN B 343 -5.17 19.67 -21.00
C ASN B 343 -4.10 20.43 -20.24
N VAL B 344 -4.07 21.74 -20.44
CA VAL B 344 -3.16 22.63 -19.72
C VAL B 344 -3.56 22.70 -18.25
N ASN B 345 -4.86 22.80 -18.01
CA ASN B 345 -5.39 22.75 -16.65
C ASN B 345 -4.98 21.47 -15.93
N LEU B 346 -5.13 20.35 -16.62
CA LEU B 346 -4.77 19.05 -16.07
C LEU B 346 -3.28 18.98 -15.73
N ALA B 347 -2.45 19.57 -16.57
CA ALA B 347 -1.01 19.61 -16.35
C ALA B 347 -0.65 20.51 -15.18
N LYS B 348 -1.41 21.60 -15.02
CA LYS B 348 -1.19 22.52 -13.92
C LYS B 348 -1.64 21.91 -12.59
N LEU B 349 -2.65 21.05 -12.66
CA LEU B 349 -3.13 20.36 -11.47
C LEU B 349 -2.17 19.25 -11.04
N ASN B 350 -1.49 18.66 -12.02
CA ASN B 350 -0.46 17.65 -11.74
C ASN B 350 0.71 18.30 -11.01
N LYS B 351 1.02 19.54 -11.40
CA LYS B 351 2.06 20.31 -10.72
C LYS B 351 1.64 20.65 -9.30
N ASP B 352 0.38 21.04 -9.13
CA ASP B 352 -0.17 21.34 -7.82
C ASP B 352 -0.09 20.13 -6.90
N GLU B 353 -0.39 18.96 -7.46
CA GLU B 353 -0.32 17.71 -6.71
C GLU B 353 1.10 17.44 -6.25
N ALA B 354 2.07 17.72 -7.13
CA ALA B 354 3.47 17.53 -6.80
C ALA B 354 3.93 18.55 -5.75
N PHE B 355 3.29 19.71 -5.75
CA PHE B 355 3.59 20.74 -4.76
C PHE B 355 3.07 20.31 -3.39
N VAL B 356 1.85 19.78 -3.37
CA VAL B 356 1.25 19.31 -2.14
C VAL B 356 2.04 18.13 -1.57
N ASN B 357 2.53 17.27 -2.46
CA ASN B 357 3.39 16.17 -2.06
C ASN B 357 4.68 16.69 -1.43
N TYR B 358 5.18 17.81 -1.95
CA TYR B 358 6.38 18.44 -1.41
C TYR B 358 6.14 18.98 -0.01
N GLN B 359 5.03 19.70 0.15
CA GLN B 359 4.65 20.25 1.44
C GLN B 359 4.54 19.14 2.48
N ASN B 360 3.87 18.05 2.11
CA ASN B 360 3.64 16.92 3.01
C ASN B 360 4.95 16.23 3.40
N THR B 361 5.89 16.18 2.47
CA THR B 361 7.21 15.62 2.74
C THR B 361 7.98 16.51 3.72
N LEU B 362 7.79 17.82 3.58
CA LEU B 362 8.41 18.78 4.49
C LEU B 362 7.85 18.66 5.90
N ILE B 363 6.52 18.63 5.99
CA ILE B 363 5.83 18.54 7.28
C ILE B 363 6.19 17.26 8.02
N THR B 364 6.18 16.15 7.30
CA THR B 364 6.49 14.85 7.88
C THR B 364 7.94 14.80 8.38
N ALA B 365 8.85 15.32 7.57
CA ALA B 365 10.27 15.34 7.93
C ALA B 365 10.52 16.07 9.25
N PHE B 366 9.92 17.26 9.38
CA PHE B 366 10.04 18.06 10.60
C PHE B 366 9.42 17.36 11.80
N GLY B 367 8.34 16.62 11.55
CA GLY B 367 7.68 15.87 12.60
C GLY B 367 8.55 14.74 13.09
N GLU B 368 9.21 14.07 12.16
CA GLU B 368 10.12 12.97 12.50
C GLU B 368 11.33 13.50 13.28
N ILE B 369 11.82 14.66 12.91
CA ILE B 369 12.97 15.28 13.57
C ILE B 369 12.65 15.65 15.02
N ARG B 370 11.47 16.20 15.24
CA ARG B 370 11.04 16.56 16.59
C ARG B 370 10.98 15.34 17.50
N TYR B 371 10.34 14.28 17.01
CA TYR B 371 10.18 13.06 17.80
C TYR B 371 11.52 12.37 18.04
N ALA B 372 12.33 12.25 16.99
CA ALA B 372 13.62 11.57 17.10
C ALA B 372 14.53 12.24 18.13
N LEU B 373 14.52 13.56 18.15
CA LEU B 373 15.34 14.32 19.09
C LEU B 373 14.85 14.17 20.53
N VAL B 374 13.54 14.32 20.71
CA VAL B 374 12.95 14.21 22.05
C VAL B 374 13.04 12.77 22.58
N ALA B 375 12.77 11.80 21.71
CA ALA B 375 12.83 10.39 22.11
C ALA B 375 14.24 10.01 22.52
N ARG B 376 15.23 10.48 21.78
CA ARG B 376 16.63 10.14 22.04
C ARG B 376 17.05 10.52 23.46
N LYS B 377 16.74 11.75 23.85
CA LYS B 377 17.13 12.25 25.16
C LYS B 377 16.25 11.69 26.28
N THR B 378 15.02 11.34 25.96
CA THR B 378 14.10 10.79 26.94
C THR B 378 14.48 9.34 27.27
N ILE B 379 14.81 8.58 26.23
CA ILE B 379 15.22 7.19 26.39
C ILE B 379 16.59 7.14 27.08
N ARG B 380 17.38 8.21 26.90
CA ARG B 380 18.66 8.33 27.59
C ARG B 380 18.45 8.36 29.11
N LEU B 381 17.40 9.04 29.54
CA LEU B 381 17.02 9.07 30.94
C LEU B 381 16.54 7.69 31.39
N GLN B 382 15.76 7.05 30.53
CA GLN B 382 15.23 5.71 30.80
C GLN B 382 16.34 4.69 30.99
N TYR B 383 17.48 4.92 30.33
CA TYR B 383 18.62 4.03 30.44
C TYR B 383 19.11 3.98 31.88
N ASP B 384 19.25 5.15 32.49
CA ASP B 384 19.70 5.24 33.87
C ASP B 384 18.65 4.71 34.83
N ASN B 385 17.38 4.94 34.50
CA ASN B 385 16.28 4.47 35.33
C ASN B 385 16.18 2.94 35.33
N ALA B 386 16.21 2.36 34.14
CA ALA B 386 16.08 0.90 34.00
C ALA B 386 17.28 0.17 34.57
N GLN B 387 18.45 0.80 34.51
CA GLN B 387 19.67 0.21 35.05
C GLN B 387 19.63 0.20 36.57
N ALA B 388 19.23 1.31 37.16
CA ALA B 388 19.13 1.42 38.61
C ALA B 388 18.00 0.54 39.14
N SER B 389 16.91 0.46 38.40
CA SER B 389 15.77 -0.37 38.77
C SER B 389 16.17 -1.84 38.82
N GLU B 390 16.91 -2.28 37.80
CA GLU B 390 17.36 -3.66 37.72
C GLU B 390 18.33 -4.00 38.84
N GLN B 391 19.17 -3.04 39.22
CA GLN B 391 20.13 -3.25 40.29
C GLN B 391 19.44 -3.33 41.64
N SER B 392 18.40 -2.52 41.84
CA SER B 392 17.66 -2.53 43.09
C SER B 392 16.90 -3.85 43.26
N TYR B 393 16.20 -4.26 42.21
CA TYR B 393 15.44 -5.51 42.24
C TYR B 393 16.35 -6.73 42.36
N LYS B 394 17.60 -6.59 41.93
CA LYS B 394 18.56 -7.67 42.05
C LYS B 394 19.04 -7.82 43.49
N ARG B 395 19.32 -6.70 44.13
CA ARG B 395 19.73 -6.70 45.54
C ARG B 395 18.60 -7.22 46.41
N ILE B 396 17.37 -6.84 46.07
CA ILE B 396 16.19 -7.34 46.75
C ILE B 396 16.11 -8.87 46.64
N TYR B 397 16.39 -9.38 45.45
CA TYR B 397 16.38 -10.82 45.22
C TYR B 397 17.47 -11.52 46.01
N GLU B 398 18.66 -10.92 46.04
CA GLU B 398 19.79 -11.51 46.75
C GLU B 398 19.51 -11.66 48.24
N ILE B 399 18.84 -10.68 48.82
CA ILE B 399 18.45 -10.74 50.22
C ILE B 399 17.32 -11.74 50.42
N ALA B 400 16.38 -11.76 49.48
CA ALA B 400 15.21 -12.64 49.56
C ALA B 400 15.61 -14.11 49.45
N LYS B 401 16.71 -14.38 48.74
CA LYS B 401 17.20 -15.75 48.60
C LYS B 401 17.83 -16.23 49.90
N GLU B 402 18.59 -15.33 50.54
CA GLU B 402 19.23 -15.64 51.81
C GLU B 402 18.19 -15.98 52.88
N ARG B 403 17.09 -15.22 52.88
CA ARG B 403 16.03 -15.40 53.86
C ARG B 403 15.21 -16.66 53.61
N TYR B 404 14.98 -16.97 52.34
CA TYR B 404 14.24 -18.17 51.98
C TYR B 404 15.00 -19.43 52.34
N ASP B 405 16.33 -19.38 52.22
CA ASP B 405 17.16 -20.54 52.46
C ASP B 405 17.19 -20.93 53.94
N ILE B 406 16.97 -19.96 54.81
CA ILE B 406 16.92 -20.24 56.25
C ILE B 406 15.49 -20.25 56.76
N GLY B 407 14.53 -20.23 55.83
CA GLY B 407 13.14 -20.38 56.17
C GLY B 407 12.46 -19.13 56.70
N GLU B 408 13.09 -17.98 56.50
CA GLU B 408 12.55 -16.72 57.00
C GLU B 408 11.77 -15.96 55.94
N MET B 409 11.41 -16.66 54.87
CA MET B 409 10.55 -16.08 53.83
C MET B 409 9.80 -17.19 53.09
N SER B 410 8.51 -16.95 52.85
CA SER B 410 7.68 -17.90 52.13
C SER B 410 8.17 -18.08 50.70
N LEU B 411 7.90 -19.25 50.12
CA LEU B 411 8.28 -19.55 48.75
C LEU B 411 7.64 -18.57 47.78
N GLN B 412 6.38 -18.22 48.05
CA GLN B 412 5.62 -17.30 47.23
C GLN B 412 6.29 -15.93 47.14
N ASP B 413 6.69 -15.40 48.29
CA ASP B 413 7.39 -14.11 48.33
C ASP B 413 8.75 -14.19 47.64
N TYR B 414 9.38 -15.36 47.72
CA TYR B 414 10.69 -15.56 47.11
C TYR B 414 10.58 -15.63 45.58
N LEU B 415 9.59 -16.36 45.08
CA LEU B 415 9.36 -16.47 43.65
C LEU B 415 9.00 -15.13 43.04
N GLU B 416 8.25 -14.34 43.80
CA GLU B 416 7.83 -13.01 43.36
C GLU B 416 9.02 -12.08 43.20
N ALA B 417 9.90 -12.06 44.19
CA ALA B 417 11.08 -11.20 44.17
C ALA B 417 12.00 -11.56 43.00
N ARG B 418 12.06 -12.86 42.71
CA ARG B 418 12.86 -13.38 41.61
C ARG B 418 12.24 -12.99 40.25
N GLN B 419 10.92 -13.05 40.17
CA GLN B 419 10.20 -12.67 38.96
C GLN B 419 10.36 -11.17 38.69
N ASN B 420 10.40 -10.39 39.76
CA ASN B 420 10.57 -8.95 39.65
C ASN B 420 11.93 -8.55 39.09
N TRP B 421 12.97 -9.27 39.51
CA TRP B 421 14.31 -9.05 38.99
C TRP B 421 14.35 -9.38 37.50
N LEU B 422 13.74 -10.50 37.13
CA LEU B 422 13.66 -10.92 35.74
C LEU B 422 12.98 -9.86 34.89
N ASN B 423 11.85 -9.35 35.37
CA ASN B 423 11.11 -8.30 34.69
C ASN B 423 11.96 -7.05 34.51
N ALA B 424 12.69 -6.68 35.56
CA ALA B 424 13.55 -5.51 35.54
C ALA B 424 14.75 -5.72 34.62
N ALA B 425 15.23 -6.95 34.56
CA ALA B 425 16.37 -7.28 33.71
C ALA B 425 15.98 -7.21 32.23
N VAL B 426 14.79 -7.74 31.92
CA VAL B 426 14.28 -7.71 30.56
C VAL B 426 13.97 -6.28 30.13
N ALA B 427 13.36 -5.52 31.03
CA ALA B 427 12.99 -4.13 30.75
C ALA B 427 14.23 -3.29 30.44
N PHE B 428 15.32 -3.57 31.15
CA PHE B 428 16.56 -2.84 30.93
C PHE B 428 17.18 -3.20 29.58
N ASN B 429 17.04 -4.46 29.18
CA ASN B 429 17.49 -4.89 27.87
C ASN B 429 16.74 -4.18 26.76
N ASN B 430 15.42 -4.08 26.93
CA ASN B 430 14.56 -3.44 25.94
C ASN B 430 14.85 -1.95 25.80
N ILE B 431 15.12 -1.29 26.92
CA ILE B 431 15.47 0.13 26.92
C ILE B 431 16.84 0.34 26.26
N LYS B 432 17.76 -0.58 26.55
CA LYS B 432 19.13 -0.49 26.08
C LYS B 432 19.22 -0.42 24.55
N TYR B 433 18.43 -1.25 23.87
CA TYR B 433 18.48 -1.32 22.42
C TYR B 433 17.41 -0.43 21.78
N SER B 434 16.47 0.03 22.59
CA SER B 434 15.56 1.07 22.14
C SER B 434 16.32 2.38 22.06
N TYR B 435 17.35 2.50 22.89
CA TYR B 435 18.21 3.67 22.88
C TYR B 435 19.16 3.62 21.69
N ALA B 436 19.64 2.41 21.39
CA ALA B 436 20.50 2.21 20.23
C ALA B 436 19.75 2.56 18.94
N ASN B 437 18.50 2.12 18.85
CA ASN B 437 17.65 2.44 17.71
C ASN B 437 17.21 3.89 17.70
N SER B 438 17.23 4.52 18.87
CA SER B 438 16.87 5.93 18.97
C SER B 438 17.96 6.78 18.35
N ILE B 439 19.21 6.30 18.43
CA ILE B 439 20.33 6.96 17.80
C ILE B 439 20.17 6.93 16.28
N VAL B 440 19.78 5.77 15.77
CA VAL B 440 19.57 5.58 14.34
C VAL B 440 18.46 6.47 13.80
N ASP B 441 17.37 6.57 14.55
CA ASP B 441 16.22 7.40 14.16
C ASP B 441 16.62 8.86 13.96
N VAL B 442 17.48 9.36 14.85
CA VAL B 442 18.01 10.71 14.75
C VAL B 442 18.87 10.85 13.50
N ILE B 443 19.80 9.91 13.32
CA ILE B 443 20.66 9.88 12.15
C ILE B 443 19.83 9.79 10.86
N LYS B 444 18.81 8.94 10.88
CA LYS B 444 17.93 8.76 9.73
C LYS B 444 17.15 10.04 9.41
N ALA B 445 16.67 10.70 10.46
CA ALA B 445 15.85 11.90 10.29
C ALA B 445 16.64 13.08 9.74
N PHE B 446 17.96 13.05 9.94
CA PHE B 446 18.82 14.13 9.47
C PHE B 446 19.51 13.79 8.15
N GLY B 447 19.08 12.69 7.53
CA GLY B 447 19.56 12.35 6.20
C GLY B 447 20.69 11.34 6.14
N GLY B 448 21.23 10.98 7.30
CA GLY B 448 22.28 9.98 7.38
C GLY B 448 23.59 10.36 6.72
N GLY B 449 23.79 11.66 6.52
CA GLY B 449 25.04 12.15 5.96
C GLY B 449 24.92 12.60 4.52
N PHE B 450 23.71 12.57 3.98
CA PHE B 450 23.47 12.99 2.60
C PHE B 450 23.59 14.51 2.47
N GLU B 451 24.28 14.94 1.41
CA GLU B 451 24.39 16.35 1.09
C GLU B 451 24.03 16.58 -0.38
N GLN B 452 22.93 17.29 -0.60
CA GLN B 452 22.38 17.48 -1.94
C GLN B 452 23.34 18.22 -2.88
N SER B 453 24.14 19.11 -2.30
CA SER B 453 25.03 19.97 -3.09
C SER B 453 26.16 19.19 -3.77
N GLU B 454 26.48 18.01 -3.25
CA GLU B 454 27.57 17.20 -3.78
C GLU B 454 27.23 16.57 -5.13
N ASP B 455 28.24 15.97 -5.75
CA ASP B 455 28.04 15.24 -7.01
C ASP B 455 27.33 13.92 -6.70
N THR B 456 26.01 13.92 -6.89
CA THR B 456 25.19 12.77 -6.55
C THR B 456 25.55 11.54 -7.37
N SER B 457 25.73 11.73 -8.68
CA SER B 457 26.05 10.64 -9.59
C SER B 457 27.39 9.99 -9.23
N LYS B 458 28.38 10.83 -8.95
CA LYS B 458 29.70 10.35 -8.55
C LYS B 458 29.63 9.64 -7.21
N ASN B 459 28.83 10.16 -6.29
CA ASN B 459 28.65 9.55 -4.99
C ASN B 459 27.94 8.21 -5.07
N ILE B 460 26.88 8.15 -5.89
CA ILE B 460 26.10 6.93 -6.07
C ILE B 460 26.97 5.81 -6.65
N LYS B 461 27.75 6.13 -7.66
CA LYS B 461 28.63 5.14 -8.28
C LYS B 461 29.70 4.65 -7.29
N GLU B 462 30.21 5.57 -6.47
CA GLU B 462 31.24 5.22 -5.49
C GLU B 462 30.69 4.33 -4.38
N GLU B 463 29.47 4.59 -3.95
CA GLU B 463 28.89 3.88 -2.81
C GLU B 463 28.15 2.60 -3.22
N SER B 464 27.98 2.39 -4.52
CA SER B 464 27.29 1.21 -5.03
C SER B 464 28.29 0.20 -5.60
N LYS B 465 29.54 0.34 -5.19
CA LYS B 465 30.64 -0.49 -5.67
C LYS B 465 30.39 -1.99 -5.49
N ASN B 466 29.83 -2.37 -4.34
CA ASN B 466 29.66 -3.77 -3.99
C ASN B 466 28.25 -4.29 -4.22
N LEU B 467 27.38 -3.47 -4.80
CA LEU B 467 26.01 -3.88 -5.08
C LEU B 467 26.01 -5.03 -6.09
N ASP B 468 25.49 -6.18 -5.67
CA ASP B 468 25.50 -7.38 -6.49
C ASP B 468 24.52 -7.27 -7.65
N MET B 469 25.06 -7.02 -8.84
CA MET B 469 24.26 -7.02 -10.06
C MET B 469 24.80 -8.08 -11.01
N SER B 470 25.33 -9.15 -10.44
CA SER B 470 25.96 -10.22 -11.21
C SER B 470 24.94 -11.09 -11.92
N PHE B 471 23.67 -10.91 -11.58
CA PHE B 471 22.61 -11.72 -12.17
C PHE B 471 22.40 -11.38 -13.65
N ARG B 472 22.90 -10.23 -14.07
CA ARG B 472 22.78 -9.79 -15.45
C ARG B 472 24.14 -9.76 -16.14
N GLU B 473 25.17 -10.20 -15.43
CA GLU B 473 26.51 -10.25 -16.00
C GLU B 473 26.97 -11.69 -16.22
N CYS C 1 -27.48 7.69 -30.49
CA CYS C 1 -27.66 6.35 -29.93
C CYS C 1 -26.54 5.99 -28.97
N SER C 2 -26.76 5.02 -28.10
CA SER C 2 -25.72 4.51 -27.22
C SER C 2 -25.75 2.98 -27.16
N LEU C 3 -24.59 2.38 -26.93
CA LEU C 3 -24.49 0.93 -26.84
C LEU C 3 -24.21 0.49 -25.41
N SER C 4 -24.26 1.44 -24.49
CA SER C 4 -24.07 1.14 -23.07
C SER C 4 -25.19 0.24 -22.57
N PRO C 5 -24.82 -0.84 -21.86
CA PRO C 5 -25.82 -1.76 -21.32
C PRO C 5 -26.59 -1.15 -20.16
N ASN C 6 -27.81 -1.63 -19.92
CA ASN C 6 -28.61 -1.15 -18.80
C ASN C 6 -27.99 -1.60 -17.47
N LEU C 7 -27.69 -0.64 -16.60
CA LEU C 7 -27.08 -0.94 -15.31
C LEU C 7 -28.12 -1.38 -14.30
N ASN C 8 -27.98 -2.60 -13.79
CA ASN C 8 -28.92 -3.15 -12.82
C ASN C 8 -28.27 -3.44 -11.48
N ILE C 9 -28.28 -2.46 -10.59
CA ILE C 9 -27.74 -2.64 -9.25
C ILE C 9 -28.79 -3.31 -8.36
N PRO C 10 -28.46 -4.47 -7.81
CA PRO C 10 -29.37 -5.20 -6.92
C PRO C 10 -29.68 -4.42 -5.65
N GLU C 11 -30.86 -4.63 -5.09
CA GLU C 11 -31.29 -3.93 -3.89
C GLU C 11 -30.54 -4.44 -2.67
N ALA C 12 -30.08 -3.52 -1.83
CA ALA C 12 -29.44 -3.87 -0.56
C ALA C 12 -30.52 -4.17 0.48
N ASN C 13 -30.82 -5.46 0.65
CA ASN C 13 -31.87 -5.86 1.57
C ASN C 13 -31.35 -6.13 2.97
N TYR C 14 -31.92 -5.43 3.96
CA TYR C 14 -31.53 -5.59 5.35
C TYR C 14 -32.62 -5.09 6.29
N SER C 15 -32.65 -5.61 7.49
CA SER C 15 -33.64 -5.22 8.49
C SER C 15 -33.10 -4.12 9.39
N ILE C 16 -34.00 -3.25 9.87
CA ILE C 16 -33.62 -2.20 10.80
C ILE C 16 -33.81 -2.66 12.25
N ASP C 17 -32.97 -2.14 13.15
CA ASP C 17 -33.00 -2.53 14.56
C ASP C 17 -32.27 -1.50 15.42
N ASN C 18 -33.03 -0.63 16.06
CA ASN C 18 -32.44 0.46 16.86
C ASN C 18 -31.95 0.03 18.23
N LYS C 19 -32.01 -1.27 18.51
CA LYS C 19 -31.53 -1.82 19.77
C LYS C 19 -30.08 -2.26 19.68
N LEU C 20 -29.59 -2.38 18.45
CA LEU C 20 -28.26 -2.92 18.18
C LEU C 20 -27.14 -2.19 18.93
N GLY C 21 -27.25 -0.87 19.01
CA GLY C 21 -26.25 -0.07 19.68
C GLY C 21 -26.79 0.68 20.89
N ALA C 22 -27.86 0.14 21.46
CA ALA C 22 -28.53 0.78 22.58
C ALA C 22 -28.52 -0.11 23.82
N LEU C 23 -28.06 0.44 24.94
CA LEU C 23 -28.16 -0.25 26.21
C LEU C 23 -29.60 -0.19 26.71
N SER C 24 -29.95 -1.11 27.60
CA SER C 24 -31.34 -1.25 28.06
C SER C 24 -31.87 0.00 28.74
N TRP C 25 -30.98 0.80 29.32
CA TRP C 25 -31.40 2.02 30.01
C TRP C 25 -31.14 3.27 29.16
N GLU C 26 -30.91 3.07 27.88
CA GLU C 26 -30.71 4.18 26.95
C GLU C 26 -31.88 4.30 25.98
N LYS C 27 -32.08 5.50 25.43
CA LYS C 27 -33.11 5.70 24.42
C LYS C 27 -32.62 5.32 23.02
N GLU C 28 -33.32 4.38 22.40
CA GLU C 28 -33.02 3.99 21.02
C GLU C 28 -33.25 5.16 20.08
N THR C 29 -32.26 5.44 19.23
CA THR C 29 -32.28 6.64 18.40
C THR C 29 -31.93 6.37 16.93
N ASN C 30 -32.68 7.01 16.04
CA ASN C 30 -32.43 6.90 14.61
C ASN C 30 -32.24 8.29 13.99
N SER C 31 -31.95 9.27 14.86
CA SER C 31 -31.77 10.65 14.42
C SER C 31 -30.50 10.80 13.59
N SER C 32 -30.57 11.63 12.55
CA SER C 32 -29.44 11.80 11.64
C SER C 32 -28.30 12.58 12.30
N ILE C 33 -27.17 12.63 11.61
CA ILE C 33 -25.97 13.29 12.14
C ILE C 33 -25.81 14.69 11.59
N THR C 34 -25.54 15.65 12.48
CA THR C 34 -25.23 17.02 12.07
C THR C 34 -23.88 17.05 11.39
N LYS C 35 -23.73 17.93 10.40
CA LYS C 35 -22.54 17.96 9.56
C LYS C 35 -21.27 18.39 10.32
N ASN C 36 -21.44 19.20 11.36
CA ASN C 36 -20.32 19.57 12.22
C ASN C 36 -20.47 18.90 13.59
N TRP C 37 -20.47 17.58 13.59
CA TRP C 37 -20.76 16.78 14.76
C TRP C 37 -19.74 16.91 15.89
N TRP C 38 -18.51 17.28 15.55
CA TRP C 38 -17.43 17.33 16.54
C TRP C 38 -17.63 18.42 17.58
N LYS C 39 -18.45 19.41 17.26
CA LYS C 39 -18.68 20.54 18.15
C LYS C 39 -19.55 20.14 19.35
N ASP C 40 -20.13 18.94 19.30
CA ASP C 40 -20.99 18.46 20.37
C ASP C 40 -20.16 17.89 21.53
N PHE C 41 -18.85 17.92 21.38
CA PHE C 41 -17.94 17.53 22.47
C PHE C 41 -17.70 18.71 23.40
N ASP C 42 -18.24 19.86 23.02
CA ASP C 42 -18.15 21.09 23.80
C ASP C 42 -16.70 21.48 24.10
N ASP C 43 -15.80 21.14 23.18
CA ASP C 43 -14.39 21.43 23.33
C ASP C 43 -13.94 22.46 22.30
N GLU C 44 -13.59 23.65 22.77
CA GLU C 44 -13.17 24.72 21.88
C GLU C 44 -11.77 24.47 21.32
N ASN C 45 -10.96 23.72 22.08
CA ASN C 45 -9.63 23.35 21.63
C ASN C 45 -9.70 22.35 20.48
N LEU C 46 -10.68 21.46 20.54
CA LEU C 46 -10.90 20.49 19.48
C LEU C 46 -11.41 21.18 18.21
N ASN C 47 -12.25 22.20 18.39
CA ASN C 47 -12.83 22.92 17.27
C ASN C 47 -11.76 23.63 16.43
N LYS C 48 -10.83 24.31 17.11
CA LYS C 48 -9.76 25.02 16.43
C LYS C 48 -8.83 24.07 15.68
N VAL C 49 -8.62 22.89 16.24
CA VAL C 49 -7.71 21.91 15.64
C VAL C 49 -8.35 21.23 14.43
N VAL C 50 -9.68 21.19 14.39
CA VAL C 50 -10.38 20.64 13.24
C VAL C 50 -10.37 21.65 12.10
N ASP C 51 -10.53 22.92 12.47
CA ASP C 51 -10.46 24.02 11.49
C ASP C 51 -9.08 24.10 10.87
N LEU C 52 -8.05 23.80 11.67
CA LEU C 52 -6.68 23.79 11.18
C LEU C 52 -6.48 22.66 10.17
N ALA C 53 -7.11 21.51 10.45
CA ALA C 53 -7.03 20.37 9.56
C ALA C 53 -7.76 20.65 8.25
N LEU C 54 -8.94 21.26 8.35
CA LEU C 54 -9.73 21.60 7.17
C LEU C 54 -9.05 22.68 6.33
N LYS C 55 -8.02 23.29 6.90
CA LYS C 55 -7.28 24.34 6.21
C LYS C 55 -5.93 23.86 5.67
N ASN C 56 -5.22 23.06 6.47
CA ASN C 56 -3.83 22.76 6.16
C ASN C 56 -3.55 21.30 5.76
N ASN C 57 -4.49 20.39 5.98
CA ASN C 57 -4.25 18.98 5.69
C ASN C 57 -4.03 18.73 4.20
N ASN C 58 -2.89 18.12 3.88
CA ASN C 58 -2.48 17.93 2.50
C ASN C 58 -3.22 16.80 1.79
N ASP C 59 -3.61 15.78 2.55
CA ASP C 59 -4.40 14.69 1.99
C ASP C 59 -5.76 15.21 1.53
N LEU C 60 -6.29 16.17 2.26
CA LEU C 60 -7.54 16.81 1.90
C LEU C 60 -7.37 17.66 0.65
N LYS C 61 -6.20 18.28 0.52
CA LYS C 61 -5.89 19.09 -0.65
C LYS C 61 -5.72 18.21 -1.89
N LEU C 62 -5.09 17.05 -1.70
CA LEU C 62 -4.89 16.10 -2.78
C LEU C 62 -6.22 15.59 -3.31
N ALA C 63 -7.15 15.29 -2.40
CA ALA C 63 -8.47 14.83 -2.80
C ALA C 63 -9.24 15.93 -3.52
N PHE C 64 -8.97 17.18 -3.16
CA PHE C 64 -9.58 18.33 -3.83
C PHE C 64 -9.04 18.46 -5.24
N ILE C 65 -7.73 18.23 -5.38
CA ILE C 65 -7.06 18.31 -6.67
C ILE C 65 -7.51 17.17 -7.58
N HIS C 66 -7.64 15.97 -7.02
CA HIS C 66 -8.12 14.81 -7.75
C HIS C 66 -9.50 15.09 -8.35
N MET C 67 -10.31 15.83 -7.62
CA MET C 67 -11.64 16.23 -8.08
C MET C 67 -11.55 17.22 -9.23
N GLU C 68 -10.59 18.14 -9.14
CA GLU C 68 -10.36 19.13 -10.19
C GLU C 68 -9.81 18.48 -11.45
N GLN C 69 -8.95 17.48 -11.26
CA GLN C 69 -8.38 16.73 -12.38
C GLN C 69 -9.46 15.98 -13.15
N ALA C 70 -10.42 15.44 -12.41
CA ALA C 70 -11.55 14.72 -13.00
C ALA C 70 -12.45 15.69 -13.76
N ALA C 71 -12.53 16.92 -13.26
CA ALA C 71 -13.31 17.96 -13.92
C ALA C 71 -12.65 18.38 -15.23
N ALA C 72 -11.32 18.46 -15.21
CA ALA C 72 -10.57 18.82 -16.41
C ALA C 72 -10.69 17.74 -17.48
N GLN C 73 -10.61 16.49 -17.06
CA GLN C 73 -10.75 15.36 -17.97
C GLN C 73 -12.13 15.33 -18.58
N LEU C 74 -13.13 15.73 -17.80
CA LEU C 74 -14.50 15.82 -18.28
C LEU C 74 -14.64 16.85 -19.39
N GLY C 75 -13.95 17.98 -19.23
CA GLY C 75 -13.96 19.03 -20.22
C GLY C 75 -13.29 18.60 -21.51
N ILE C 76 -12.25 17.78 -21.39
CA ILE C 76 -11.56 17.24 -22.55
C ILE C 76 -12.49 16.33 -23.35
N ASP C 77 -13.20 15.45 -22.65
CA ASP C 77 -14.08 14.48 -23.31
C ASP C 77 -15.35 15.12 -23.85
N PHE C 78 -15.68 16.31 -23.35
CA PHE C 78 -16.82 17.05 -23.87
C PHE C 78 -16.51 17.60 -25.27
N SER C 79 -15.27 18.01 -25.46
CA SER C 79 -14.83 18.62 -26.70
C SER C 79 -14.92 17.66 -27.88
N SER C 80 -14.80 16.36 -27.59
CA SER C 80 -14.82 15.33 -28.63
C SER C 80 -16.21 15.19 -29.26
N LEU C 81 -17.19 15.89 -28.72
CA LEU C 81 -18.55 15.86 -29.24
C LEU C 81 -18.77 16.94 -30.29
N LEU C 82 -17.75 17.78 -30.50
CA LEU C 82 -17.87 18.94 -31.38
C LEU C 82 -16.81 18.92 -32.49
N PRO C 83 -17.14 19.48 -33.66
CA PRO C 83 -16.19 19.55 -34.77
C PRO C 83 -15.00 20.45 -34.47
N LYS C 84 -13.80 19.97 -34.82
CA LYS C 84 -12.57 20.72 -34.56
C LYS C 84 -12.14 21.54 -35.77
N PHE C 85 -11.47 22.65 -35.50
CA PHE C 85 -10.99 23.53 -36.56
C PHE C 85 -9.51 23.82 -36.40
N ASP C 86 -8.76 23.64 -37.49
CA ASP C 86 -7.32 23.85 -37.47
C ASP C 86 -6.84 24.63 -38.68
N GLY C 87 -5.81 25.44 -38.49
CA GLY C 87 -5.18 26.15 -39.57
C GLY C 87 -3.89 25.47 -39.96
N SER C 88 -3.59 25.45 -41.26
CA SER C 88 -2.39 24.80 -41.74
C SER C 88 -1.75 25.55 -42.91
N ALA C 89 -0.43 25.41 -43.02
CA ALA C 89 0.31 25.99 -44.14
C ALA C 89 1.53 25.13 -44.41
N SER C 90 1.79 24.85 -45.69
CA SER C 90 2.90 23.98 -46.06
C SER C 90 3.51 24.34 -47.40
N GLY C 91 4.78 23.99 -47.57
CA GLY C 91 5.49 24.22 -48.81
C GLY C 91 6.47 23.10 -49.07
N SER C 92 6.50 22.62 -50.31
CA SER C 92 7.39 21.51 -50.67
C SER C 92 7.97 21.70 -52.06
N ARG C 93 9.25 21.39 -52.20
CA ARG C 93 9.92 21.43 -53.49
C ARG C 93 10.47 20.06 -53.82
N ALA C 94 10.19 19.57 -55.03
CA ALA C 94 10.55 18.21 -55.39
C ALA C 94 11.16 18.10 -56.78
N LYS C 95 12.22 17.33 -56.87
CA LYS C 95 12.75 16.93 -58.17
C LYS C 95 12.13 15.60 -58.56
N THR C 96 11.07 15.67 -59.36
CA THR C 96 10.38 14.45 -59.79
C THR C 96 11.17 13.75 -60.88
N ALA C 97 11.44 12.47 -60.66
CA ALA C 97 12.26 11.68 -61.57
C ALA C 97 11.60 11.53 -62.95
N ILE C 98 12.43 11.29 -63.96
CA ILE C 98 11.93 11.03 -65.31
C ILE C 98 11.09 9.77 -65.35
N ASN C 99 11.53 8.76 -64.61
CA ASN C 99 10.87 7.45 -64.60
C ASN C 99 9.67 7.39 -63.66
N ALA C 100 9.43 8.47 -62.93
CA ALA C 100 8.28 8.53 -62.04
C ALA C 100 6.98 8.48 -62.85
N PRO C 101 6.04 7.62 -62.44
CA PRO C 101 4.77 7.40 -63.13
C PRO C 101 3.98 8.68 -63.38
N SER C 102 4.05 9.63 -62.44
CA SER C 102 3.31 10.87 -62.56
C SER C 102 3.94 11.79 -63.59
N ASN C 103 5.23 11.57 -63.87
CA ASN C 103 5.95 12.40 -64.83
C ASN C 103 5.88 11.84 -66.25
N ARG C 104 5.17 12.56 -67.12
CA ARG C 104 4.99 12.13 -68.51
C ARG C 104 5.60 13.14 -69.47
N THR C 105 6.57 13.90 -68.99
CA THR C 105 7.23 14.92 -69.80
C THR C 105 8.50 14.36 -70.46
N GLY C 106 9.01 13.27 -69.90
CA GLY C 106 10.19 12.62 -70.46
C GLY C 106 11.48 13.25 -69.97
N GLU C 107 11.36 14.23 -69.08
CA GLU C 107 12.53 14.93 -68.55
C GLU C 107 12.36 15.24 -67.07
N VAL C 108 13.48 15.54 -66.40
CA VAL C 108 13.47 15.87 -64.97
C VAL C 108 12.59 17.09 -64.68
N SER C 109 11.69 16.95 -63.72
CA SER C 109 10.73 18.00 -63.41
C SER C 109 10.91 18.58 -62.01
N TYR C 110 11.23 19.87 -61.94
CA TYR C 110 11.30 20.58 -60.67
C TYR C 110 10.00 21.36 -60.45
N GLY C 111 9.41 21.23 -59.27
CA GLY C 111 8.14 21.89 -58.99
C GLY C 111 7.88 22.14 -57.52
N ASN C 112 7.05 23.14 -57.24
CA ASN C 112 6.68 23.48 -55.87
C ASN C 112 5.20 23.27 -55.60
N ASP C 113 4.84 23.15 -54.33
CA ASP C 113 3.44 23.07 -53.93
C ASP C 113 3.24 23.79 -52.59
N PHE C 114 2.45 24.85 -52.59
CA PHE C 114 2.19 25.61 -51.39
C PHE C 114 0.71 25.55 -51.02
N LYS C 115 0.42 25.31 -49.74
CA LYS C 115 -0.95 25.21 -49.27
C LYS C 115 -1.18 26.07 -48.03
N MET C 116 -2.43 26.47 -47.81
CA MET C 116 -2.81 27.28 -46.66
C MET C 116 -4.33 27.33 -46.55
N GLY C 117 -4.86 27.07 -45.36
CA GLY C 117 -6.30 27.15 -45.16
C GLY C 117 -6.79 26.59 -43.84
N LEU C 118 -8.11 26.65 -43.64
CA LEU C 118 -8.74 26.12 -42.44
C LEU C 118 -9.18 24.69 -42.68
N ASN C 119 -9.05 23.84 -41.66
CA ASN C 119 -9.39 22.43 -41.79
C ASN C 119 -10.51 22.00 -40.84
N LEU C 120 -11.40 21.14 -41.33
CA LEU C 120 -12.47 20.59 -40.52
C LEU C 120 -12.29 19.09 -40.34
N SER C 121 -12.39 18.63 -39.10
CA SER C 121 -12.38 17.20 -38.80
C SER C 121 -13.44 16.90 -37.75
N TYR C 122 -14.31 15.95 -38.04
CA TYR C 122 -15.43 15.67 -37.15
C TYR C 122 -15.84 14.20 -37.17
N GLU C 123 -15.81 13.57 -36.00
CA GLU C 123 -16.30 12.20 -35.86
C GLU C 123 -17.77 12.21 -35.51
N ILE C 124 -18.61 11.81 -36.46
CA ILE C 124 -20.05 11.75 -36.23
C ILE C 124 -20.37 10.65 -35.22
N ASP C 125 -20.82 11.06 -34.04
CA ASP C 125 -21.07 10.14 -32.94
C ASP C 125 -22.38 9.39 -33.12
N LEU C 126 -22.42 8.51 -34.11
CA LEU C 126 -23.63 7.75 -34.42
C LEU C 126 -23.98 6.75 -33.32
N TRP C 127 -22.96 6.13 -32.75
CA TRP C 127 -23.18 5.02 -31.82
C TRP C 127 -22.84 5.37 -30.37
N GLY C 128 -22.62 6.66 -30.12
CA GLY C 128 -22.36 7.13 -28.78
C GLY C 128 -20.99 6.75 -28.25
N LYS C 129 -20.01 6.62 -29.14
CA LYS C 129 -18.65 6.31 -28.77
C LYS C 129 -18.04 7.41 -27.91
N TYR C 130 -18.31 8.65 -28.29
CA TYR C 130 -17.76 9.82 -27.59
C TYR C 130 -18.73 10.35 -26.55
N ARG C 131 -20.01 10.05 -26.71
CA ARG C 131 -21.01 10.48 -25.75
C ARG C 131 -20.90 9.67 -24.47
N ASP C 132 -20.68 8.37 -24.60
CA ASP C 132 -20.52 7.49 -23.45
C ASP C 132 -19.13 7.63 -22.84
N THR C 133 -18.16 8.04 -23.66
CA THR C 133 -16.84 8.38 -23.14
C THR C 133 -16.97 9.60 -22.24
N TYR C 134 -17.80 10.54 -22.68
CA TYR C 134 -18.08 11.75 -21.91
C TYR C 134 -18.86 11.43 -20.64
N ARG C 135 -19.87 10.59 -20.77
CA ARG C 135 -20.72 10.23 -19.63
C ARG C 135 -19.96 9.38 -18.62
N ALA C 136 -18.94 8.66 -19.10
CA ALA C 136 -18.09 7.88 -18.20
C ALA C 136 -17.23 8.81 -17.36
N SER C 137 -16.72 9.87 -17.99
CA SER C 137 -15.91 10.86 -17.28
C SER C 137 -16.75 11.66 -16.30
N LYS C 138 -18.04 11.83 -16.62
CA LYS C 138 -18.95 12.54 -15.73
C LYS C 138 -19.17 11.72 -14.46
N SER C 139 -19.37 10.42 -14.63
CA SER C 139 -19.49 9.51 -13.50
C SER C 139 -18.19 9.47 -12.71
N GLY C 140 -17.07 9.60 -13.43
CA GLY C 140 -15.76 9.65 -12.81
C GLY C 140 -15.58 10.91 -11.97
N PHE C 141 -16.14 12.02 -12.44
CA PHE C 141 -16.07 13.28 -11.70
C PHE C 141 -16.93 13.22 -10.44
N LYS C 142 -18.14 12.69 -10.58
CA LYS C 142 -19.03 12.54 -9.44
C LYS C 142 -18.46 11.58 -8.41
N ALA C 143 -17.67 10.61 -8.89
CA ALA C 143 -16.99 9.67 -8.02
C ALA C 143 -15.88 10.37 -7.24
N SER C 144 -15.23 11.32 -7.90
CA SER C 144 -14.15 12.09 -7.27
C SER C 144 -14.70 13.03 -6.20
N GLU C 145 -15.92 13.51 -6.43
CA GLU C 145 -16.58 14.38 -5.45
C GLU C 145 -16.89 13.62 -4.18
N TYR C 146 -17.39 12.40 -4.34
CA TYR C 146 -17.68 11.53 -3.20
C TYR C 146 -16.40 11.10 -2.50
N ASP C 147 -15.35 10.90 -3.28
CA ASP C 147 -14.03 10.55 -2.74
C ASP C 147 -13.49 11.69 -1.90
N TYR C 148 -13.81 12.92 -2.28
CA TYR C 148 -13.40 14.10 -1.53
C TYR C 148 -14.16 14.17 -0.21
N GLU C 149 -15.45 13.88 -0.25
CA GLU C 149 -16.28 13.87 0.95
C GLU C 149 -15.82 12.79 1.92
N ALA C 150 -15.42 11.65 1.36
CA ALA C 150 -14.91 10.54 2.16
C ALA C 150 -13.57 10.90 2.78
N ALA C 151 -12.73 11.60 2.00
CA ALA C 151 -11.43 12.05 2.49
C ALA C 151 -11.61 13.11 3.58
N ARG C 152 -12.60 13.98 3.38
CA ARG C 152 -12.90 15.03 4.36
C ARG C 152 -13.34 14.42 5.68
N LEU C 153 -14.23 13.44 5.60
CA LEU C 153 -14.70 12.71 6.78
C LEU C 153 -13.56 11.96 7.45
N SER C 154 -12.66 11.41 6.64
CA SER C 154 -11.52 10.66 7.16
C SER C 154 -10.54 11.57 7.91
N VAL C 155 -10.20 12.69 7.30
CA VAL C 155 -9.27 13.64 7.90
C VAL C 155 -9.80 14.21 9.21
N ILE C 156 -11.07 14.57 9.21
CA ILE C 156 -11.71 15.09 10.41
C ILE C 156 -11.74 14.06 11.54
N SER C 157 -12.17 12.85 11.22
CA SER C 157 -12.25 11.78 12.22
C SER C 157 -10.88 11.42 12.78
N ASN C 158 -9.88 11.37 11.91
CA ASN C 158 -8.52 11.10 12.34
C ASN C 158 -7.98 12.19 13.25
N THR C 159 -8.30 13.45 12.92
CA THR C 159 -7.85 14.59 13.70
C THR C 159 -8.48 14.59 15.10
N VAL C 160 -9.77 14.31 15.16
CA VAL C 160 -10.49 14.28 16.43
C VAL C 160 -9.99 13.13 17.32
N GLN C 161 -9.83 11.96 16.73
CA GLN C 161 -9.39 10.78 17.47
C GLN C 161 -7.93 10.89 17.90
N THR C 162 -7.12 11.60 17.12
CA THR C 162 -5.73 11.84 17.47
C THR C 162 -5.66 12.83 18.62
N TYR C 163 -6.56 13.81 18.60
CA TYR C 163 -6.66 14.80 19.68
C TYR C 163 -6.99 14.12 21.01
N PHE C 164 -7.98 13.23 20.99
CA PHE C 164 -8.41 12.53 22.20
C PHE C 164 -7.34 11.55 22.68
N ASN C 165 -6.61 10.95 21.73
CA ASN C 165 -5.49 10.10 22.09
C ASN C 165 -4.38 10.91 22.75
N LEU C 166 -4.24 12.16 22.32
CA LEU C 166 -3.25 13.07 22.89
C LEU C 166 -3.63 13.48 24.31
N VAL C 167 -4.91 13.80 24.51
CA VAL C 167 -5.40 14.17 25.83
C VAL C 167 -5.30 12.98 26.77
N ASN C 168 -5.51 11.78 26.22
CA ASN C 168 -5.32 10.55 26.97
C ASN C 168 -3.87 10.44 27.42
N ALA C 169 -2.95 10.83 26.53
CA ALA C 169 -1.53 10.76 26.81
C ALA C 169 -1.11 11.80 27.84
N TYR C 170 -1.69 12.99 27.74
CA TYR C 170 -1.40 14.07 28.69
C TYR C 170 -1.89 13.71 30.09
N GLU C 171 -3.11 13.17 30.17
CA GLU C 171 -3.70 12.78 31.44
C GLU C 171 -2.90 11.68 32.13
N ASN C 172 -2.43 10.70 31.35
CA ASN C 172 -1.63 9.62 31.88
C ASN C 172 -0.25 10.10 32.33
N GLU C 173 0.32 11.04 31.57
CA GLU C 173 1.61 11.61 31.92
C GLU C 173 1.52 12.38 33.23
N ASN C 174 0.39 13.05 33.44
CA ASN C 174 0.16 13.80 34.66
C ASN C 174 -0.01 12.88 35.87
N ALA C 175 -0.69 11.76 35.65
CA ALA C 175 -0.92 10.79 36.72
C ALA C 175 0.37 10.11 37.13
N LEU C 176 1.25 9.90 36.17
CA LEU C 176 2.54 9.23 36.40
C LEU C 176 3.58 10.22 36.91
N LYS C 177 3.31 11.50 36.69
CA LYS C 177 4.16 12.56 37.21
C LYS C 177 4.03 12.65 38.72
N GLU C 178 2.78 12.66 39.19
CA GLU C 178 2.50 12.79 40.62
C GLU C 178 2.85 11.51 41.37
N ALA C 179 2.74 10.38 40.66
CA ALA C 179 3.13 9.09 41.21
C ALA C 179 4.65 9.03 41.37
N TYR C 180 5.34 9.75 40.49
CA TYR C 180 6.80 9.83 40.55
C TYR C 180 7.24 10.74 41.69
N GLU C 181 6.48 11.82 41.90
CA GLU C 181 6.78 12.77 42.97
C GLU C 181 6.64 12.10 44.34
N SER C 182 5.58 11.30 44.49
CA SER C 182 5.34 10.58 45.74
C SER C 182 6.45 9.56 45.98
N ALA C 183 6.82 8.84 44.93
CA ALA C 183 7.85 7.82 45.02
C ALA C 183 9.21 8.43 45.35
N LYS C 184 9.40 9.70 44.99
CA LYS C 184 10.66 10.38 45.28
C LYS C 184 10.74 10.75 46.75
N GLU C 185 9.60 11.12 47.33
CA GLU C 185 9.53 11.45 48.75
C GLU C 185 9.55 10.21 49.62
N ILE C 186 8.89 9.14 49.16
CA ILE C 186 8.89 7.87 49.87
C ILE C 186 10.32 7.35 50.02
N TYR C 187 11.10 7.48 48.96
CA TYR C 187 12.50 7.07 49.00
C TYR C 187 13.32 7.97 49.91
N ARG C 188 13.03 9.27 49.88
CA ARG C 188 13.78 10.23 50.68
C ARG C 188 13.60 9.97 52.17
N ILE C 189 12.38 9.61 52.56
CA ILE C 189 12.09 9.29 53.95
C ILE C 189 12.86 8.05 54.39
N ASN C 190 12.80 7.01 53.57
CA ASN C 190 13.51 5.76 53.86
C ASN C 190 15.02 5.93 53.83
N ASP C 191 15.50 6.82 52.98
CA ASP C 191 16.94 7.09 52.90
C ASP C 191 17.42 7.77 54.17
N GLU C 192 16.60 8.67 54.71
CA GLU C 192 16.91 9.34 55.96
C GLU C 192 16.88 8.34 57.12
N LYS C 193 15.84 7.54 57.17
CA LYS C 193 15.67 6.55 58.23
C LYS C 193 16.76 5.50 58.21
N PHE C 194 17.28 5.21 57.02
CA PHE C 194 18.32 4.19 56.86
C PHE C 194 19.63 4.60 57.52
N GLN C 195 19.99 5.86 57.37
CA GLN C 195 21.27 6.36 57.87
C GLN C 195 21.24 6.62 59.38
N VAL C 196 20.08 6.43 60.00
CA VAL C 196 19.97 6.44 61.45
C VAL C 196 19.51 5.08 61.94
N GLY C 197 19.54 4.10 61.04
CA GLY C 197 19.23 2.72 61.38
C GLY C 197 17.78 2.46 61.70
N ALA C 198 16.88 3.24 61.10
CA ALA C 198 15.45 3.09 61.36
C ALA C 198 14.78 2.18 60.34
N VAL C 199 15.42 1.99 59.19
CA VAL C 199 14.95 1.02 58.20
C VAL C 199 16.13 0.20 57.67
N GLY C 200 15.84 -0.99 57.16
CA GLY C 200 16.87 -1.88 56.67
C GLY C 200 17.21 -1.68 55.20
N GLU C 201 18.24 -2.38 54.75
CA GLU C 201 18.67 -2.30 53.35
C GLU C 201 17.60 -2.84 52.42
N TYR C 202 16.88 -3.87 52.90
CA TYR C 202 15.83 -4.50 52.11
C TYR C 202 14.69 -3.51 51.80
N GLU C 203 14.29 -2.75 52.80
CA GLU C 203 13.22 -1.77 52.62
C GLU C 203 13.69 -0.58 51.78
N LEU C 204 14.93 -0.16 52.00
CA LEU C 204 15.50 0.94 51.23
C LEU C 204 15.60 0.58 49.75
N ALA C 205 15.97 -0.66 49.48
CA ALA C 205 16.07 -1.16 48.11
C ALA C 205 14.71 -1.18 47.44
N GLN C 206 13.69 -1.56 48.21
CA GLN C 206 12.32 -1.56 47.71
C GLN C 206 11.84 -0.15 47.40
N ALA C 207 12.27 0.80 48.22
CA ALA C 207 11.93 2.20 48.01
C ALA C 207 12.61 2.75 46.76
N ARG C 208 13.86 2.34 46.54
CA ARG C 208 14.61 2.78 45.38
C ARG C 208 14.09 2.12 44.11
N ALA C 209 13.80 0.83 44.20
CA ALA C 209 13.26 0.08 43.07
C ALA C 209 11.95 0.68 42.59
N ASN C 210 11.09 1.02 43.55
CA ASN C 210 9.81 1.65 43.24
C ASN C 210 10.01 3.05 42.63
N LEU C 211 11.06 3.73 43.06
CA LEU C 211 11.34 5.07 42.57
C LEU C 211 11.83 5.05 41.12
N GLU C 212 12.78 4.17 40.83
CA GLU C 212 13.32 4.05 39.48
C GLU C 212 12.29 3.49 38.51
N SER C 213 11.42 2.63 39.02
CA SER C 213 10.36 2.04 38.20
C SER C 213 9.35 3.10 37.79
N MET C 214 8.94 3.92 38.75
CA MET C 214 8.00 5.01 38.46
C MET C 214 8.62 6.03 37.49
N ALA C 215 9.93 6.24 37.62
CA ALA C 215 10.64 7.15 36.74
C ALA C 215 10.67 6.61 35.31
N LEU C 216 10.77 5.29 35.19
CA LEU C 216 10.78 4.63 33.88
C LEU C 216 9.39 4.72 33.23
N GLN C 217 8.36 4.52 34.05
CA GLN C 217 6.99 4.59 33.57
C GLN C 217 6.60 6.02 33.21
N TYR C 218 7.12 6.97 33.98
CA TYR C 218 6.86 8.39 33.74
C TYR C 218 7.43 8.82 32.39
N ASN C 219 8.71 8.52 32.15
CA ASN C 219 9.36 8.90 30.90
C ASN C 219 8.75 8.20 29.69
N GLU C 220 8.19 7.01 29.91
CA GLU C 220 7.48 6.29 28.85
C GLU C 220 6.21 7.04 28.47
N ALA C 221 5.53 7.57 29.49
CA ALA C 221 4.30 8.33 29.27
C ALA C 221 4.60 9.63 28.51
N LYS C 222 5.78 10.19 28.73
CA LYS C 222 6.22 11.37 27.99
C LYS C 222 6.39 11.02 26.51
N LEU C 223 7.00 9.86 26.26
CA LEU C 223 7.24 9.39 24.91
C LEU C 223 5.91 9.19 24.16
N ASN C 224 4.96 8.56 24.85
CA ASN C 224 3.64 8.32 24.30
C ASN C 224 2.90 9.63 24.01
N LYS C 225 3.16 10.64 24.84
CA LYS C 225 2.59 11.96 24.65
C LYS C 225 3.17 12.61 23.41
N GLU C 226 4.50 12.57 23.29
CA GLU C 226 5.19 13.19 22.17
C GLU C 226 4.81 12.57 20.83
N ASN C 227 4.49 11.28 20.84
CA ASN C 227 4.11 10.58 19.62
C ASN C 227 2.78 11.09 19.06
N TYR C 228 1.80 11.28 19.94
CA TYR C 228 0.50 11.79 19.52
C TYR C 228 0.53 13.30 19.32
N LEU C 229 1.55 13.95 19.87
CA LEU C 229 1.75 15.38 19.63
C LEU C 229 2.19 15.58 18.19
N LYS C 230 3.18 14.78 17.77
CA LYS C 230 3.67 14.80 16.40
C LYS C 230 2.57 14.46 15.40
N ALA C 231 1.80 13.41 15.72
CA ALA C 231 0.73 12.94 14.85
C ALA C 231 -0.33 14.01 14.61
N LEU C 232 -0.57 14.84 15.62
CA LEU C 232 -1.55 15.90 15.52
C LEU C 232 -1.00 17.08 14.72
N LYS C 233 0.30 17.34 14.87
CA LYS C 233 0.95 18.44 14.15
C LYS C 233 0.96 18.18 12.65
N ILE C 234 1.26 16.94 12.27
CA ILE C 234 1.32 16.55 10.87
C ILE C 234 -0.06 16.64 10.21
N LEU C 235 -1.11 16.37 10.99
CA LEU C 235 -2.47 16.37 10.48
C LEU C 235 -3.06 17.78 10.32
N THR C 236 -2.52 18.75 11.05
CA THR C 236 -3.19 20.04 11.18
C THR C 236 -2.34 21.28 10.90
N SER C 237 -1.02 21.15 10.94
CA SER C 237 -0.16 22.33 10.89
C SER C 237 0.59 22.53 9.57
N ASN C 238 0.88 23.79 9.27
CA ASN C 238 1.70 24.14 8.11
C ASN C 238 2.88 25.02 8.55
N ASP C 239 2.93 25.32 9.84
CA ASP C 239 4.00 26.12 10.42
C ASP C 239 5.10 25.21 10.99
N LEU C 240 6.31 25.36 10.46
CA LEU C 240 7.43 24.50 10.83
C LEU C 240 7.86 24.65 12.28
N ASN C 241 7.93 25.90 12.75
CA ASN C 241 8.28 26.17 14.14
C ASN C 241 7.24 25.59 15.09
N ASP C 242 5.96 25.72 14.70
CA ASP C 242 4.86 25.15 15.47
C ASP C 242 5.00 23.64 15.57
N ILE C 243 5.34 23.01 14.45
CA ILE C 243 5.52 21.57 14.38
C ILE C 243 6.71 21.13 15.23
N LEU C 244 7.74 21.96 15.26
CA LEU C 244 8.98 21.63 15.97
C LEU C 244 8.92 21.87 17.48
N TYR C 245 8.31 22.97 17.89
CA TYR C 245 8.48 23.44 19.27
C TYR C 245 7.20 23.58 20.10
N LYS C 246 6.08 23.90 19.44
CA LYS C 246 4.85 24.17 20.18
C LYS C 246 4.17 22.90 20.70
N ASN C 247 3.30 23.08 21.69
CA ASN C 247 2.48 21.99 22.21
C ASN C 247 1.01 22.21 21.88
N GLN C 248 0.13 21.44 22.51
CA GLN C 248 -1.30 21.54 22.22
C GLN C 248 -2.12 21.77 23.47
N SER C 249 -2.84 22.89 23.50
CA SER C 249 -3.79 23.16 24.56
C SER C 249 -4.97 22.21 24.39
N TYR C 250 -5.44 21.63 25.50
CA TYR C 250 -6.51 20.65 25.43
C TYR C 250 -7.55 20.81 26.53
N GLN C 251 -8.53 19.91 26.52
CA GLN C 251 -9.62 19.94 27.48
C GLN C 251 -10.06 18.52 27.83
N VAL C 252 -10.09 18.21 29.12
CA VAL C 252 -10.49 16.90 29.61
C VAL C 252 -11.89 16.52 29.14
N PHE C 253 -12.05 15.28 28.69
CA PHE C 253 -13.33 14.78 28.24
C PHE C 253 -14.25 14.44 29.40
N ASN C 254 -15.45 15.01 29.39
CA ASN C 254 -16.47 14.69 30.38
C ASN C 254 -17.61 13.90 29.77
N LEU C 255 -18.04 12.85 30.47
CA LEU C 255 -19.08 11.97 29.96
C LEU C 255 -20.42 12.69 29.82
N LYS C 256 -21.06 12.49 28.68
CA LYS C 256 -22.38 13.04 28.39
C LYS C 256 -23.07 12.16 27.35
N GLU C 257 -24.38 12.34 27.19
CA GLU C 257 -25.12 11.60 26.17
C GLU C 257 -24.98 12.26 24.81
N PHE C 258 -24.83 11.45 23.78
CA PHE C 258 -24.67 11.94 22.41
C PHE C 258 -25.80 11.49 21.50
N ASP C 259 -26.26 12.38 20.63
CA ASP C 259 -27.31 12.03 19.68
C ASP C 259 -26.71 11.34 18.46
N ILE C 260 -26.56 10.02 18.55
CA ILE C 260 -26.04 9.22 17.45
C ILE C 260 -26.93 7.99 17.25
N PRO C 261 -26.93 7.44 16.02
CA PRO C 261 -27.73 6.24 15.74
C PRO C 261 -27.36 5.05 16.64
N THR C 262 -28.36 4.28 17.03
CA THR C 262 -28.15 3.07 17.81
C THR C 262 -28.50 1.85 16.97
N GLY C 263 -28.98 2.11 15.76
CA GLY C 263 -29.29 1.07 14.81
C GLY C 263 -28.93 1.54 13.42
N ILE C 264 -28.94 0.64 12.44
CA ILE C 264 -28.56 1.02 11.09
C ILE C 264 -29.67 1.82 10.41
N SER C 265 -29.28 2.85 9.67
CA SER C 265 -30.23 3.69 8.95
C SER C 265 -30.86 2.93 7.79
N SER C 266 -32.07 3.34 7.41
CA SER C 266 -32.78 2.70 6.30
C SER C 266 -32.30 3.27 4.97
N THR C 267 -31.53 4.34 5.03
CA THR C 267 -30.98 4.98 3.84
C THR C 267 -29.46 5.08 3.95
N ILE C 268 -28.82 4.05 4.47
CA ILE C 268 -27.38 4.05 4.70
C ILE C 268 -26.59 4.10 3.39
N LEU C 269 -27.22 3.61 2.32
CA LEU C 269 -26.60 3.63 1.00
C LEU C 269 -26.42 5.06 0.49
N LEU C 270 -27.31 5.95 0.93
CA LEU C 270 -27.27 7.34 0.49
C LEU C 270 -26.53 8.24 1.48
N GLN C 271 -25.99 7.65 2.55
CA GLN C 271 -25.37 8.45 3.60
C GLN C 271 -23.87 8.23 3.74
N ARG C 272 -23.36 7.16 3.14
CA ARG C 272 -21.92 6.92 3.16
C ARG C 272 -21.28 7.31 1.83
N PRO C 273 -20.31 8.24 1.87
CA PRO C 273 -19.63 8.77 0.68
C PRO C 273 -18.90 7.69 -0.12
N ASP C 274 -18.32 6.72 0.57
CA ASP C 274 -17.54 5.67 -0.09
C ASP C 274 -18.43 4.73 -0.90
N ILE C 275 -19.66 4.55 -0.45
CA ILE C 275 -20.62 3.74 -1.19
C ILE C 275 -21.07 4.47 -2.45
N GLY C 276 -21.28 5.77 -2.34
CA GLY C 276 -21.64 6.59 -3.48
C GLY C 276 -20.53 6.65 -4.50
N SER C 277 -19.29 6.62 -4.01
CA SER C 277 -18.12 6.62 -4.89
C SER C 277 -18.02 5.33 -5.68
N SER C 278 -18.22 4.20 -5.00
CA SER C 278 -18.18 2.89 -5.64
C SER C 278 -19.29 2.74 -6.67
N LEU C 279 -20.45 3.32 -6.38
CA LEU C 279 -21.58 3.27 -7.30
C LEU C 279 -21.24 4.01 -8.60
N GLU C 280 -20.75 5.24 -8.46
CA GLU C 280 -20.42 6.07 -9.62
C GLU C 280 -19.29 5.46 -10.46
N LYS C 281 -18.35 4.81 -9.80
CA LYS C 281 -17.26 4.16 -10.52
C LYS C 281 -17.75 2.94 -11.28
N LEU C 282 -18.88 2.39 -10.84
CA LEU C 282 -19.48 1.25 -11.53
C LEU C 282 -20.19 1.67 -12.81
N THR C 283 -20.97 2.75 -12.75
CA THR C 283 -21.67 3.26 -13.93
C THR C 283 -20.65 3.77 -14.96
N GLN C 284 -19.52 4.25 -14.45
CA GLN C 284 -18.44 4.73 -15.29
C GLN C 284 -17.91 3.61 -16.17
N GLN C 285 -17.63 2.46 -15.55
CA GLN C 285 -17.18 1.29 -16.29
C GLN C 285 -18.28 0.74 -17.18
N ASN C 286 -19.52 0.98 -16.80
CA ASN C 286 -20.68 0.52 -17.58
C ASN C 286 -20.80 1.30 -18.89
N TYR C 287 -20.55 2.60 -18.83
CA TYR C 287 -20.57 3.43 -20.03
C TYR C 287 -19.44 3.06 -20.98
N LEU C 288 -18.32 2.63 -20.41
CA LEU C 288 -17.14 2.27 -21.19
C LEU C 288 -17.33 0.96 -21.94
N VAL C 289 -18.26 0.14 -21.46
CA VAL C 289 -18.64 -1.08 -22.16
C VAL C 289 -19.26 -0.70 -23.50
N GLY C 290 -20.14 0.30 -23.48
CA GLY C 290 -20.76 0.80 -24.68
C GLY C 290 -19.74 1.38 -25.65
N VAL C 291 -18.77 2.09 -25.12
CA VAL C 291 -17.70 2.69 -25.91
C VAL C 291 -16.91 1.63 -26.67
N ALA C 292 -16.59 0.54 -25.98
CA ALA C 292 -15.83 -0.56 -26.57
C ALA C 292 -16.64 -1.27 -27.66
N ARG C 293 -17.95 -1.32 -27.48
CA ARG C 293 -18.82 -2.03 -28.40
C ARG C 293 -19.06 -1.27 -29.70
N THR C 294 -18.74 0.03 -29.70
CA THR C 294 -18.92 0.87 -30.88
C THR C 294 -17.90 0.53 -31.96
N ALA C 295 -16.83 -0.17 -31.56
CA ALA C 295 -15.77 -0.55 -32.48
C ALA C 295 -16.27 -1.55 -33.51
N PHE C 296 -17.37 -2.23 -33.20
CA PHE C 296 -18.00 -3.18 -34.10
C PHE C 296 -18.75 -2.47 -35.22
N LEU C 297 -19.15 -1.23 -34.97
CA LEU C 297 -20.03 -0.51 -35.89
C LEU C 297 -19.27 0.53 -36.72
N PRO C 298 -19.82 0.89 -37.89
CA PRO C 298 -19.17 1.84 -38.81
C PRO C 298 -18.90 3.21 -38.19
N SER C 299 -17.68 3.70 -38.37
CA SER C 299 -17.32 5.05 -37.94
C SER C 299 -17.44 6.01 -39.10
N LEU C 300 -18.08 7.15 -38.86
CA LEU C 300 -18.25 8.16 -39.91
C LEU C 300 -17.42 9.39 -39.61
N SER C 301 -16.58 9.79 -40.57
CA SER C 301 -15.70 10.93 -40.39
C SER C 301 -16.00 12.02 -41.42
N LEU C 302 -16.01 13.27 -40.96
CA LEU C 302 -16.24 14.40 -41.84
C LEU C 302 -14.98 15.25 -41.96
N THR C 303 -14.57 15.55 -43.18
CA THR C 303 -13.41 16.38 -43.42
C THR C 303 -13.72 17.53 -44.36
N GLY C 304 -13.13 18.70 -44.07
CA GLY C 304 -13.36 19.87 -44.89
C GLY C 304 -12.13 20.76 -44.98
N LEU C 305 -12.03 21.50 -46.08
CA LEU C 305 -10.92 22.43 -46.28
C LEU C 305 -11.40 23.70 -46.96
N LEU C 306 -10.88 24.84 -46.51
CA LEU C 306 -11.12 26.11 -47.17
C LEU C 306 -9.84 26.93 -47.15
N GLY C 307 -9.23 27.10 -48.31
CA GLY C 307 -7.99 27.86 -48.38
C GLY C 307 -7.41 28.01 -49.76
N PHE C 308 -6.10 27.80 -49.87
CA PHE C 308 -5.38 28.08 -51.11
C PHE C 308 -4.38 27.00 -51.48
N GLU C 309 -4.08 26.91 -52.78
CA GLU C 309 -3.02 26.04 -53.27
C GLU C 309 -2.42 26.60 -54.56
N SER C 310 -1.10 26.61 -54.64
CA SER C 310 -0.40 27.13 -55.82
C SER C 310 0.98 26.51 -55.95
N GLY C 311 1.46 26.41 -57.19
CA GLY C 311 2.81 25.95 -57.46
C GLY C 311 3.77 27.13 -57.37
N ASP C 312 3.21 28.30 -57.09
CA ASP C 312 3.96 29.53 -56.98
C ASP C 312 3.56 30.29 -55.72
N LEU C 313 4.55 30.62 -54.89
CA LEU C 313 4.30 31.30 -53.63
C LEU C 313 3.79 32.73 -53.84
N ASP C 314 4.16 33.32 -54.98
CA ASP C 314 3.79 34.69 -55.30
C ASP C 314 2.28 34.83 -55.56
N THR C 315 1.64 33.72 -55.91
CA THR C 315 0.22 33.73 -56.25
C THR C 315 -0.62 32.90 -55.28
N LEU C 316 -0.08 32.65 -54.09
CA LEU C 316 -0.73 31.73 -53.15
C LEU C 316 -2.09 32.23 -52.68
N VAL C 317 -2.21 33.51 -52.34
CA VAL C 317 -3.47 34.03 -51.82
C VAL C 317 -4.30 34.77 -52.86
N LYS C 318 -3.94 34.59 -54.13
CA LYS C 318 -4.72 35.18 -55.21
C LYS C 318 -5.94 34.34 -55.52
N GLY C 319 -6.86 34.91 -56.31
CA GLY C 319 -8.13 34.29 -56.60
C GLY C 319 -8.04 32.93 -57.29
N GLY C 320 -7.06 32.80 -58.19
CA GLY C 320 -6.87 31.57 -58.93
C GLY C 320 -6.32 30.43 -58.10
N SER C 321 -6.05 30.70 -56.83
CA SER C 321 -5.51 29.69 -55.93
C SER C 321 -6.55 29.23 -54.91
N LYS C 322 -7.71 29.87 -54.90
CA LYS C 322 -8.78 29.51 -53.97
C LYS C 322 -9.24 28.07 -54.21
N THR C 323 -9.38 27.31 -53.12
CA THR C 323 -9.77 25.92 -53.20
C THR C 323 -10.54 25.47 -51.96
N TRP C 324 -11.39 24.47 -52.13
CA TRP C 324 -12.08 23.86 -51.00
C TRP C 324 -12.45 22.41 -51.30
N ASN C 325 -12.72 21.64 -50.25
CA ASN C 325 -13.27 20.30 -50.40
C ASN C 325 -14.03 19.87 -49.16
N ILE C 326 -14.97 18.96 -49.35
CA ILE C 326 -15.73 18.38 -48.24
C ILE C 326 -15.94 16.89 -48.53
N GLY C 327 -15.85 16.07 -47.49
CA GLY C 327 -15.96 14.64 -47.67
C GLY C 327 -16.41 13.87 -46.45
N GLY C 328 -16.96 12.68 -46.69
CA GLY C 328 -17.35 11.77 -45.62
C GLY C 328 -16.70 10.42 -45.83
N ASN C 329 -16.24 9.81 -44.74
CA ASN C 329 -15.56 8.52 -44.83
C ASN C 329 -16.15 7.48 -43.88
N PHE C 330 -16.61 6.37 -44.44
CA PHE C 330 -17.12 5.26 -43.63
C PHE C 330 -16.07 4.16 -43.50
N THR C 331 -15.87 3.67 -42.29
CA THR C 331 -14.97 2.54 -42.05
C THR C 331 -15.67 1.49 -41.20
N LEU C 332 -15.58 0.23 -41.61
CA LEU C 332 -16.27 -0.86 -40.94
C LEU C 332 -15.42 -2.12 -40.93
N PRO C 333 -14.97 -2.53 -39.73
CA PRO C 333 -14.17 -3.75 -39.57
C PRO C 333 -14.91 -4.99 -40.03
N ILE C 334 -14.20 -5.88 -40.73
CA ILE C 334 -14.79 -7.11 -41.24
C ILE C 334 -14.27 -8.32 -40.47
N PHE C 335 -13.00 -8.64 -40.67
CA PHE C 335 -12.36 -9.74 -39.96
C PHE C 335 -11.20 -9.23 -39.12
N HIS C 336 -11.36 -9.31 -37.80
CA HIS C 336 -10.28 -8.85 -36.93
CA HIS C 336 -10.39 -8.81 -36.83
C HIS C 336 -9.81 -9.97 -36.02
N TRP C 337 -10.45 -11.13 -36.15
CA TRP C 337 -10.03 -12.36 -35.47
C TRP C 337 -9.94 -12.21 -33.95
N GLY C 338 -10.95 -11.58 -33.37
CA GLY C 338 -11.07 -11.52 -31.91
C GLY C 338 -10.64 -10.22 -31.26
N GLU C 339 -9.87 -9.41 -31.98
CA GLU C 339 -9.32 -8.16 -31.43
C GLU C 339 -10.38 -7.27 -30.79
N ILE C 340 -11.45 -7.00 -31.55
CA ILE C 340 -12.54 -6.15 -31.07
C ILE C 340 -13.37 -6.89 -30.03
N TYR C 341 -13.68 -8.16 -30.31
CA TYR C 341 -14.49 -8.98 -29.42
C TYR C 341 -13.86 -9.12 -28.04
N GLN C 342 -12.54 -9.31 -28.00
CA GLN C 342 -11.84 -9.46 -26.73
C GLN C 342 -11.70 -8.12 -26.02
N ASN C 343 -11.69 -7.03 -26.78
CA ASN C 343 -11.67 -5.69 -26.20
C ASN C 343 -12.97 -5.40 -25.47
N VAL C 344 -14.08 -5.90 -26.02
CA VAL C 344 -15.38 -5.79 -25.38
C VAL C 344 -15.42 -6.64 -24.12
N ASN C 345 -14.89 -7.85 -24.21
CA ASN C 345 -14.74 -8.73 -23.05
C ASN C 345 -13.93 -8.05 -21.97
N LEU C 346 -12.83 -7.42 -22.36
CA LEU C 346 -11.96 -6.70 -21.44
C LEU C 346 -12.71 -5.57 -20.75
N ALA C 347 -13.54 -4.86 -21.51
CA ALA C 347 -14.35 -3.78 -20.97
C ALA C 347 -15.44 -4.32 -20.04
N LYS C 348 -16.02 -5.45 -20.43
CA LYS C 348 -17.03 -6.10 -19.62
C LYS C 348 -16.45 -6.55 -18.27
N LEU C 349 -15.20 -7.01 -18.30
CA LEU C 349 -14.53 -7.48 -17.11
C LEU C 349 -14.14 -6.33 -16.18
N ASN C 350 -13.89 -5.16 -16.76
CA ASN C 350 -13.59 -3.97 -15.98
C ASN C 350 -14.82 -3.51 -15.21
N LYS C 351 -15.98 -3.77 -15.78
CA LYS C 351 -17.25 -3.46 -15.14
C LYS C 351 -17.51 -4.44 -14.00
N ASP C 352 -17.22 -5.72 -14.25
CA ASP C 352 -17.37 -6.75 -13.23
C ASP C 352 -16.46 -6.46 -12.04
N GLU C 353 -15.24 -6.02 -12.31
CA GLU C 353 -14.29 -5.67 -11.27
C GLU C 353 -14.81 -4.49 -10.44
N ALA C 354 -15.45 -3.54 -11.11
CA ALA C 354 -16.02 -2.37 -10.45
C ALA C 354 -17.22 -2.78 -9.61
N PHE C 355 -17.92 -3.82 -10.04
CA PHE C 355 -19.07 -4.33 -9.30
C PHE C 355 -18.62 -5.02 -8.01
N VAL C 356 -17.58 -5.83 -8.12
CA VAL C 356 -17.03 -6.53 -6.96
C VAL C 356 -16.47 -5.53 -5.95
N ASN C 357 -15.84 -4.48 -6.45
CA ASN C 357 -15.37 -3.39 -5.60
C ASN C 357 -16.52 -2.74 -4.84
N TYR C 358 -17.64 -2.56 -5.52
CA TYR C 358 -18.84 -1.99 -4.91
C TYR C 358 -19.39 -2.91 -3.83
N GLN C 359 -19.50 -4.20 -4.15
CA GLN C 359 -20.00 -5.19 -3.20
C GLN C 359 -19.12 -5.25 -1.95
N ASN C 360 -17.81 -5.20 -2.15
CA ASN C 360 -16.86 -5.24 -1.05
C ASN C 360 -16.98 -4.00 -0.16
N THR C 361 -17.33 -2.87 -0.77
CA THR C 361 -17.55 -1.63 -0.04
C THR C 361 -18.77 -1.76 0.86
N LEU C 362 -19.83 -2.39 0.34
CA LEU C 362 -21.05 -2.62 1.10
C LEU C 362 -20.79 -3.53 2.30
N ILE C 363 -20.11 -4.65 2.04
CA ILE C 363 -19.82 -5.62 3.09
C ILE C 363 -18.98 -5.01 4.21
N THR C 364 -17.94 -4.27 3.83
CA THR C 364 -17.07 -3.61 4.79
C THR C 364 -17.83 -2.58 5.62
N ALA C 365 -18.66 -1.79 4.93
CA ALA C 365 -19.45 -0.74 5.57
C ALA C 365 -20.38 -1.31 6.65
N PHE C 366 -21.09 -2.38 6.30
CA PHE C 366 -22.01 -3.02 7.23
C PHE C 366 -21.26 -3.69 8.38
N GLY C 367 -20.03 -4.12 8.12
CA GLY C 367 -19.19 -4.71 9.16
C GLY C 367 -18.72 -3.64 10.13
N GLU C 368 -18.38 -2.48 9.59
CA GLU C 368 -17.95 -1.36 10.41
C GLU C 368 -19.09 -0.83 11.27
N ILE C 369 -20.29 -0.76 10.67
CA ILE C 369 -21.47 -0.29 11.39
C ILE C 369 -21.80 -1.21 12.57
N ARG C 370 -21.69 -2.51 12.34
CA ARG C 370 -21.94 -3.48 13.40
C ARG C 370 -20.98 -3.31 14.57
N TYR C 371 -19.69 -3.25 14.26
CA TYR C 371 -18.68 -3.15 15.31
C TYR C 371 -18.75 -1.83 16.05
N ALA C 372 -18.94 -0.74 15.31
CA ALA C 372 -19.00 0.59 15.90
C ALA C 372 -20.14 0.73 16.89
N LEU C 373 -21.26 0.09 16.58
CA LEU C 373 -22.45 0.13 17.45
C LEU C 373 -22.24 -0.68 18.71
N VAL C 374 -21.73 -1.90 18.57
CA VAL C 374 -21.51 -2.78 19.71
C VAL C 374 -20.39 -2.24 20.60
N ALA C 375 -19.34 -1.71 19.98
CA ALA C 375 -18.21 -1.18 20.73
C ALA C 375 -18.63 0.02 21.57
N ARG C 376 -19.46 0.89 21.00
CA ARG C 376 -19.91 2.10 21.68
C ARG C 376 -20.63 1.76 22.98
N LYS C 377 -21.60 0.85 22.91
CA LYS C 377 -22.41 0.52 24.08
C LYS C 377 -21.64 -0.34 25.08
N THR C 378 -20.63 -1.06 24.60
CA THR C 378 -19.82 -1.91 25.47
C THR C 378 -18.81 -1.07 26.25
N ILE C 379 -18.11 -0.18 25.57
CA ILE C 379 -17.16 0.71 26.22
C ILE C 379 -17.90 1.65 27.17
N ARG C 380 -19.17 1.91 26.87
CA ARG C 380 -20.03 2.68 27.75
C ARG C 380 -20.18 1.98 29.11
N LEU C 381 -20.33 0.65 29.06
CA LEU C 381 -20.39 -0.15 30.27
C LEU C 381 -19.04 -0.16 30.97
N GLN C 382 -17.98 -0.24 30.17
CA GLN C 382 -16.61 -0.22 30.70
C GLN C 382 -16.31 1.06 31.43
N TYR C 383 -16.95 2.14 31.01
CA TYR C 383 -16.75 3.45 31.64
C TYR C 383 -17.12 3.41 33.11
N ASP C 384 -18.26 2.76 33.41
CA ASP C 384 -18.71 2.62 34.79
C ASP C 384 -17.81 1.66 35.57
N ASN C 385 -17.37 0.60 34.91
CA ASN C 385 -16.50 -0.39 35.54
C ASN C 385 -15.16 0.22 35.92
N ALA C 386 -14.57 0.98 35.00
CA ALA C 386 -13.26 1.58 35.21
C ALA C 386 -13.32 2.70 36.26
N GLN C 387 -14.45 3.39 36.31
CA GLN C 387 -14.61 4.49 37.26
C GLN C 387 -14.75 3.96 38.68
N ALA C 388 -15.59 2.94 38.85
CA ALA C 388 -15.83 2.34 40.15
C ALA C 388 -14.60 1.59 40.65
N SER C 389 -13.87 0.98 39.72
CA SER C 389 -12.64 0.26 40.04
C SER C 389 -11.58 1.21 40.58
N GLU C 390 -11.43 2.35 39.91
CA GLU C 390 -10.43 3.35 40.29
C GLU C 390 -10.72 3.93 41.67
N GLN C 391 -12.00 4.14 41.96
CA GLN C 391 -12.41 4.69 43.24
C GLN C 391 -12.23 3.68 44.37
N SER C 392 -12.35 2.40 44.04
CA SER C 392 -12.14 1.34 45.01
C SER C 392 -10.66 1.22 45.37
N TYR C 393 -9.82 1.17 44.35
CA TYR C 393 -8.37 1.08 44.55
C TYR C 393 -7.82 2.35 45.19
N LYS C 394 -8.52 3.46 45.02
CA LYS C 394 -8.13 4.70 45.66
C LYS C 394 -8.40 4.63 47.16
N ARG C 395 -9.58 4.13 47.51
CA ARG C 395 -9.95 3.97 48.91
C ARG C 395 -9.04 2.97 49.61
N ILE C 396 -8.68 1.91 48.89
CA ILE C 396 -7.74 0.92 49.40
C ILE C 396 -6.40 1.57 49.70
N TYR C 397 -5.94 2.43 48.79
CA TYR C 397 -4.69 3.15 48.97
C TYR C 397 -4.74 4.07 50.19
N GLU C 398 -5.87 4.77 50.36
CA GLU C 398 -6.03 5.70 51.46
C GLU C 398 -5.94 4.99 52.81
N ILE C 399 -6.63 3.87 52.93
CA ILE C 399 -6.59 3.07 54.14
C ILE C 399 -5.19 2.47 54.34
N ALA C 400 -4.56 2.10 53.23
CA ALA C 400 -3.22 1.51 53.28
C ALA C 400 -2.18 2.52 53.72
N LYS C 401 -2.37 3.77 53.30
CA LYS C 401 -1.44 4.84 53.69
C LYS C 401 -1.56 5.14 55.19
N GLU C 402 -2.79 5.09 55.70
CA GLU C 402 -3.03 5.30 57.12
C GLU C 402 -2.29 4.26 57.95
N ARG C 403 -2.42 3.00 57.55
CA ARG C 403 -1.83 1.89 58.29
C ARG C 403 -0.30 1.88 58.17
N TYR C 404 0.22 2.31 57.04
CA TYR C 404 1.66 2.35 56.84
C TYR C 404 2.31 3.45 57.68
N ASP C 405 1.60 4.57 57.83
CA ASP C 405 2.15 5.71 58.55
C ASP C 405 2.23 5.46 60.05
N ILE C 406 1.49 4.48 60.54
CA ILE C 406 1.56 4.11 61.95
C ILE C 406 2.21 2.75 62.12
N GLY C 407 2.86 2.26 61.06
CA GLY C 407 3.64 1.04 61.12
C GLY C 407 2.84 -0.24 61.13
N GLU C 408 1.57 -0.16 60.76
CA GLU C 408 0.69 -1.33 60.76
C GLU C 408 0.56 -1.96 59.38
N MET C 409 1.48 -1.63 58.48
CA MET C 409 1.55 -2.25 57.16
C MET C 409 2.96 -2.18 56.60
N SER C 410 3.41 -3.28 56.01
CA SER C 410 4.74 -3.35 55.43
C SER C 410 4.90 -2.36 54.28
N LEU C 411 6.13 -2.03 53.96
CA LEU C 411 6.42 -1.04 52.91
C LEU C 411 5.91 -1.49 51.54
N GLN C 412 6.15 -2.76 51.20
CA GLN C 412 5.83 -3.25 49.86
C GLN C 412 4.34 -3.51 49.68
N ASP C 413 3.63 -3.69 50.77
CA ASP C 413 2.17 -3.79 50.72
C ASP C 413 1.58 -2.41 50.48
N TYR C 414 2.30 -1.39 50.95
CA TYR C 414 1.89 0.00 50.74
C TYR C 414 2.24 0.46 49.34
N LEU C 415 3.39 0.03 48.84
CA LEU C 415 3.82 0.37 47.48
C LEU C 415 2.95 -0.31 46.44
N GLU C 416 2.54 -1.54 46.74
CA GLU C 416 1.65 -2.29 45.86
C GLU C 416 0.28 -1.61 45.76
N ALA C 417 -0.20 -1.15 46.91
CA ALA C 417 -1.48 -0.45 46.99
C ALA C 417 -1.44 0.86 46.20
N ARG C 418 -0.26 1.47 46.17
CA ARG C 418 -0.04 2.69 45.41
C ARG C 418 -0.09 2.39 43.91
N GLN C 419 0.63 1.33 43.51
CA GLN C 419 0.73 0.96 42.11
C GLN C 419 -0.61 0.53 41.54
N ASN C 420 -1.41 -0.15 42.37
CA ASN C 420 -2.73 -0.61 41.96
C ASN C 420 -3.68 0.54 41.65
N TRP C 421 -3.59 1.61 42.44
CA TRP C 421 -4.38 2.81 42.21
C TRP C 421 -3.97 3.48 40.91
N LEU C 422 -2.66 3.60 40.71
CA LEU C 422 -2.10 4.20 39.52
C LEU C 422 -2.55 3.46 38.27
N ASN C 423 -2.53 2.13 38.32
CA ASN C 423 -2.97 1.30 37.21
C ASN C 423 -4.44 1.50 36.91
N ALA C 424 -5.25 1.60 37.96
CA ALA C 424 -6.69 1.77 37.81
C ALA C 424 -7.03 3.15 37.27
N ALA C 425 -6.25 4.15 37.65
CA ALA C 425 -6.47 5.52 37.19
C ALA C 425 -6.09 5.67 35.73
N VAL C 426 -4.98 5.04 35.34
CA VAL C 426 -4.52 5.05 33.95
C VAL C 426 -5.50 4.31 33.06
N ALA C 427 -5.99 3.17 33.55
CA ALA C 427 -6.96 2.36 32.82
C ALA C 427 -8.25 3.14 32.59
N PHE C 428 -8.68 3.86 33.61
CA PHE C 428 -9.91 4.65 33.50
C PHE C 428 -9.73 5.78 32.50
N ASN C 429 -8.52 6.32 32.43
CA ASN C 429 -8.19 7.33 31.42
C ASN C 429 -8.30 6.76 30.02
N ASN C 430 -7.70 5.58 29.81
CA ASN C 430 -7.73 4.92 28.52
C ASN C 430 -9.15 4.59 28.08
N ILE C 431 -9.96 4.09 29.01
CA ILE C 431 -11.36 3.77 28.73
C ILE C 431 -12.16 5.01 28.39
N LYS C 432 -11.87 6.10 29.11
CA LYS C 432 -12.60 7.35 28.94
C LYS C 432 -12.46 7.93 27.53
N TYR C 433 -11.25 7.86 26.98
CA TYR C 433 -10.99 8.44 25.67
C TYR C 433 -11.12 7.41 24.56
N SER C 434 -11.21 6.14 24.94
CA SER C 434 -11.58 5.10 23.99
C SER C 434 -13.07 5.20 23.72
N TYR C 435 -13.82 5.68 24.71
CA TYR C 435 -15.25 5.89 24.56
C TYR C 435 -15.55 7.09 23.69
N ALA C 436 -14.76 8.15 23.85
CA ALA C 436 -14.90 9.35 23.03
C ALA C 436 -14.63 9.03 21.56
N ASN C 437 -13.62 8.21 21.32
CA ASN C 437 -13.29 7.78 19.97
C ASN C 437 -14.30 6.75 19.44
N SER C 438 -14.98 6.08 20.35
CA SER C 438 -16.02 5.13 19.97
C SER C 438 -17.23 5.89 19.43
N ILE C 439 -17.44 7.09 19.96
CA ILE C 439 -18.50 7.97 19.47
C ILE C 439 -18.20 8.38 18.03
N VAL C 440 -16.94 8.72 17.77
CA VAL C 440 -16.51 9.13 16.45
C VAL C 440 -16.64 7.99 15.43
N ASP C 441 -16.30 6.77 15.87
CA ASP C 441 -16.40 5.60 15.01
C ASP C 441 -17.82 5.39 14.52
N VAL C 442 -18.80 5.64 15.38
CA VAL C 442 -20.20 5.52 15.02
C VAL C 442 -20.58 6.58 13.99
N ILE C 443 -20.21 7.83 14.27
CA ILE C 443 -20.46 8.93 13.37
C ILE C 443 -19.79 8.71 12.01
N LYS C 444 -18.55 8.23 12.06
CA LYS C 444 -17.79 7.96 10.83
C LYS C 444 -18.44 6.88 9.99
N ALA C 445 -18.89 5.81 10.63
CA ALA C 445 -19.46 4.67 9.94
C ALA C 445 -20.82 4.98 9.33
N PHE C 446 -21.44 6.06 9.80
CA PHE C 446 -22.76 6.46 9.32
C PHE C 446 -22.68 7.63 8.34
N GLY C 447 -21.47 7.98 7.92
CA GLY C 447 -21.28 8.98 6.90
C GLY C 447 -20.92 10.38 7.40
N GLY C 448 -21.03 10.58 8.71
CA GLY C 448 -20.67 11.86 9.31
C GLY C 448 -21.58 13.00 8.90
N GLY C 449 -22.79 12.69 8.47
CA GLY C 449 -23.77 13.70 8.10
C GLY C 449 -23.95 13.86 6.60
N PHE C 450 -23.21 13.07 5.83
CA PHE C 450 -23.29 13.14 4.38
C PHE C 450 -24.62 12.61 3.85
N GLU C 451 -25.18 13.33 2.89
CA GLU C 451 -26.40 12.91 2.22
C GLU C 451 -26.25 13.00 0.71
N GLN C 452 -26.45 11.88 0.02
CA GLN C 452 -26.20 11.80 -1.42
C GLN C 452 -27.24 12.59 -2.23
N SER C 453 -28.39 12.86 -1.63
CA SER C 453 -29.47 13.55 -2.32
C SER C 453 -29.18 15.04 -2.51
N GLU C 454 -28.39 15.61 -1.62
CA GLU C 454 -28.10 17.04 -1.63
C GLU C 454 -27.23 17.45 -2.82
N ASP C 455 -27.18 18.74 -3.09
CA ASP C 455 -26.31 19.28 -4.14
C ASP C 455 -24.86 19.10 -3.73
N THR C 456 -24.24 18.04 -4.25
CA THR C 456 -22.87 17.68 -3.86
C THR C 456 -21.88 18.79 -4.17
N SER C 457 -21.97 19.33 -5.39
CA SER C 457 -21.06 20.38 -5.84
C SER C 457 -21.20 21.64 -4.98
N LYS C 458 -22.44 21.99 -4.64
CA LYS C 458 -22.71 23.16 -3.82
C LYS C 458 -22.16 22.99 -2.42
N ASN C 459 -22.40 21.82 -1.83
CA ASN C 459 -21.90 21.51 -0.49
C ASN C 459 -20.38 21.54 -0.43
N ILE C 460 -19.74 20.90 -1.39
CA ILE C 460 -18.28 20.84 -1.45
C ILE C 460 -17.66 22.23 -1.54
N LYS C 461 -18.23 23.09 -2.38
CA LYS C 461 -17.74 24.44 -2.54
C LYS C 461 -17.86 25.25 -1.24
N GLU C 462 -18.96 25.07 -0.54
CA GLU C 462 -19.22 25.81 0.69
C GLU C 462 -18.35 25.33 1.85
N GLU C 463 -18.09 24.03 1.90
CA GLU C 463 -17.35 23.44 3.02
C GLU C 463 -15.85 23.47 2.80
N SER C 464 -15.43 23.99 1.66
CA SER C 464 -14.01 24.05 1.32
C SER C 464 -13.50 25.50 1.22
N LYS C 465 -14.27 26.42 1.78
CA LYS C 465 -13.94 27.84 1.68
C LYS C 465 -12.64 28.20 2.40
N ASN C 466 -12.30 27.43 3.42
CA ASN C 466 -11.11 27.71 4.21
C ASN C 466 -9.92 26.83 3.83
N LEU C 467 -10.12 25.97 2.84
CA LEU C 467 -9.05 25.10 2.37
C LEU C 467 -7.93 25.92 1.74
N ASP C 468 -6.76 25.89 2.35
CA ASP C 468 -5.64 26.73 1.93
C ASP C 468 -5.01 26.23 0.64
N MET C 469 -5.35 26.89 -0.46
CA MET C 469 -4.71 26.63 -1.75
C MET C 469 -3.95 27.86 -2.21
N SER C 470 -3.30 28.54 -1.27
CA SER C 470 -2.64 29.80 -1.55
C SER C 470 -1.35 29.64 -2.35
N PHE C 471 -0.86 28.42 -2.45
CA PHE C 471 0.40 28.16 -3.14
C PHE C 471 0.28 28.40 -4.64
N ARG C 472 -0.94 28.37 -5.15
CA ARG C 472 -1.20 28.59 -6.57
C ARG C 472 -1.85 29.95 -6.79
C1 C8E D . -27.12 18.07 -41.65
C2 C8E D . -27.10 18.53 -43.07
C3 C8E D . -25.76 18.74 -43.71
C4 C8E D . -25.70 19.64 -44.89
C5 C8E D . -26.63 19.40 -46.02
C6 C8E D . -26.66 20.43 -47.10
C7 C8E D . -27.73 20.33 -48.14
C8 C8E D . -27.38 19.66 -49.41
O9 C8E D . -27.46 20.42 -50.57
C10 C8E D . -27.44 19.78 -51.79
C11 C8E D . -26.95 20.56 -52.96
O12 C8E D . -26.84 19.89 -54.16
C13 C8E D . -26.04 20.40 -55.16
C14 C8E D . -24.66 19.87 -55.33
O15 C8E D . -23.97 20.19 -56.48
C16 C8E D . -24.47 21.17 -57.31
C17 C8E D . -23.61 21.64 -58.44
O18 C8E D . -22.97 20.70 -59.22
C19 C8E D . -23.65 19.59 -59.66
C20 C8E D . -23.20 18.94 -60.93
O21 C8E D . -24.13 18.79 -61.93
C1 C8E E . -16.03 28.02 -42.51
C2 C8E E . -17.14 28.13 -43.51
C3 C8E E . -16.76 28.32 -44.94
C4 C8E E . -17.84 28.24 -45.95
C5 C8E E . -17.44 28.01 -47.37
C6 C8E E . -18.53 27.86 -48.36
C7 C8E E . -18.18 27.29 -49.69
C8 C8E E . -18.76 27.97 -50.88
O9 C8E E . -19.75 27.30 -51.56
C10 C8E E . -19.45 26.71 -52.77
C11 C8E E . -20.35 27.03 -53.92
O12 C8E E . -20.01 26.56 -55.16
C13 C8E E . -20.15 27.39 -56.26
C14 C8E E . -18.94 28.06 -56.80
O15 C8E E . -18.81 29.42 -56.63
C16 C8E E . -18.43 30.20 -57.69
C17 C8E E . -17.02 30.71 -57.71
O18 C8E E . -16.83 32.03 -57.41
C19 C8E E . -17.59 32.99 -58.04
C20 C8E E . -17.40 33.18 -59.51
O21 C8E E . -18.54 33.34 -60.27
S SO4 F . 19.47 4.34 -32.29
O1 SO4 F . 20.23 5.59 -32.28
O2 SO4 F . 20.24 3.29 -31.65
O3 SO4 F . 18.22 4.54 -31.55
O4 SO4 F . 19.16 3.97 -33.67
C1 C8E G . -8.70 -6.93 -49.43
C2 C8E G . -8.56 -7.35 -50.84
C3 C8E G . -7.24 -7.15 -51.51
C4 C8E G . -7.09 -7.72 -52.87
C5 C8E G . -5.78 -7.54 -53.57
C6 C8E G . -5.64 -8.14 -54.92
C7 C8E G . -4.47 -7.70 -55.74
C8 C8E G . -4.21 -8.41 -57.02
O9 C8E G . -2.96 -8.26 -57.57
C10 C8E G . -2.68 -8.83 -58.80
C11 C8E G . -1.44 -8.37 -59.49
O12 C8E G . -0.52 -9.33 -59.83
C13 C8E G . -0.23 -9.59 -61.16
C14 C8E G . -1.37 -9.72 -62.11
O15 C8E G . -1.74 -8.61 -62.85
C16 C8E G . -2.53 -8.78 -63.97
C17 C8E G . -1.94 -8.34 -65.27
O18 C8E G . -2.55 -8.76 -66.42
C19 C8E G . -3.91 -8.58 -66.55
C20 C8E G . -4.57 -9.06 -67.80
O21 C8E G . -4.75 -8.16 -68.82
C1 C8E H . -10.17 -11.14 -50.74
C2 C8E H . -10.30 -11.43 -52.20
C3 C8E H . -9.23 -10.92 -53.10
C4 C8E H . -9.43 -11.10 -54.57
C5 C8E H . -8.26 -10.81 -55.45
C6 C8E H . -8.56 -10.53 -56.89
C7 C8E H . -7.38 -10.41 -57.81
C8 C8E H . -7.63 -9.88 -59.18
O9 C8E H . -6.84 -10.40 -60.18
C10 C8E H . -6.53 -9.61 -61.26
C11 C8E H . -5.82 -10.26 -62.40
O12 C8E H . -5.59 -9.50 -63.53
C13 C8E H . -6.48 -8.51 -63.89
C14 C8E H . -7.25 -8.69 -65.16
O15 C8E H . -8.39 -9.48 -65.12
C16 C8E H . -9.14 -9.63 -66.26
C17 C8E H . -9.52 -8.40 -67.00
O18 C8E H . -10.85 -8.03 -66.99
C19 C8E H . -11.63 -8.27 -65.88
C20 C8E H . -11.66 -7.25 -64.80
O21 C8E H . -12.55 -7.45 -63.76
C1 C8E I . -11.64 -11.66 -62.26
C2 C8E I . -10.79 -10.51 -61.90
C3 C8E I . -10.66 -10.03 -60.47
C4 C8E I . -11.42 -8.82 -59.95
C5 C8E I . -12.86 -8.79 -60.19
C6 C8E I . -13.62 -8.51 -59.00
C7 C8E I . -15.07 -8.64 -59.23
C8 C8E I . -15.60 -7.58 -58.32
O9 C8E I . -15.28 -7.60 -57.03
C10 C8E I . -15.64 -6.44 -56.48
C11 C8E I . -15.71 -6.59 -55.03
O12 C8E I . -15.75 -5.39 -54.41
C13 C8E I . -15.82 -5.29 -53.08
C14 C8E I . -16.61 -4.13 -52.67
O15 C8E I . -16.62 -3.93 -51.33
C16 C8E I . -17.64 -3.30 -50.66
C17 C8E I . -17.31 -2.44 -49.48
O18 C8E I . -18.17 -2.21 -48.44
C19 C8E I . -17.64 -1.61 -47.40
C20 C8E I . -18.68 -0.84 -46.74
O21 C8E I . -18.51 0.28 -45.93
C1 C8E J . -22.25 -2.34 -50.16
C2 C8E J . -22.43 -2.31 -51.64
C3 C8E J . -21.75 -3.36 -52.45
C4 C8E J . -21.98 -3.36 -53.93
C5 C8E J . -21.43 -4.51 -54.70
C6 C8E J . -21.65 -4.52 -56.18
C7 C8E J . -21.23 -5.76 -56.91
C8 C8E J . -21.67 -5.91 -58.32
O9 C8E J . -20.68 -5.92 -59.29
C10 C8E J . -21.02 -6.12 -60.61
C11 C8E J . -20.43 -5.21 -61.63
O12 C8E J . -20.63 -5.51 -62.95
C13 C8E J . -21.84 -5.20 -63.54
C14 C8E J . -21.84 -4.81 -64.97
O15 C8E J . -21.43 -3.53 -65.29
C16 C8E J . -21.14 -3.21 -66.60
C17 C8E J . -20.60 -1.84 -66.88
O18 C8E J . -20.13 -1.59 -68.15
C19 C8E J . -19.76 -0.31 -68.50
C20 C8E J . -18.55 0.27 -67.86
O21 C8E J . -18.70 0.85 -66.61
CA1 3PK K . 19.03 -10.79 -36.72
OA1 3PK K . 19.63 -10.09 -35.95
CA2 3PK K . 18.98 -10.33 -38.12
CA3 3PK K . 20.27 -9.79 -38.64
CA4 3PK K . 20.32 -9.35 -40.06
CB1 3PK K . 17.75 -14.53 -39.02
OB1 3PK K . 16.75 -14.40 -39.66
CB2 3PK K . 19.02 -14.32 -39.74
CB3 3PK K . 18.95 -13.50 -40.96
CB4 3PK K . 18.68 -14.18 -42.26
CB5 3PK K . 18.61 -13.43 -43.38
CB6 3PK K . 18.59 -14.08 -44.71
CG1 3PK K . 17.94 -12.87 -36.16
OG1 3PK K . 17.98 -11.51 -36.23
CG2 3PK K . 16.96 -13.54 -37.03
OG2 3PK K . 17.71 -14.49 -37.66
CG3 3PK K . 15.76 -14.11 -36.31
C1 C8E L . -23.45 16.67 -40.84
C2 C8E L . -23.72 16.02 -42.15
C3 C8E L . -22.91 16.46 -43.32
C4 C8E L . -22.95 15.64 -44.56
C5 C8E L . -21.75 15.66 -45.45
C6 C8E L . -21.37 14.37 -46.10
C7 C8E L . -20.09 14.35 -46.87
C8 C8E L . -20.03 15.18 -48.11
O9 C8E L . -19.88 14.52 -49.31
C10 C8E L . -19.95 15.24 -50.48
C11 C8E L . -20.35 14.52 -51.72
O12 C8E L . -20.50 15.29 -52.87
C13 C8E L . -21.24 14.80 -53.93
C14 C8E L . -22.55 15.43 -54.21
O15 C8E L . -22.66 16.20 -55.35
C16 C8E L . -22.79 15.59 -56.57
C17 C8E L . -23.37 16.41 -57.68
O18 C8E L . -23.69 15.77 -58.86
C19 C8E L . -24.89 16.07 -59.47
C20 C8E L . -25.06 15.76 -60.92
O21 C8E L . -24.49 14.61 -61.41
S SO4 M . -9.14 24.86 -26.82
O1 SO4 M . -8.67 25.26 -28.14
O2 SO4 M . -10.43 25.47 -26.57
O3 SO4 M . -9.26 23.41 -26.77
O4 SO4 M . -8.19 25.29 -25.81
C1 C8E N . 3.29 -13.04 -48.35
C2 C8E N . 4.33 -12.28 -49.11
C3 C8E N . 3.90 -11.64 -50.39
C4 C8E N . 4.83 -10.65 -51.01
C5 C8E N . 4.23 -9.60 -51.89
C6 C8E N . 4.83 -8.24 -51.84
C7 C8E N . 3.98 -7.11 -52.30
C8 C8E N . 4.53 -6.22 -53.37
O9 C8E N . 3.89 -6.22 -54.59
C10 C8E N . 4.12 -5.17 -55.46
C11 C8E N . 3.68 -5.35 -56.87
O12 C8E N . 4.40 -6.22 -57.65
C13 C8E N . 4.80 -5.84 -58.91
C14 C8E N . 5.00 -6.91 -59.93
O15 C8E N . 5.54 -6.53 -61.13
C16 C8E N . 6.80 -5.94 -61.14
C17 C8E N . 7.32 -5.49 -62.45
O18 C8E N . 8.27 -4.48 -62.44
C19 C8E N . 8.54 -3.80 -63.61
C20 C8E N . 7.38 -3.44 -64.48
O21 C8E N . 6.95 -2.13 -64.49
C1 C8E O . 3.20 -15.99 -50.75
C2 C8E O . 3.59 -15.28 -52.01
C3 C8E O . 2.59 -14.39 -52.64
C4 C8E O . 1.44 -15.03 -53.35
C5 C8E O . 1.69 -15.61 -54.70
C6 C8E O . 2.13 -14.68 -55.77
C7 C8E O . 1.50 -14.81 -57.12
C8 C8E O . 2.40 -14.75 -58.30
O9 C8E O . 2.00 -14.00 -59.39
C10 C8E O . 2.87 -13.85 -60.45
C11 C8E O . 2.30 -13.46 -61.77
O12 C8E O . 2.32 -12.13 -62.12
C13 C8E O . 3.32 -11.65 -62.93
C14 C8E O . 3.27 -10.22 -63.34
O15 C8E O . 2.32 -9.85 -64.27
C16 C8E O . 2.34 -8.58 -64.81
C17 C8E O . 1.53 -8.35 -66.04
O18 C8E O . 1.97 -7.40 -66.93
C19 C8E O . 2.93 -7.74 -67.85
C20 C8E O . 3.68 -6.64 -68.50
O21 C8E O . 4.77 -6.14 -67.81
C1 C8E P . 17.48 12.72 -45.92
C2 C8E P . 17.74 13.35 -47.24
C3 C8E P . 17.05 14.65 -47.54
C4 C8E P . 17.41 15.34 -48.81
C5 C8E P . 16.75 16.65 -49.08
C6 C8E P . 17.04 17.29 -50.40
C7 C8E P . 16.83 18.76 -50.54
C8 C8E P . 17.58 19.44 -51.62
O9 C8E P . 16.91 20.38 -52.39
C10 C8E P . 16.85 21.68 -51.96
C11 C8E P . 17.37 22.73 -52.89
O12 C8E P . 16.49 23.67 -53.37
C13 C8E P . 16.36 23.89 -54.72
C14 C8E P . 17.60 23.96 -55.55
O15 C8E P . 17.44 23.79 -56.91
C16 C8E P . 17.99 24.71 -57.78
C17 C8E P . 17.51 24.69 -59.19
O18 C8E P . 18.10 23.81 -60.07
C19 C8E P . 17.67 23.75 -61.38
C20 C8E P . 18.69 23.64 -62.47
O21 C8E P . 18.25 23.73 -63.78
C1 C8E Q . 21.82 15.50 -56.57
C2 C8E Q . 21.76 14.53 -55.43
C3 C8E Q . 22.60 13.30 -55.53
C4 C8E Q . 21.89 12.00 -55.67
C5 C8E Q . 22.50 10.82 -54.98
C6 C8E Q . 21.69 9.56 -54.95
C7 C8E Q . 21.85 8.66 -53.77
C8 C8E Q . 20.73 7.71 -53.49
O9 C8E Q . 20.55 7.26 -52.20
C10 C8E Q . 19.46 6.47 -51.91
C11 C8E Q . 19.67 5.26 -51.07
O12 C8E Q . 18.56 4.52 -50.74
C13 C8E Q . 18.49 3.90 -49.50
C14 C8E Q . 17.88 2.54 -49.45
O15 C8E Q . 16.99 2.27 -48.44
C16 C8E Q . 17.13 1.11 -47.73
C17 C8E Q . 15.90 0.50 -47.15
O18 C8E Q . 15.98 -0.79 -46.65
C19 C8E Q . 17.12 -1.21 -46.00
C20 C8E Q . 17.99 -2.22 -46.67
O21 C8E Q . 19.29 -2.37 -46.22
C1 C8E R . 20.75 0.29 -50.66
C2 C8E R . 20.65 0.54 -52.13
C3 C8E R . 21.32 1.74 -52.68
C4 C8E R . 21.50 1.83 -54.16
C5 C8E R . 22.39 2.91 -54.69
C6 C8E R . 22.59 2.98 -56.17
C7 C8E R . 23.64 3.91 -56.66
C8 C8E R . 24.05 3.80 -58.09
O9 C8E R . 23.68 4.82 -58.95
C10 C8E R . 24.03 4.75 -60.27
C11 C8E R . 23.71 5.92 -61.14
O12 C8E R . 24.11 5.86 -62.45
C13 C8E R . 23.43 5.07 -63.35
C14 C8E R . 23.42 5.49 -64.78
O15 C8E R . 22.21 5.61 -65.40
C16 C8E R . 22.13 6.28 -66.61
C17 C8E R . 20.91 6.08 -67.43
O18 C8E R . 19.72 6.58 -66.95
C19 C8E R . 18.66 6.72 -67.83
C20 C8E R . 17.27 6.70 -67.27
O21 C8E R . 16.71 5.48 -66.96
CA1 3PK S . 14.58 26.53 -33.19
OA1 3PK S . 15.21 25.58 -33.59
CA2 3PK S . 14.04 27.42 -34.23
CA3 3PK S . 14.77 27.46 -35.52
CA4 3PK S . 14.11 28.23 -36.61
CA5 3PK S . 13.34 27.48 -37.64
CB1 3PK S . 13.76 30.17 -31.98
OB1 3PK S . 14.39 31.13 -31.58
CB2 3PK S . 14.48 29.21 -32.86
CG1 3PK S . 14.11 27.33 -31.01
OG1 3PK S . 14.98 27.12 -32.05
CG2 3PK S . 14.15 28.69 -30.48
OG2 3PK S . 13.20 29.49 -31.01
CG3 3PK S . 14.03 28.70 -28.98
C1 C8E T . -13.06 24.34 -42.35
C2 C8E T . -14.01 24.81 -43.40
C3 C8E T . -14.39 23.83 -44.46
C4 C8E T . -15.20 24.34 -45.60
C5 C8E T . -15.84 23.35 -46.52
C6 C8E T . -16.49 23.87 -47.76
C7 C8E T . -17.30 22.92 -48.55
C8 C8E T . -18.07 23.47 -49.71
O9 C8E T . -19.30 22.92 -50.01
C10 C8E T . -19.93 23.25 -51.19
C11 C8E T . -20.17 22.15 -52.17
O12 C8E T . -21.46 21.98 -52.64
C13 C8E T . -21.77 22.26 -53.96
C14 C8E T . -21.22 23.51 -54.56
O15 C8E T . -20.99 23.50 -55.92
C16 C8E T . -21.78 24.25 -56.76
C17 C8E T . -21.32 24.39 -58.18
O18 C8E T . -21.31 25.66 -58.72
C19 C8E T . -20.35 25.98 -59.66
C20 C8E T . -20.41 27.33 -60.29
O21 C8E T . -20.36 27.40 -61.68
C1 C8E U . -16.49 30.76 -51.42
C2 C8E U . -15.10 30.80 -50.87
C3 C8E U . -14.57 32.11 -50.42
C4 C8E U . -13.10 32.22 -50.18
C5 C8E U . -12.62 32.26 -48.77
C6 C8E U . -11.15 32.16 -48.55
C7 C8E U . -10.66 32.11 -47.14
C8 C8E U . -9.30 31.54 -46.94
O9 C8E U . -8.92 31.19 -45.66
C10 C8E U . -7.64 30.75 -45.44
C11 C8E U . -6.97 31.15 -44.18
O12 C8E U . -5.73 30.60 -43.91
C13 C8E U . -5.31 30.44 -42.61
C14 C8E U . -4.12 29.57 -42.39
O15 C8E U . -3.35 29.78 -41.27
C16 C8E U . -2.07 29.29 -41.24
C17 C8E U . -1.68 28.42 -40.09
O18 C8E U . -0.74 28.93 -39.22
C19 C8E U . -0.86 30.22 -38.77
C20 C8E U . 0.15 30.72 -37.78
O21 C8E U . 0.31 32.08 -37.62
C1 C8E V . -2.53 34.31 -41.02
C2 C8E V . -2.58 34.52 -42.49
C3 C8E V . -3.91 34.52 -43.15
C4 C8E V . -3.96 34.82 -44.61
C5 C8E V . -5.31 35.02 -45.23
C6 C8E V . -5.36 35.45 -46.65
C7 C8E V . -6.68 35.89 -47.20
C8 C8E V . -6.68 36.83 -48.35
O9 C8E V . -7.44 36.51 -49.46
C10 C8E V . -7.42 37.34 -50.56
C11 C8E V . -8.38 37.02 -51.67
O12 C8E V . -8.54 37.97 -52.66
C13 C8E V . -7.93 37.80 -53.89
C14 C8E V . -7.72 39.01 -54.73
O15 C8E V . -7.04 38.85 -55.93
C16 C8E V . -7.61 38.11 -56.94
C17 C8E V . -6.76 37.82 -58.13
O18 C8E V . -7.28 36.97 -59.09
C19 C8E V . -6.55 36.70 -60.22
C20 C8E V . -6.28 35.28 -60.55
O21 C8E V . -5.37 34.60 -59.76
C1 C8E W . 15.15 24.84 -40.01
C2 C8E W . 14.14 25.32 -41.01
C3 C8E W . 14.59 25.42 -42.44
C4 C8E W . 13.58 25.83 -43.45
C5 C8E W . 12.60 24.81 -43.93
C6 C8E W . 11.43 25.30 -44.70
C7 C8E W . 10.58 24.31 -45.42
C8 C8E W . 11.04 23.87 -46.77
O9 C8E W . 10.29 24.25 -47.85
C10 C8E W . 10.64 23.81 -49.11
C11 C8E W . 10.22 24.61 -50.29
O12 C8E W . 10.91 25.77 -50.55
C13 C8E W . 10.58 26.55 -51.64
C14 C8E W . 11.56 27.58 -52.09
O15 C8E W . 11.20 28.35 -53.16
C16 C8E W . 10.00 29.01 -53.12
C17 C8E W . 9.61 29.78 -54.34
O18 C8E W . 8.27 29.96 -54.58
C19 C8E W . 7.84 30.28 -55.85
C20 C8E W . 8.48 31.47 -56.49
O21 C8E W . 8.21 31.70 -57.83
C1 C8E X . 19.81 25.76 -41.50
C2 C8E X . 18.75 26.50 -42.24
C3 C8E X . 18.28 25.92 -43.54
C4 C8E X . 19.26 25.91 -44.67
C5 C8E X . 19.02 26.88 -45.78
C6 C8E X . 19.85 26.74 -47.00
C7 C8E X . 19.76 27.83 -48.01
C8 C8E X . 18.47 28.00 -48.73
O9 C8E X . 18.49 28.69 -49.93
C10 C8E X . 17.31 29.17 -50.44
C11 C8E X . 17.38 30.04 -51.65
O12 C8E X . 17.15 29.46 -52.89
C13 C8E X . 15.95 29.70 -53.53
C14 C8E X . 15.53 28.74 -54.59
O15 C8E X . 16.43 28.48 -55.60
C16 C8E X . 16.13 27.54 -56.57
C17 C8E X . 14.91 27.75 -57.39
O18 C8E X . 14.96 27.40 -58.72
C19 C8E X . 13.97 27.87 -59.56
C20 C8E X . 13.59 29.30 -59.42
O21 C8E X . 12.48 29.75 -60.12
C1 C8E Y . 22.03 12.87 -45.98
C2 C8E Y . 22.43 13.40 -47.31
C3 C8E Y . 21.52 14.39 -47.95
C4 C8E Y . 21.95 15.00 -49.24
C5 C8E Y . 21.26 16.24 -49.68
C6 C8E Y . 21.73 16.87 -50.94
C7 C8E Y . 20.77 16.94 -52.08
C8 C8E Y . 21.24 17.66 -53.30
O9 C8E Y . 20.48 18.69 -53.77
C10 C8E Y . 20.90 19.37 -54.89
C11 C8E Y . 20.08 20.52 -55.36
O12 C8E Y . 20.33 21.04 -56.61
C13 C8E Y . 21.57 20.90 -57.20
C14 C8E Y . 21.72 19.88 -58.30
O15 C8E Y . 20.85 19.95 -59.37
C16 C8E Y . 20.54 18.81 -60.06
C17 C8E Y . 21.65 17.94 -60.52
O18 C8E Y . 21.99 17.97 -61.87
C19 C8E Y . 22.19 19.19 -62.48
C20 C8E Y . 22.62 19.16 -63.91
O21 C8E Y . 23.69 18.36 -64.26
CA1 3PK Z . -28.02 5.07 -37.86
OA1 3PK Z . -27.41 6.05 -37.60
CA2 3PK Z . -27.61 4.27 -39.05
CA3 3PK Z . -26.84 4.96 -40.11
CA4 3PK Z . -25.48 4.46 -40.43
CA5 3PK Z . -25.23 3.73 -41.71
CB1 3PK Z . -31.72 5.21 -35.72
OB1 3PK Z . -31.92 6.37 -35.45
CB2 3PK Z . -32.27 4.72 -37.01
CB3 3PK Z . -32.58 5.75 -38.04
CG1 3PK Z . -28.30 5.10 -35.59
OG1 3PK Z . -28.50 4.45 -36.77
CG2 3PK Z . -29.54 5.49 -34.92
OG2 3PK Z . -30.57 4.63 -35.23
CG3 3PK Z . -29.30 5.48 -33.43
#